data_1P5S
# 
_entry.id   1P5S 
# 
_audit_conform.dict_name       mmcif_pdbx.dic 
_audit_conform.dict_version    5.386 
_audit_conform.dict_location   http://mmcif.pdb.org/dictionaries/ascii/mmcif_pdbx.dic 
# 
loop_
_database_2.database_id 
_database_2.database_code 
_database_2.pdbx_database_accession 
_database_2.pdbx_DOI 
PDB   1P5S         pdb_00001p5s 10.2210/pdb1p5s/pdb 
RCSB  RCSB019042   ?            ?                   
WWPDB D_1000019042 ?            ?                   
# 
loop_
_pdbx_audit_revision_history.ordinal 
_pdbx_audit_revision_history.data_content_type 
_pdbx_audit_revision_history.major_revision 
_pdbx_audit_revision_history.minor_revision 
_pdbx_audit_revision_history.revision_date 
1 'Structure model' 1 0 2004-05-11 
2 'Structure model' 1 1 2008-04-29 
3 'Structure model' 1 2 2011-07-13 
4 'Structure model' 1 3 2024-02-14 
# 
_pdbx_audit_revision_details.ordinal             1 
_pdbx_audit_revision_details.revision_ordinal    1 
_pdbx_audit_revision_details.data_content_type   'Structure model' 
_pdbx_audit_revision_details.provider            repository 
_pdbx_audit_revision_details.type                'Initial release' 
_pdbx_audit_revision_details.description         ? 
_pdbx_audit_revision_details.details             ? 
# 
loop_
_pdbx_audit_revision_group.ordinal 
_pdbx_audit_revision_group.revision_ordinal 
_pdbx_audit_revision_group.data_content_type 
_pdbx_audit_revision_group.group 
1 2 'Structure model' 'Version format compliance' 
2 3 'Structure model' 'Version format compliance' 
3 4 'Structure model' 'Data collection'           
4 4 'Structure model' 'Database references'       
5 4 'Structure model' 'Derived calculations'      
# 
loop_
_pdbx_audit_revision_category.ordinal 
_pdbx_audit_revision_category.revision_ordinal 
_pdbx_audit_revision_category.data_content_type 
_pdbx_audit_revision_category.category 
1 4 'Structure model' chem_comp_atom         
2 4 'Structure model' chem_comp_bond         
3 4 'Structure model' database_2             
4 4 'Structure model' pdbx_struct_conn_angle 
5 4 'Structure model' struct_conn            
6 4 'Structure model' struct_ref_seq_dif     
7 4 'Structure model' struct_site            
# 
loop_
_pdbx_audit_revision_item.ordinal 
_pdbx_audit_revision_item.revision_ordinal 
_pdbx_audit_revision_item.data_content_type 
_pdbx_audit_revision_item.item 
1  4 'Structure model' '_database_2.pdbx_DOI'                        
2  4 'Structure model' '_database_2.pdbx_database_accession'         
3  4 'Structure model' '_pdbx_struct_conn_angle.ptnr1_auth_comp_id'  
4  4 'Structure model' '_pdbx_struct_conn_angle.ptnr1_auth_seq_id'   
5  4 'Structure model' '_pdbx_struct_conn_angle.ptnr1_label_asym_id' 
6  4 'Structure model' '_pdbx_struct_conn_angle.ptnr1_label_atom_id' 
7  4 'Structure model' '_pdbx_struct_conn_angle.ptnr1_label_comp_id' 
8  4 'Structure model' '_pdbx_struct_conn_angle.ptnr1_label_seq_id'  
9  4 'Structure model' '_pdbx_struct_conn_angle.ptnr2_auth_seq_id'   
10 4 'Structure model' '_pdbx_struct_conn_angle.ptnr2_label_asym_id' 
11 4 'Structure model' '_pdbx_struct_conn_angle.ptnr3_auth_comp_id'  
12 4 'Structure model' '_pdbx_struct_conn_angle.ptnr3_auth_seq_id'   
13 4 'Structure model' '_pdbx_struct_conn_angle.ptnr3_label_asym_id' 
14 4 'Structure model' '_pdbx_struct_conn_angle.ptnr3_label_atom_id' 
15 4 'Structure model' '_pdbx_struct_conn_angle.ptnr3_label_comp_id' 
16 4 'Structure model' '_pdbx_struct_conn_angle.ptnr3_label_seq_id'  
17 4 'Structure model' '_pdbx_struct_conn_angle.value'               
18 4 'Structure model' '_struct_conn.pdbx_dist_value'                
19 4 'Structure model' '_struct_conn.ptnr1_auth_comp_id'             
20 4 'Structure model' '_struct_conn.ptnr1_auth_seq_id'              
21 4 'Structure model' '_struct_conn.ptnr1_label_asym_id'            
22 4 'Structure model' '_struct_conn.ptnr1_label_atom_id'            
23 4 'Structure model' '_struct_conn.ptnr1_label_comp_id'            
24 4 'Structure model' '_struct_conn.ptnr1_label_seq_id'             
25 4 'Structure model' '_struct_conn.ptnr2_auth_comp_id'             
26 4 'Structure model' '_struct_conn.ptnr2_auth_seq_id'              
27 4 'Structure model' '_struct_conn.ptnr2_label_asym_id'            
28 4 'Structure model' '_struct_conn.ptnr2_label_atom_id'            
29 4 'Structure model' '_struct_conn.ptnr2_label_comp_id'            
30 4 'Structure model' '_struct_conn.ptnr2_label_seq_id'             
31 4 'Structure model' '_struct_ref_seq_dif.details'                 
32 4 'Structure model' '_struct_site.pdbx_auth_asym_id'              
33 4 'Structure model' '_struct_site.pdbx_auth_comp_id'              
34 4 'Structure model' '_struct_site.pdbx_auth_seq_id'               
# 
_pdbx_database_status.status_code                     REL 
_pdbx_database_status.entry_id                        1P5S 
_pdbx_database_status.recvd_initial_deposition_date   2003-04-28 
_pdbx_database_status.deposit_site                    RCSB 
_pdbx_database_status.process_site                    RCSB 
_pdbx_database_status.status_code_sf                  REL 
_pdbx_database_status.SG_entry                        . 
_pdbx_database_status.pdb_format_compatible           Y 
_pdbx_database_status.status_code_mr                  ? 
_pdbx_database_status.status_code_cs                  ? 
_pdbx_database_status.status_code_nmr_data            ? 
_pdbx_database_status.methods_development_category    ? 
# 
_pdbx_database_related.db_name        PDB 
_pdbx_database_related.db_id          1P2X 
_pdbx_database_related.details        
;Comparison of Class I aldolase binding site architecture based on the crystal structure of
2-deoxyribose-5-phosphate aldolase determined at 0.99 angstrom resolution
;
_pdbx_database_related.content_type   unspecified 
# 
loop_
_audit_author.name 
_audit_author.pdbx_ordinal 
'Wang, C.H.'            1 
'Balasubramanian, M.K.' 2 
'Dokland, T.'           3 
# 
_citation.id                        primary 
_citation.title                     
'Structure, crystal packing and molecular dynamics of the calponin-homology domain of Schizosaccharomyces pombe Rng2.' 
_citation.journal_abbrev            'Acta Crystallogr.,Sect.D' 
_citation.journal_volume            60 
_citation.page_first                1396 
_citation.page_last                 1403 
_citation.year                      2004 
_citation.journal_id_ASTM           ABCRE6 
_citation.country                   DK 
_citation.journal_id_ISSN           0907-4449 
_citation.journal_id_CSD            0766 
_citation.book_publisher            ? 
_citation.pdbx_database_id_PubMed   15272162 
_citation.pdbx_database_id_DOI      10.1107/S0907444904012983 
# 
loop_
_citation_author.citation_id 
_citation_author.name 
_citation_author.ordinal 
_citation_author.identifier_ORCID 
primary 'Wang, C.H.'            1 ? 
primary 'Balasubramanian, M.K.' 2 ? 
primary 'Dokland, T.'           3 ? 
# 
loop_
_entity.id 
_entity.type 
_entity.src_method 
_entity.pdbx_description 
_entity.formula_weight 
_entity.pdbx_number_of_molecules 
_entity.pdbx_ec 
_entity.pdbx_mutation 
_entity.pdbx_fragment 
_entity.details 
1 polymer     man 'Ras GTPase-activating-like protein rng2' 22627.898 1   ? ? 'calponin-homology domain' ? 
2 non-polymer syn 'MERCURY (II) ION'                        200.590   4   ? ? ?                          ? 
3 water       nat water                                     18.015    145 ? ? ?                          ? 
# 
_entity_name_com.entity_id   1 
_entity_name_com.name        'Ring assembly protein 2' 
# 
_entity_poly.entity_id                      1 
_entity_poly.type                           'polypeptide(L)' 
_entity_poly.nstd_linkage                   no 
_entity_poly.nstd_monomer                   no 
_entity_poly.pdbx_seq_one_letter_code       
;GSPGISGGGGGILMDVNVGLSRLQSQAGAPVGTKGSNTRLAAKQRETLQAYDYLCRVDEAKKWIEECLGTDLGPTSTFEQ
SLRNGVVLALLVQKFQPDKLIKIFYSNELQFRHSDNINKFLDFIHGIGLPEIFHFELTDIYEGKNLPKVIYCIHALSYFL
SMQDLAPPLIKSDENLSFTDEDVSIIVRRLRQSNVILPNFKAL
;
_entity_poly.pdbx_seq_one_letter_code_can   
;GSPGISGGGGGILMDVNVGLSRLQSQAGAPVGTKGSNTRLAAKQRETLQAYDYLCRVDEAKKWIEECLGTDLGPTSTFEQ
SLRNGVVLALLVQKFQPDKLIKIFYSNELQFRHSDNINKFLDFIHGIGLPEIFHFELTDIYEGKNLPKVIYCIHALSYFL
SMQDLAPPLIKSDENLSFTDEDVSIIVRRLRQSNVILPNFKAL
;
_entity_poly.pdbx_strand_id                 A 
_entity_poly.pdbx_target_identifier         ? 
# 
loop_
_pdbx_entity_nonpoly.entity_id 
_pdbx_entity_nonpoly.name 
_pdbx_entity_nonpoly.comp_id 
2 'MERCURY (II) ION' HG  
3 water              HOH 
# 
loop_
_entity_poly_seq.entity_id 
_entity_poly_seq.num 
_entity_poly_seq.mon_id 
_entity_poly_seq.hetero 
1 1   GLY n 
1 2   SER n 
1 3   PRO n 
1 4   GLY n 
1 5   ILE n 
1 6   SER n 
1 7   GLY n 
1 8   GLY n 
1 9   GLY n 
1 10  GLY n 
1 11  GLY n 
1 12  ILE n 
1 13  LEU n 
1 14  MET n 
1 15  ASP n 
1 16  VAL n 
1 17  ASN n 
1 18  VAL n 
1 19  GLY n 
1 20  LEU n 
1 21  SER n 
1 22  ARG n 
1 23  LEU n 
1 24  GLN n 
1 25  SER n 
1 26  GLN n 
1 27  ALA n 
1 28  GLY n 
1 29  ALA n 
1 30  PRO n 
1 31  VAL n 
1 32  GLY n 
1 33  THR n 
1 34  LYS n 
1 35  GLY n 
1 36  SER n 
1 37  ASN n 
1 38  THR n 
1 39  ARG n 
1 40  LEU n 
1 41  ALA n 
1 42  ALA n 
1 43  LYS n 
1 44  GLN n 
1 45  ARG n 
1 46  GLU n 
1 47  THR n 
1 48  LEU n 
1 49  GLN n 
1 50  ALA n 
1 51  TYR n 
1 52  ASP n 
1 53  TYR n 
1 54  LEU n 
1 55  CYS n 
1 56  ARG n 
1 57  VAL n 
1 58  ASP n 
1 59  GLU n 
1 60  ALA n 
1 61  LYS n 
1 62  LYS n 
1 63  TRP n 
1 64  ILE n 
1 65  GLU n 
1 66  GLU n 
1 67  CYS n 
1 68  LEU n 
1 69  GLY n 
1 70  THR n 
1 71  ASP n 
1 72  LEU n 
1 73  GLY n 
1 74  PRO n 
1 75  THR n 
1 76  SER n 
1 77  THR n 
1 78  PHE n 
1 79  GLU n 
1 80  GLN n 
1 81  SER n 
1 82  LEU n 
1 83  ARG n 
1 84  ASN n 
1 85  GLY n 
1 86  VAL n 
1 87  VAL n 
1 88  LEU n 
1 89  ALA n 
1 90  LEU n 
1 91  LEU n 
1 92  VAL n 
1 93  GLN n 
1 94  LYS n 
1 95  PHE n 
1 96  GLN n 
1 97  PRO n 
1 98  ASP n 
1 99  LYS n 
1 100 LEU n 
1 101 ILE n 
1 102 LYS n 
1 103 ILE n 
1 104 PHE n 
1 105 TYR n 
1 106 SER n 
1 107 ASN n 
1 108 GLU n 
1 109 LEU n 
1 110 GLN n 
1 111 PHE n 
1 112 ARG n 
1 113 HIS n 
1 114 SER n 
1 115 ASP n 
1 116 ASN n 
1 117 ILE n 
1 118 ASN n 
1 119 LYS n 
1 120 PHE n 
1 121 LEU n 
1 122 ASP n 
1 123 PHE n 
1 124 ILE n 
1 125 HIS n 
1 126 GLY n 
1 127 ILE n 
1 128 GLY n 
1 129 LEU n 
1 130 PRO n 
1 131 GLU n 
1 132 ILE n 
1 133 PHE n 
1 134 HIS n 
1 135 PHE n 
1 136 GLU n 
1 137 LEU n 
1 138 THR n 
1 139 ASP n 
1 140 ILE n 
1 141 TYR n 
1 142 GLU n 
1 143 GLY n 
1 144 LYS n 
1 145 ASN n 
1 146 LEU n 
1 147 PRO n 
1 148 LYS n 
1 149 VAL n 
1 150 ILE n 
1 151 TYR n 
1 152 CYS n 
1 153 ILE n 
1 154 HIS n 
1 155 ALA n 
1 156 LEU n 
1 157 SER n 
1 158 TYR n 
1 159 PHE n 
1 160 LEU n 
1 161 SER n 
1 162 MET n 
1 163 GLN n 
1 164 ASP n 
1 165 LEU n 
1 166 ALA n 
1 167 PRO n 
1 168 PRO n 
1 169 LEU n 
1 170 ILE n 
1 171 LYS n 
1 172 SER n 
1 173 ASP n 
1 174 GLU n 
1 175 ASN n 
1 176 LEU n 
1 177 SER n 
1 178 PHE n 
1 179 THR n 
1 180 ASP n 
1 181 GLU n 
1 182 ASP n 
1 183 VAL n 
1 184 SER n 
1 185 ILE n 
1 186 ILE n 
1 187 VAL n 
1 188 ARG n 
1 189 ARG n 
1 190 LEU n 
1 191 ARG n 
1 192 GLN n 
1 193 SER n 
1 194 ASN n 
1 195 VAL n 
1 196 ILE n 
1 197 LEU n 
1 198 PRO n 
1 199 ASN n 
1 200 PHE n 
1 201 LYS n 
1 202 ALA n 
1 203 LEU n 
# 
_entity_src_gen.entity_id                          1 
_entity_src_gen.pdbx_src_id                        1 
_entity_src_gen.pdbx_alt_source_flag               sample 
_entity_src_gen.pdbx_seq_type                      ? 
_entity_src_gen.pdbx_beg_seq_num                   ? 
_entity_src_gen.pdbx_end_seq_num                   ? 
_entity_src_gen.gene_src_common_name               'fission yeast' 
_entity_src_gen.gene_src_genus                     Schizosaccharomyces 
_entity_src_gen.pdbx_gene_src_gene                 'RNG2 OR SPAC4F8.13C' 
_entity_src_gen.gene_src_species                   ? 
_entity_src_gen.gene_src_strain                    ? 
_entity_src_gen.gene_src_tissue                    ? 
_entity_src_gen.gene_src_tissue_fraction           ? 
_entity_src_gen.gene_src_details                   ? 
_entity_src_gen.pdbx_gene_src_fragment             ? 
_entity_src_gen.pdbx_gene_src_scientific_name      'Schizosaccharomyces pombe' 
_entity_src_gen.pdbx_gene_src_ncbi_taxonomy_id     4896 
_entity_src_gen.pdbx_gene_src_variant              ? 
_entity_src_gen.pdbx_gene_src_cell_line            ? 
_entity_src_gen.pdbx_gene_src_atcc                 ? 
_entity_src_gen.pdbx_gene_src_organ                ? 
_entity_src_gen.pdbx_gene_src_organelle            ? 
_entity_src_gen.pdbx_gene_src_cell                 ? 
_entity_src_gen.pdbx_gene_src_cellular_location    ? 
_entity_src_gen.host_org_common_name               ? 
_entity_src_gen.pdbx_host_org_scientific_name      'Escherichia coli' 
_entity_src_gen.pdbx_host_org_ncbi_taxonomy_id     562 
_entity_src_gen.host_org_genus                     Escherichia 
_entity_src_gen.pdbx_host_org_gene                 ? 
_entity_src_gen.pdbx_host_org_organ                ? 
_entity_src_gen.host_org_species                   ? 
_entity_src_gen.pdbx_host_org_tissue               ? 
_entity_src_gen.pdbx_host_org_tissue_fraction      ? 
_entity_src_gen.pdbx_host_org_strain               BL21-CODONPLUS-RIL 
_entity_src_gen.pdbx_host_org_variant              ? 
_entity_src_gen.pdbx_host_org_cell_line            ? 
_entity_src_gen.pdbx_host_org_atcc                 ? 
_entity_src_gen.pdbx_host_org_culture_collection   ? 
_entity_src_gen.pdbx_host_org_cell                 ? 
_entity_src_gen.pdbx_host_org_organelle            ? 
_entity_src_gen.pdbx_host_org_cellular_location    ? 
_entity_src_gen.pdbx_host_org_vector_type          plasmid 
_entity_src_gen.pdbx_host_org_vector               ? 
_entity_src_gen.host_org_details                   ? 
_entity_src_gen.expression_system_id               ? 
_entity_src_gen.plasmid_name                       PGEX-KG 
_entity_src_gen.plasmid_details                    ? 
_entity_src_gen.pdbx_description                   ? 
# 
loop_
_chem_comp.id 
_chem_comp.type 
_chem_comp.mon_nstd_flag 
_chem_comp.name 
_chem_comp.pdbx_synonyms 
_chem_comp.formula 
_chem_comp.formula_weight 
ALA 'L-peptide linking' y ALANINE            ? 'C3 H7 N O2'     89.093  
ARG 'L-peptide linking' y ARGININE           ? 'C6 H15 N4 O2 1' 175.209 
ASN 'L-peptide linking' y ASPARAGINE         ? 'C4 H8 N2 O3'    132.118 
ASP 'L-peptide linking' y 'ASPARTIC ACID'    ? 'C4 H7 N O4'     133.103 
CYS 'L-peptide linking' y CYSTEINE           ? 'C3 H7 N O2 S'   121.158 
GLN 'L-peptide linking' y GLUTAMINE          ? 'C5 H10 N2 O3'   146.144 
GLU 'L-peptide linking' y 'GLUTAMIC ACID'    ? 'C5 H9 N O4'     147.129 
GLY 'peptide linking'   y GLYCINE            ? 'C2 H5 N O2'     75.067  
HG  non-polymer         . 'MERCURY (II) ION' ? 'Hg 2'           200.590 
HIS 'L-peptide linking' y HISTIDINE          ? 'C6 H10 N3 O2 1' 156.162 
HOH non-polymer         . WATER              ? 'H2 O'           18.015  
ILE 'L-peptide linking' y ISOLEUCINE         ? 'C6 H13 N O2'    131.173 
LEU 'L-peptide linking' y LEUCINE            ? 'C6 H13 N O2'    131.173 
LYS 'L-peptide linking' y LYSINE             ? 'C6 H15 N2 O2 1' 147.195 
MET 'L-peptide linking' y METHIONINE         ? 'C5 H11 N O2 S'  149.211 
PHE 'L-peptide linking' y PHENYLALANINE      ? 'C9 H11 N O2'    165.189 
PRO 'L-peptide linking' y PROLINE            ? 'C5 H9 N O2'     115.130 
SER 'L-peptide linking' y SERINE             ? 'C3 H7 N O3'     105.093 
THR 'L-peptide linking' y THREONINE          ? 'C4 H9 N O3'     119.119 
TRP 'L-peptide linking' y TRYPTOPHAN         ? 'C11 H12 N2 O2'  204.225 
TYR 'L-peptide linking' y TYROSINE           ? 'C9 H11 N O3'    181.189 
VAL 'L-peptide linking' y VALINE             ? 'C5 H11 N O2'    117.146 
# 
loop_
_pdbx_poly_seq_scheme.asym_id 
_pdbx_poly_seq_scheme.entity_id 
_pdbx_poly_seq_scheme.seq_id 
_pdbx_poly_seq_scheme.mon_id 
_pdbx_poly_seq_scheme.ndb_seq_num 
_pdbx_poly_seq_scheme.pdb_seq_num 
_pdbx_poly_seq_scheme.auth_seq_num 
_pdbx_poly_seq_scheme.pdb_mon_id 
_pdbx_poly_seq_scheme.auth_mon_id 
_pdbx_poly_seq_scheme.pdb_strand_id 
_pdbx_poly_seq_scheme.pdb_ins_code 
_pdbx_poly_seq_scheme.hetero 
A 1 1   GLY 1   -12 ?   ?   ?   A . n 
A 1 2   SER 2   -11 ?   ?   ?   A . n 
A 1 3   PRO 3   -10 ?   ?   ?   A . n 
A 1 4   GLY 4   -9  ?   ?   ?   A . n 
A 1 5   ILE 5   -8  ?   ?   ?   A . n 
A 1 6   SER 6   -7  ?   ?   ?   A . n 
A 1 7   GLY 7   -6  ?   ?   ?   A . n 
A 1 8   GLY 8   -5  ?   ?   ?   A . n 
A 1 9   GLY 9   -4  ?   ?   ?   A . n 
A 1 10  GLY 10  -3  ?   ?   ?   A . n 
A 1 11  GLY 11  -2  ?   ?   ?   A . n 
A 1 12  ILE 12  -1  ?   ?   ?   A . n 
A 1 13  LEU 13  0   ?   ?   ?   A . n 
A 1 14  MET 14  1   ?   ?   ?   A . n 
A 1 15  ASP 15  2   ?   ?   ?   A . n 
A 1 16  VAL 16  3   ?   ?   ?   A . n 
A 1 17  ASN 17  4   ?   ?   ?   A . n 
A 1 18  VAL 18  5   ?   ?   ?   A . n 
A 1 19  GLY 19  6   ?   ?   ?   A . n 
A 1 20  LEU 20  7   ?   ?   ?   A . n 
A 1 21  SER 21  8   ?   ?   ?   A . n 
A 1 22  ARG 22  9   ?   ?   ?   A . n 
A 1 23  LEU 23  10  ?   ?   ?   A . n 
A 1 24  GLN 24  11  ?   ?   ?   A . n 
A 1 25  SER 25  12  ?   ?   ?   A . n 
A 1 26  GLN 26  13  ?   ?   ?   A . n 
A 1 27  ALA 27  14  ?   ?   ?   A . n 
A 1 28  GLY 28  15  ?   ?   ?   A . n 
A 1 29  ALA 29  16  ?   ?   ?   A . n 
A 1 30  PRO 30  17  ?   ?   ?   A . n 
A 1 31  VAL 31  18  ?   ?   ?   A . n 
A 1 32  GLY 32  19  ?   ?   ?   A . n 
A 1 33  THR 33  20  ?   ?   ?   A . n 
A 1 34  LYS 34  21  ?   ?   ?   A . n 
A 1 35  GLY 35  22  ?   ?   ?   A . n 
A 1 36  SER 36  23  ?   ?   ?   A . n 
A 1 37  ASN 37  24  ?   ?   ?   A . n 
A 1 38  THR 38  25  ?   ?   ?   A . n 
A 1 39  ARG 39  26  ?   ?   ?   A . n 
A 1 40  LEU 40  27  ?   ?   ?   A . n 
A 1 41  ALA 41  28  ?   ?   ?   A . n 
A 1 42  ALA 42  29  ?   ?   ?   A . n 
A 1 43  LYS 43  30  ?   ?   ?   A . n 
A 1 44  GLN 44  31  ?   ?   ?   A . n 
A 1 45  ARG 45  32  32  ARG ARG A . n 
A 1 46  GLU 46  33  33  GLU GLU A . n 
A 1 47  THR 47  34  34  THR THR A . n 
A 1 48  LEU 48  35  35  LEU LEU A . n 
A 1 49  GLN 49  36  36  GLN GLN A . n 
A 1 50  ALA 50  37  37  ALA ALA A . n 
A 1 51  TYR 51  38  38  TYR TYR A . n 
A 1 52  ASP 52  39  39  ASP ASP A . n 
A 1 53  TYR 53  40  40  TYR TYR A . n 
A 1 54  LEU 54  41  41  LEU LEU A . n 
A 1 55  CYS 55  42  42  CYS CYS A . n 
A 1 56  ARG 56  43  43  ARG ARG A . n 
A 1 57  VAL 57  44  44  VAL VAL A . n 
A 1 58  ASP 58  45  45  ASP ASP A . n 
A 1 59  GLU 59  46  46  GLU GLU A . n 
A 1 60  ALA 60  47  47  ALA ALA A . n 
A 1 61  LYS 61  48  48  LYS LYS A . n 
A 1 62  LYS 62  49  49  LYS LYS A . n 
A 1 63  TRP 63  50  50  TRP TRP A . n 
A 1 64  ILE 64  51  51  ILE ILE A . n 
A 1 65  GLU 65  52  52  GLU GLU A . n 
A 1 66  GLU 66  53  53  GLU GLU A . n 
A 1 67  CYS 67  54  54  CYS CYS A . n 
A 1 68  LEU 68  55  55  LEU LEU A . n 
A 1 69  GLY 69  56  56  GLY GLY A . n 
A 1 70  THR 70  57  57  THR THR A . n 
A 1 71  ASP 71  58  58  ASP ASP A . n 
A 1 72  LEU 72  59  59  LEU LEU A . n 
A 1 73  GLY 73  60  60  GLY GLY A . n 
A 1 74  PRO 74  61  61  PRO PRO A . n 
A 1 75  THR 75  62  62  THR THR A . n 
A 1 76  SER 76  63  63  SER SER A . n 
A 1 77  THR 77  64  64  THR THR A . n 
A 1 78  PHE 78  65  65  PHE PHE A . n 
A 1 79  GLU 79  66  66  GLU GLU A . n 
A 1 80  GLN 80  67  67  GLN GLN A . n 
A 1 81  SER 81  68  68  SER SER A . n 
A 1 82  LEU 82  69  69  LEU LEU A . n 
A 1 83  ARG 83  70  70  ARG ARG A . n 
A 1 84  ASN 84  71  71  ASN ASN A . n 
A 1 85  GLY 85  72  72  GLY GLY A . n 
A 1 86  VAL 86  73  73  VAL VAL A . n 
A 1 87  VAL 87  74  74  VAL VAL A . n 
A 1 88  LEU 88  75  75  LEU LEU A . n 
A 1 89  ALA 89  76  76  ALA ALA A . n 
A 1 90  LEU 90  77  77  LEU LEU A . n 
A 1 91  LEU 91  78  78  LEU LEU A . n 
A 1 92  VAL 92  79  79  VAL VAL A . n 
A 1 93  GLN 93  80  80  GLN GLN A . n 
A 1 94  LYS 94  81  81  LYS LYS A . n 
A 1 95  PHE 95  82  82  PHE PHE A . n 
A 1 96  GLN 96  83  83  GLN GLN A . n 
A 1 97  PRO 97  84  84  PRO PRO A . n 
A 1 98  ASP 98  85  85  ASP ASP A . n 
A 1 99  LYS 99  86  86  LYS LYS A . n 
A 1 100 LEU 100 87  87  LEU LEU A . n 
A 1 101 ILE 101 88  88  ILE ILE A . n 
A 1 102 LYS 102 89  89  LYS LYS A . n 
A 1 103 ILE 103 90  90  ILE ILE A . n 
A 1 104 PHE 104 91  91  PHE PHE A . n 
A 1 105 TYR 105 92  92  TYR TYR A . n 
A 1 106 SER 106 93  93  SER SER A . n 
A 1 107 ASN 107 94  94  ASN ASN A . n 
A 1 108 GLU 108 95  95  GLU GLU A . n 
A 1 109 LEU 109 96  96  LEU LEU A . n 
A 1 110 GLN 110 97  97  GLN GLN A . n 
A 1 111 PHE 111 98  98  PHE PHE A . n 
A 1 112 ARG 112 99  99  ARG ARG A . n 
A 1 113 HIS 113 100 100 HIS HIS A . n 
A 1 114 SER 114 101 101 SER SER A . n 
A 1 115 ASP 115 102 102 ASP ASP A . n 
A 1 116 ASN 116 103 103 ASN ASN A . n 
A 1 117 ILE 117 104 104 ILE ILE A . n 
A 1 118 ASN 118 105 105 ASN ASN A . n 
A 1 119 LYS 119 106 106 LYS LYS A . n 
A 1 120 PHE 120 107 107 PHE PHE A . n 
A 1 121 LEU 121 108 108 LEU LEU A . n 
A 1 122 ASP 122 109 109 ASP ASP A . n 
A 1 123 PHE 123 110 110 PHE PHE A . n 
A 1 124 ILE 124 111 111 ILE ILE A . n 
A 1 125 HIS 125 112 112 HIS HIS A . n 
A 1 126 GLY 126 113 113 GLY GLY A . n 
A 1 127 ILE 127 114 114 ILE ILE A . n 
A 1 128 GLY 128 115 115 GLY GLY A . n 
A 1 129 LEU 129 116 116 LEU LEU A . n 
A 1 130 PRO 130 117 117 PRO PRO A . n 
A 1 131 GLU 131 118 118 GLU GLU A . n 
A 1 132 ILE 132 119 119 ILE ILE A . n 
A 1 133 PHE 133 120 120 PHE PHE A . n 
A 1 134 HIS 134 121 121 HIS HIS A . n 
A 1 135 PHE 135 122 122 PHE PHE A . n 
A 1 136 GLU 136 123 123 GLU GLU A . n 
A 1 137 LEU 137 124 124 LEU LEU A . n 
A 1 138 THR 138 125 125 THR THR A . n 
A 1 139 ASP 139 126 126 ASP ASP A . n 
A 1 140 ILE 140 127 127 ILE ILE A . n 
A 1 141 TYR 141 128 128 TYR TYR A . n 
A 1 142 GLU 142 129 129 GLU GLU A . n 
A 1 143 GLY 143 130 130 GLY GLY A . n 
A 1 144 LYS 144 131 131 LYS LYS A . n 
A 1 145 ASN 145 132 132 ASN ASN A . n 
A 1 146 LEU 146 133 133 LEU LEU A . n 
A 1 147 PRO 147 134 134 PRO PRO A . n 
A 1 148 LYS 148 135 135 LYS LYS A . n 
A 1 149 VAL 149 136 136 VAL VAL A . n 
A 1 150 ILE 150 137 137 ILE ILE A . n 
A 1 151 TYR 151 138 138 TYR TYR A . n 
A 1 152 CYS 152 139 139 CYS CYS A . n 
A 1 153 ILE 153 140 140 ILE ILE A . n 
A 1 154 HIS 154 141 141 HIS HIS A . n 
A 1 155 ALA 155 142 142 ALA ALA A . n 
A 1 156 LEU 156 143 143 LEU LEU A . n 
A 1 157 SER 157 144 144 SER SER A . n 
A 1 158 TYR 158 145 145 TYR TYR A . n 
A 1 159 PHE 159 146 146 PHE PHE A . n 
A 1 160 LEU 160 147 147 LEU LEU A . n 
A 1 161 SER 161 148 148 SER SER A . n 
A 1 162 MET 162 149 149 MET MET A . n 
A 1 163 GLN 163 150 150 GLN GLN A . n 
A 1 164 ASP 164 151 151 ASP ASP A . n 
A 1 165 LEU 165 152 152 LEU LEU A . n 
A 1 166 ALA 166 153 153 ALA ALA A . n 
A 1 167 PRO 167 154 154 PRO PRO A . n 
A 1 168 PRO 168 155 155 PRO PRO A . n 
A 1 169 LEU 169 156 156 LEU LEU A . n 
A 1 170 ILE 170 157 157 ILE ILE A . n 
A 1 171 LYS 171 158 158 LYS LYS A . n 
A 1 172 SER 172 159 159 SER SER A . n 
A 1 173 ASP 173 160 160 ASP ASP A . n 
A 1 174 GLU 174 161 161 GLU GLU A . n 
A 1 175 ASN 175 162 162 ASN ASN A . n 
A 1 176 LEU 176 163 163 LEU LEU A . n 
A 1 177 SER 177 164 164 SER SER A . n 
A 1 178 PHE 178 165 165 PHE PHE A . n 
A 1 179 THR 179 166 166 THR THR A . n 
A 1 180 ASP 180 167 167 ASP ASP A . n 
A 1 181 GLU 181 168 168 GLU GLU A . n 
A 1 182 ASP 182 169 169 ASP ASP A . n 
A 1 183 VAL 183 170 170 VAL VAL A . n 
A 1 184 SER 184 171 171 SER SER A . n 
A 1 185 ILE 185 172 172 ILE ILE A . n 
A 1 186 ILE 186 173 173 ILE ILE A . n 
A 1 187 VAL 187 174 174 VAL VAL A . n 
A 1 188 ARG 188 175 175 ARG ARG A . n 
A 1 189 ARG 189 176 176 ARG ARG A . n 
A 1 190 LEU 190 177 177 LEU LEU A . n 
A 1 191 ARG 191 178 178 ARG ARG A . n 
A 1 192 GLN 192 179 179 GLN GLN A . n 
A 1 193 SER 193 180 180 SER SER A . n 
A 1 194 ASN 194 181 181 ASN ASN A . n 
A 1 195 VAL 195 182 182 VAL VAL A . n 
A 1 196 ILE 196 183 183 ILE ILE A . n 
A 1 197 LEU 197 184 184 LEU LEU A . n 
A 1 198 PRO 198 185 185 PRO PRO A . n 
A 1 199 ASN 199 186 186 ASN ASN A . n 
A 1 200 PHE 200 187 187 PHE PHE A . n 
A 1 201 LYS 201 188 188 LYS LYS A . n 
A 1 202 ALA 202 189 189 ALA ALA A . n 
A 1 203 LEU 203 190 190 LEU LEU A . n 
# 
loop_
_pdbx_nonpoly_scheme.asym_id 
_pdbx_nonpoly_scheme.entity_id 
_pdbx_nonpoly_scheme.mon_id 
_pdbx_nonpoly_scheme.ndb_seq_num 
_pdbx_nonpoly_scheme.pdb_seq_num 
_pdbx_nonpoly_scheme.auth_seq_num 
_pdbx_nonpoly_scheme.pdb_mon_id 
_pdbx_nonpoly_scheme.auth_mon_id 
_pdbx_nonpoly_scheme.pdb_strand_id 
_pdbx_nonpoly_scheme.pdb_ins_code 
B 2 HG  1   191 191 HG  HG  A . 
C 2 HG  1   192 192 HG  HG  A . 
D 2 HG  1   193 193 HG  HG  A . 
E 2 HG  1   194 194 HG  HG  A . 
F 3 HOH 1   195 1   HOH HOH A . 
F 3 HOH 2   196 2   HOH HOH A . 
F 3 HOH 3   197 3   HOH HOH A . 
F 3 HOH 4   198 4   HOH HOH A . 
F 3 HOH 5   199 5   HOH HOH A . 
F 3 HOH 6   200 6   HOH HOH A . 
F 3 HOH 7   201 7   HOH HOH A . 
F 3 HOH 8   202 8   HOH HOH A . 
F 3 HOH 9   203 9   HOH HOH A . 
F 3 HOH 10  204 10  HOH HOH A . 
F 3 HOH 11  205 11  HOH HOH A . 
F 3 HOH 12  206 12  HOH HOH A . 
F 3 HOH 13  207 13  HOH HOH A . 
F 3 HOH 14  208 14  HOH HOH A . 
F 3 HOH 15  209 15  HOH HOH A . 
F 3 HOH 16  210 16  HOH HOH A . 
F 3 HOH 17  211 17  HOH HOH A . 
F 3 HOH 18  212 18  HOH HOH A . 
F 3 HOH 19  213 19  HOH HOH A . 
F 3 HOH 20  214 20  HOH HOH A . 
F 3 HOH 21  215 21  HOH HOH A . 
F 3 HOH 22  216 22  HOH HOH A . 
F 3 HOH 23  217 23  HOH HOH A . 
F 3 HOH 24  218 24  HOH HOH A . 
F 3 HOH 25  219 25  HOH HOH A . 
F 3 HOH 26  220 26  HOH HOH A . 
F 3 HOH 27  221 27  HOH HOH A . 
F 3 HOH 28  222 28  HOH HOH A . 
F 3 HOH 29  223 29  HOH HOH A . 
F 3 HOH 30  224 30  HOH HOH A . 
F 3 HOH 31  225 31  HOH HOH A . 
F 3 HOH 32  226 32  HOH HOH A . 
F 3 HOH 33  227 33  HOH HOH A . 
F 3 HOH 34  228 34  HOH HOH A . 
F 3 HOH 35  229 35  HOH HOH A . 
F 3 HOH 36  230 36  HOH HOH A . 
F 3 HOH 37  231 37  HOH HOH A . 
F 3 HOH 38  232 38  HOH HOH A . 
F 3 HOH 39  233 39  HOH HOH A . 
F 3 HOH 40  234 40  HOH HOH A . 
F 3 HOH 41  235 41  HOH HOH A . 
F 3 HOH 42  236 42  HOH HOH A . 
F 3 HOH 43  237 43  HOH HOH A . 
F 3 HOH 44  238 44  HOH HOH A . 
F 3 HOH 45  239 45  HOH HOH A . 
F 3 HOH 46  240 46  HOH HOH A . 
F 3 HOH 47  241 47  HOH HOH A . 
F 3 HOH 48  242 48  HOH HOH A . 
F 3 HOH 49  243 49  HOH HOH A . 
F 3 HOH 50  244 50  HOH HOH A . 
F 3 HOH 51  245 51  HOH HOH A . 
F 3 HOH 52  246 52  HOH HOH A . 
F 3 HOH 53  247 53  HOH HOH A . 
F 3 HOH 54  248 54  HOH HOH A . 
F 3 HOH 55  249 55  HOH HOH A . 
F 3 HOH 56  250 56  HOH HOH A . 
F 3 HOH 57  251 57  HOH HOH A . 
F 3 HOH 58  252 58  HOH HOH A . 
F 3 HOH 59  253 59  HOH HOH A . 
F 3 HOH 60  254 60  HOH HOH A . 
F 3 HOH 61  255 61  HOH HOH A . 
F 3 HOH 62  256 62  HOH HOH A . 
F 3 HOH 63  257 63  HOH HOH A . 
F 3 HOH 64  258 64  HOH HOH A . 
F 3 HOH 65  259 65  HOH HOH A . 
F 3 HOH 66  260 66  HOH HOH A . 
F 3 HOH 67  261 67  HOH HOH A . 
F 3 HOH 68  262 68  HOH HOH A . 
F 3 HOH 69  263 69  HOH HOH A . 
F 3 HOH 70  264 70  HOH HOH A . 
F 3 HOH 71  265 71  HOH HOH A . 
F 3 HOH 72  266 72  HOH HOH A . 
F 3 HOH 73  267 73  HOH HOH A . 
F 3 HOH 74  268 74  HOH HOH A . 
F 3 HOH 75  269 75  HOH HOH A . 
F 3 HOH 76  270 76  HOH HOH A . 
F 3 HOH 77  271 77  HOH HOH A . 
F 3 HOH 78  272 78  HOH HOH A . 
F 3 HOH 79  273 79  HOH HOH A . 
F 3 HOH 80  274 80  HOH HOH A . 
F 3 HOH 81  275 81  HOH HOH A . 
F 3 HOH 82  276 82  HOH HOH A . 
F 3 HOH 83  277 83  HOH HOH A . 
F 3 HOH 84  278 84  HOH HOH A . 
F 3 HOH 85  279 85  HOH HOH A . 
F 3 HOH 86  280 86  HOH HOH A . 
F 3 HOH 87  281 87  HOH HOH A . 
F 3 HOH 88  282 88  HOH HOH A . 
F 3 HOH 89  283 89  HOH HOH A . 
F 3 HOH 90  284 90  HOH HOH A . 
F 3 HOH 91  285 91  HOH HOH A . 
F 3 HOH 92  286 92  HOH HOH A . 
F 3 HOH 93  287 93  HOH HOH A . 
F 3 HOH 94  288 94  HOH HOH A . 
F 3 HOH 95  289 95  HOH HOH A . 
F 3 HOH 96  290 96  HOH HOH A . 
F 3 HOH 97  291 97  HOH HOH A . 
F 3 HOH 98  292 98  HOH HOH A . 
F 3 HOH 99  293 99  HOH HOH A . 
F 3 HOH 100 294 100 HOH HOH A . 
F 3 HOH 101 295 101 HOH HOH A . 
F 3 HOH 102 296 102 HOH HOH A . 
F 3 HOH 103 297 103 HOH HOH A . 
F 3 HOH 104 298 104 HOH HOH A . 
F 3 HOH 105 299 105 HOH HOH A . 
F 3 HOH 106 300 106 HOH HOH A . 
F 3 HOH 107 301 107 HOH HOH A . 
F 3 HOH 108 302 108 HOH HOH A . 
F 3 HOH 109 303 109 HOH HOH A . 
F 3 HOH 110 304 110 HOH HOH A . 
F 3 HOH 111 305 111 HOH HOH A . 
F 3 HOH 112 306 112 HOH HOH A . 
F 3 HOH 113 307 113 HOH HOH A . 
F 3 HOH 114 308 114 HOH HOH A . 
F 3 HOH 115 309 115 HOH HOH A . 
F 3 HOH 116 310 116 HOH HOH A . 
F 3 HOH 117 311 117 HOH HOH A . 
F 3 HOH 118 312 118 HOH HOH A . 
F 3 HOH 119 313 119 HOH HOH A . 
F 3 HOH 120 314 120 HOH HOH A . 
F 3 HOH 121 315 121 HOH HOH A . 
F 3 HOH 122 316 122 HOH HOH A . 
F 3 HOH 123 317 123 HOH HOH A . 
F 3 HOH 124 318 124 HOH HOH A . 
F 3 HOH 125 319 125 HOH HOH A . 
F 3 HOH 126 320 126 HOH HOH A . 
F 3 HOH 127 321 127 HOH HOH A . 
F 3 HOH 128 322 128 HOH HOH A . 
F 3 HOH 129 323 129 HOH HOH A . 
F 3 HOH 130 324 130 HOH HOH A . 
F 3 HOH 131 325 131 HOH HOH A . 
F 3 HOH 132 326 132 HOH HOH A . 
F 3 HOH 133 327 133 HOH HOH A . 
F 3 HOH 134 328 134 HOH HOH A . 
F 3 HOH 135 329 135 HOH HOH A . 
F 3 HOH 136 330 136 HOH HOH A . 
F 3 HOH 137 331 137 HOH HOH A . 
F 3 HOH 138 332 138 HOH HOH A . 
F 3 HOH 139 333 139 HOH HOH A . 
F 3 HOH 140 334 140 HOH HOH A . 
F 3 HOH 141 335 141 HOH HOH A . 
F 3 HOH 142 336 142 HOH HOH A . 
F 3 HOH 143 337 143 HOH HOH A . 
F 3 HOH 144 338 144 HOH HOH A . 
F 3 HOH 145 339 145 HOH HOH A . 
# 
loop_
_pdbx_unobs_or_zero_occ_atoms.id 
_pdbx_unobs_or_zero_occ_atoms.PDB_model_num 
_pdbx_unobs_or_zero_occ_atoms.polymer_flag 
_pdbx_unobs_or_zero_occ_atoms.occupancy_flag 
_pdbx_unobs_or_zero_occ_atoms.auth_asym_id 
_pdbx_unobs_or_zero_occ_atoms.auth_comp_id 
_pdbx_unobs_or_zero_occ_atoms.auth_seq_id 
_pdbx_unobs_or_zero_occ_atoms.PDB_ins_code 
_pdbx_unobs_or_zero_occ_atoms.auth_atom_id 
_pdbx_unobs_or_zero_occ_atoms.label_alt_id 
_pdbx_unobs_or_zero_occ_atoms.label_asym_id 
_pdbx_unobs_or_zero_occ_atoms.label_comp_id 
_pdbx_unobs_or_zero_occ_atoms.label_seq_id 
_pdbx_unobs_or_zero_occ_atoms.label_atom_id 
1  1 Y 0 A ALA 37  ? CB ? A ALA 50  CB 
2  1 Y 0 A ASP 39  ? CB ? A ASP 52  CB 
3  1 Y 0 A GLY 56  ? N  ? A GLY 69  N  
4  1 Y 0 A GLY 56  ? O  ? A GLY 69  O  
5  1 Y 0 A THR 57  ? C  ? A THR 70  C  
6  1 Y 0 A THR 57  ? O  ? A THR 70  O  
7  1 Y 0 A VAL 79  ? CB ? A VAL 92  CB 
8  1 Y 0 A GLN 80  ? CA ? A GLN 93  CA 
9  1 Y 0 A LYS 89  ? CA ? A LYS 102 CA 
10 1 Y 0 A LYS 89  ? CB ? A LYS 102 CB 
11 1 Y 0 A TYR 92  ? CB ? A TYR 105 CB 
12 1 Y 0 A GLU 95  ? O  ? A GLU 108 O  
13 1 Y 0 A HIS 100 ? CB ? A HIS 113 CB 
14 1 Y 0 A SER 101 ? O  ? A SER 114 O  
15 1 Y 0 A ASN 105 ? CA ? A ASN 118 CA 
16 1 Y 0 A ASN 105 ? CB ? A ASN 118 CB 
17 1 Y 0 A ILE 111 ? O  ? A ILE 124 O  
18 1 Y 0 A GLY 115 ? CA ? A GLY 128 CA 
19 1 Y 0 A HIS 121 ? CA ? A HIS 134 CA 
20 1 Y 0 A ASP 126 ? CB ? A ASP 139 CB 
21 1 Y 0 A GLY 130 ? CA ? A GLY 143 CA 
22 1 Y 0 A ASN 132 ? CB ? A ASN 145 CB 
23 1 Y 0 A PRO 154 ? O  ? A PRO 167 O  
24 1 Y 0 A ASN 162 ? O  ? A ASN 175 O  
25 1 Y 0 A LEU 163 ? O  ? A LEU 176 O  
26 1 Y 0 A PHE 165 ? CB ? A PHE 178 CB 
27 1 Y 0 A ASP 167 ? CB ? A ASP 180 CB 
28 1 Y 0 A ASP 169 ? CB ? A ASP 182 CB 
29 1 Y 0 A VAL 170 ? CB ? A VAL 183 CB 
30 1 Y 0 A SER 180 ? C  ? A SER 193 C  
31 1 Y 0 A SER 180 ? O  ? A SER 193 O  
# 
loop_
_software.name 
_software.classification 
_software.version 
_software.citation_id 
_software.pdbx_ordinal 
REFMAC    refinement       5.1.24 ? 1 
DENZO     'data reduction' .      ? 2 
SCALEPACK 'data scaling'   .      ? 3 
SHARP     phasing          .      ? 4 
# 
_cell.entry_id           1P5S 
_cell.length_a           30.884 
_cell.length_b           68.666 
_cell.length_c           35.309 
_cell.angle_alpha        90.00 
_cell.angle_beta         102.51 
_cell.angle_gamma        90.00 
_cell.Z_PDB              2 
_cell.pdbx_unique_axis   ? 
# 
_symmetry.entry_id                         1P5S 
_symmetry.space_group_name_H-M             'P 1 21 1' 
_symmetry.pdbx_full_space_group_name_H-M   ? 
_symmetry.cell_setting                     ? 
_symmetry.Int_Tables_number                4 
_symmetry.space_group_name_Hall            ? 
# 
_exptl.entry_id          1P5S 
_exptl.method            'X-RAY DIFFRACTION' 
_exptl.crystals_number   1 
# 
_exptl_crystal.id                    1 
_exptl_crystal.density_meas          ? 
_exptl_crystal.density_Matthews      1.80 
_exptl_crystal.density_percent_sol   31.06 
_exptl_crystal.description           ? 
_exptl_crystal.F_000                 ? 
_exptl_crystal.preparation           ? 
# 
_diffrn.id                     1 
_diffrn.ambient_temp           100 
_diffrn.ambient_temp_details   ? 
_diffrn.crystal_id             1 
# 
_diffrn_detector.diffrn_id              1 
_diffrn_detector.detector               CCD 
_diffrn_detector.type                   MARRESEARCH 
_diffrn_detector.pdbx_collection_date   2002-09-15 
_diffrn_detector.details                MIRRORS 
# 
_diffrn_radiation.diffrn_id                        1 
_diffrn_radiation.wavelength_id                    1 
_diffrn_radiation.pdbx_monochromatic_or_laue_m_l   M 
_diffrn_radiation.monochromator                    'SI(111)' 
_diffrn_radiation.pdbx_diffrn_protocol             'SINGLE WAVELENGTH' 
_diffrn_radiation.pdbx_scattering_type             x-ray 
# 
_diffrn_radiation_wavelength.id           1 
_diffrn_radiation_wavelength.wavelength   1.653 
_diffrn_radiation_wavelength.wt           1.0 
# 
_diffrn_source.diffrn_id                   1 
_diffrn_source.source                      SYNCHROTRON 
_diffrn_source.type                        'ESRF BEAMLINE BM14' 
_diffrn_source.pdbx_synchrotron_site       ESRF 
_diffrn_source.pdbx_synchrotron_beamline   BM14 
_diffrn_source.pdbx_wavelength             ? 
_diffrn_source.pdbx_wavelength_list        1.653 
# 
_reflns.entry_id                     1P5S 
_reflns.observed_criterion_sigma_F   3 
_reflns.observed_criterion_sigma_I   3 
_reflns.d_resolution_high            2.21 
_reflns.d_resolution_low             20.60 
_reflns.number_all                   6890 
_reflns.number_obs                   6890 
_reflns.percent_possible_obs         97.4 
_reflns.pdbx_Rmerge_I_obs            ? 
_reflns.pdbx_Rsym_value              ? 
_reflns.pdbx_netI_over_sigmaI        ? 
_reflns.B_iso_Wilson_estimate        ? 
_reflns.pdbx_redundancy              16.45 
_reflns.R_free_details               ? 
_reflns.limit_h_max                  ? 
_reflns.limit_h_min                  ? 
_reflns.limit_k_max                  ? 
_reflns.limit_k_min                  ? 
_reflns.limit_l_max                  ? 
_reflns.limit_l_min                  ? 
_reflns.observed_criterion_F_max     ? 
_reflns.observed_criterion_F_min     ? 
_reflns.pdbx_chi_squared             ? 
_reflns.pdbx_scaling_rejects         ? 
_reflns.pdbx_diffrn_id               1 
_reflns.pdbx_ordinal                 1 
# 
_reflns_shell.d_res_high             2.21 
_reflns_shell.d_res_low              2.29 
_reflns_shell.percent_possible_all   81.5 
_reflns_shell.Rmerge_I_obs           ? 
_reflns_shell.pdbx_Rsym_value        ? 
_reflns_shell.meanI_over_sigI_obs    ? 
_reflns_shell.pdbx_redundancy        8.72 
_reflns_shell.percent_possible_obs   ? 
_reflns_shell.number_unique_all      570 
_reflns_shell.number_measured_all    ? 
_reflns_shell.number_measured_obs    ? 
_reflns_shell.number_unique_obs      ? 
_reflns_shell.pdbx_chi_squared       ? 
_reflns_shell.pdbx_diffrn_id         ? 
_reflns_shell.pdbx_ordinal           1 
# 
_refine.entry_id                                 1P5S 
_refine.ls_number_reflns_obs                     6571 
_refine.ls_number_reflns_all                     6890 
_refine.pdbx_ls_sigma_I                          3 
_refine.pdbx_ls_sigma_F                          3 
_refine.pdbx_data_cutoff_high_absF               ? 
_refine.pdbx_data_cutoff_low_absF                ? 
_refine.pdbx_data_cutoff_high_rms_absF           ? 
_refine.ls_d_res_low                             21.00 
_refine.ls_d_res_high                            2.22 
_refine.ls_percent_reflns_obs                    95.91 
_refine.ls_R_factor_obs                          0.19921 
_refine.ls_R_factor_all                          0.19921 
_refine.ls_R_factor_R_work                       0.19709 
_refine.ls_R_factor_R_free                       0.246 
_refine.ls_R_factor_R_free_error                 ? 
_refine.ls_R_factor_R_free_error_details         ? 
_refine.ls_percent_reflns_R_free                 4.6 
_refine.ls_number_reflns_R_free                  319 
_refine.ls_number_parameters                     ? 
_refine.ls_number_restraints                     ? 
_refine.occupancy_min                            ? 
_refine.occupancy_max                            ? 
_refine.correlation_coeff_Fo_to_Fc               0.919 
_refine.correlation_coeff_Fo_to_Fc_free          0.862 
_refine.B_iso_mean                               19.802 
_refine.aniso_B[1][1]                            -0.07 
_refine.aniso_B[2][2]                            -0.21 
_refine.aniso_B[3][3]                            0.42 
_refine.aniso_B[1][2]                            0.00 
_refine.aniso_B[1][3]                            0.31 
_refine.aniso_B[2][3]                            0.00 
_refine.solvent_model_details                    'BABINET MODEL WITH MASK' 
_refine.solvent_model_param_ksol                 ? 
_refine.solvent_model_param_bsol                 ? 
_refine.pdbx_solvent_vdw_probe_radii             1.40 
_refine.pdbx_solvent_ion_probe_radii             0.80 
_refine.pdbx_solvent_shrinkage_radii             0.80 
_refine.pdbx_ls_cross_valid_method               THROUGHOUT 
_refine.details                                  ? 
_refine.pdbx_starting_model                      ? 
_refine.pdbx_method_to_determine_struct          'Sulfur SAD' 
_refine.pdbx_isotropic_thermal_model             ? 
_refine.pdbx_stereochemistry_target_values       'MAXIMUM LIKELIHOOD WITH PHASES' 
_refine.pdbx_stereochem_target_val_spec_case     ? 
_refine.pdbx_R_Free_selection_details            RANDOM 
_refine.pdbx_overall_ESU_R                       0.570 
_refine.pdbx_overall_ESU_R_Free                  0.261 
_refine.overall_SU_ML                            0.140 
_refine.overall_SU_B                             5.556 
_refine.ls_redundancy_reflns_obs                 ? 
_refine.B_iso_min                                ? 
_refine.B_iso_max                                ? 
_refine.overall_SU_R_Cruickshank_DPI             ? 
_refine.overall_SU_R_free                        ? 
_refine.ls_wR_factor_R_free                      ? 
_refine.ls_wR_factor_R_work                      ? 
_refine.overall_FOM_free_R_set                   ? 
_refine.overall_FOM_work_R_set                   ? 
_refine.pdbx_refine_id                           'X-RAY DIFFRACTION' 
_refine.pdbx_diffrn_id                           1 
_refine.pdbx_TLS_residual_ADP_flag               ? 
_refine.pdbx_overall_phase_error                 ? 
_refine.pdbx_overall_SU_R_free_Cruickshank_DPI   ? 
_refine.pdbx_overall_SU_R_Blow_DPI               ? 
_refine.pdbx_overall_SU_R_free_Blow_DPI          ? 
# 
_refine_hist.pdbx_refine_id                   'X-RAY DIFFRACTION' 
_refine_hist.cycle_id                         LAST 
_refine_hist.pdbx_number_atoms_protein        1303 
_refine_hist.pdbx_number_atoms_nucleic_acid   0 
_refine_hist.pdbx_number_atoms_ligand         4 
_refine_hist.number_atoms_solvent             145 
_refine_hist.number_atoms_total               1452 
_refine_hist.d_res_high                       2.22 
_refine_hist.d_res_low                        21.00 
# 
loop_
_refine_ls_restr.type 
_refine_ls_restr.dev_ideal 
_refine_ls_restr.dev_ideal_target 
_refine_ls_restr.weight 
_refine_ls_restr.number 
_refine_ls_restr.pdbx_refine_id 
_refine_ls_restr.pdbx_restraint_function 
r_bond_refined_d         0.006 0.022 ? 1276 'X-RAY DIFFRACTION' ? 
r_bond_other_d           ?     ?     ? ?    'X-RAY DIFFRACTION' ? 
r_angle_refined_deg      1.107 1.973 ? 1682 'X-RAY DIFFRACTION' ? 
r_angle_other_deg        ?     ?     ? ?    'X-RAY DIFFRACTION' ? 
r_dihedral_angle_1_deg   1.742 5.000 ? 143  'X-RAY DIFFRACTION' ? 
r_dihedral_angle_2_deg   ?     ?     ? ?    'X-RAY DIFFRACTION' ? 
r_chiral_restr           0.081 0.200 ? 184  'X-RAY DIFFRACTION' ? 
r_gen_planes_refined     0.005 0.020 ? 908  'X-RAY DIFFRACTION' ? 
r_gen_planes_other       0.013 0.020 ? 3    'X-RAY DIFFRACTION' ? 
r_nbd_refined            0.351 0.200 ? 718  'X-RAY DIFFRACTION' ? 
r_nbd_other              ?     ?     ? ?    'X-RAY DIFFRACTION' ? 
r_nbtor_other            ?     ?     ? ?    'X-RAY DIFFRACTION' ? 
r_xyhbond_nbd_refined    0.173 0.200 ? 108  'X-RAY DIFFRACTION' ? 
r_xyhbond_nbd_other      ?     ?     ? ?    'X-RAY DIFFRACTION' ? 
r_symmetry_vdw_refined   0.222 0.200 ? 74   'X-RAY DIFFRACTION' ? 
r_symmetry_vdw_other     ?     ?     ? ?    'X-RAY DIFFRACTION' ? 
r_symmetry_hbond_refined 0.180 0.200 ? 10   'X-RAY DIFFRACTION' ? 
r_symmetry_hbond_other   ?     ?     ? ?    'X-RAY DIFFRACTION' ? 
r_mcbond_it              2.573 5.000 ? 753  'X-RAY DIFFRACTION' ? 
r_mcangle_it             3.663 6.000 ? 1194 'X-RAY DIFFRACTION' ? 
r_scbond_it              4.052 6.000 ? 523  'X-RAY DIFFRACTION' ? 
r_scangle_it             5.881 7.500 ? 488  'X-RAY DIFFRACTION' ? 
r_rigid_bond_restr       ?     ?     ? ?    'X-RAY DIFFRACTION' ? 
r_sphericity_free        ?     ?     ? ?    'X-RAY DIFFRACTION' ? 
r_sphericity_bonded      ?     ?     ? ?    'X-RAY DIFFRACTION' ? 
# 
_refine_ls_shell.pdbx_total_number_of_bins_used   20 
_refine_ls_shell.d_res_high                       2.216 
_refine_ls_shell.d_res_low                        2.273 
_refine_ls_shell.number_reflns_R_work             351 
_refine_ls_shell.R_factor_R_work                  0.231 
_refine_ls_shell.percent_reflns_obs               ? 
_refine_ls_shell.R_factor_R_free                  0.302 
_refine_ls_shell.R_factor_R_free_error            ? 
_refine_ls_shell.percent_reflns_R_free            ? 
_refine_ls_shell.number_reflns_R_free             12 
_refine_ls_shell.number_reflns_obs                ? 
_refine_ls_shell.redundancy_reflns_obs            ? 
_refine_ls_shell.number_reflns_all                ? 
_refine_ls_shell.pdbx_refine_id                   'X-RAY DIFFRACTION' 
_refine_ls_shell.R_factor_all                     ? 
# 
_struct.entry_id                  1P5S 
_struct.title                     
'STRUCTURE AND FUNCTION OF THE CALPONIN-HOMOLOGY DOMAIN OF AN IQGAP PROTEIN FROM SCHIZOSACCHAROMYCES POMBE' 
_struct.pdbx_model_details        ? 
_struct.pdbx_CASP_flag            ? 
_struct.pdbx_model_type_details   ? 
# 
_struct_keywords.entry_id        1P5S 
_struct_keywords.pdbx_keywords   CYTOKINE 
_struct_keywords.text            'Alpha-helical bundle, CYTOKINE' 
# 
loop_
_struct_asym.id 
_struct_asym.pdbx_blank_PDB_chainid_flag 
_struct_asym.pdbx_modified 
_struct_asym.entity_id 
_struct_asym.details 
A N N 1 ? 
B N N 2 ? 
C N N 2 ? 
D N N 2 ? 
E N N 2 ? 
F N N 3 ? 
# 
_struct_ref.id                         1 
_struct_ref.db_name                    UNP 
_struct_ref.db_code                    RNG2_SCHPO 
_struct_ref.pdbx_db_accession          O14188 
_struct_ref.entity_id                  1 
_struct_ref.pdbx_seq_one_letter_code   
;MDVNVGLSRLQSQAGAPVGTKGSNTRLAAKQRETLQAYDYLCRVDEAKKWIEECLGTDLGPTSTFEQSLRNGVVLALLVQ
KFQPDKLIKIFYSNELQFRHSDNINKFLDFIHGIGLPEIFHFELTDIYEGKNLPKVIYCIHALSYFLSMQDLAPPLIKSD
ENLSFTDEDVSIIVRRLRQSNVILPNFKAL
;
_struct_ref.pdbx_align_begin           1 
_struct_ref.pdbx_db_isoform            ? 
# 
_struct_ref_seq.align_id                      1 
_struct_ref_seq.ref_id                        1 
_struct_ref_seq.pdbx_PDB_id_code              1P5S 
_struct_ref_seq.pdbx_strand_id                A 
_struct_ref_seq.seq_align_beg                 14 
_struct_ref_seq.pdbx_seq_align_beg_ins_code   ? 
_struct_ref_seq.seq_align_end                 203 
_struct_ref_seq.pdbx_seq_align_end_ins_code   ? 
_struct_ref_seq.pdbx_db_accession             O14188 
_struct_ref_seq.db_align_beg                  1 
_struct_ref_seq.pdbx_db_align_beg_ins_code    ? 
_struct_ref_seq.db_align_end                  190 
_struct_ref_seq.pdbx_db_align_end_ins_code    ? 
_struct_ref_seq.pdbx_auth_seq_align_beg       1 
_struct_ref_seq.pdbx_auth_seq_align_end       190 
# 
loop_
_struct_ref_seq_dif.align_id 
_struct_ref_seq_dif.pdbx_pdb_id_code 
_struct_ref_seq_dif.mon_id 
_struct_ref_seq_dif.pdbx_pdb_strand_id 
_struct_ref_seq_dif.seq_num 
_struct_ref_seq_dif.pdbx_pdb_ins_code 
_struct_ref_seq_dif.pdbx_seq_db_name 
_struct_ref_seq_dif.pdbx_seq_db_accession_code 
_struct_ref_seq_dif.db_mon_id 
_struct_ref_seq_dif.pdbx_seq_db_seq_num 
_struct_ref_seq_dif.details 
_struct_ref_seq_dif.pdbx_auth_seq_num 
_struct_ref_seq_dif.pdbx_ordinal 
1 1P5S GLY A 1  ? UNP O14188 ? ? 'cloning artifact' -12 1  
1 1P5S SER A 2  ? UNP O14188 ? ? 'cloning artifact' -11 2  
1 1P5S PRO A 3  ? UNP O14188 ? ? 'cloning artifact' -10 3  
1 1P5S GLY A 4  ? UNP O14188 ? ? 'cloning artifact' -9  4  
1 1P5S ILE A 5  ? UNP O14188 ? ? 'cloning artifact' -8  5  
1 1P5S SER A 6  ? UNP O14188 ? ? 'cloning artifact' -7  6  
1 1P5S GLY A 7  ? UNP O14188 ? ? 'cloning artifact' -6  7  
1 1P5S GLY A 8  ? UNP O14188 ? ? 'cloning artifact' -5  8  
1 1P5S GLY A 9  ? UNP O14188 ? ? 'cloning artifact' -4  9  
1 1P5S GLY A 10 ? UNP O14188 ? ? 'cloning artifact' -3  10 
1 1P5S GLY A 11 ? UNP O14188 ? ? 'cloning artifact' -2  11 
1 1P5S ILE A 12 ? UNP O14188 ? ? 'cloning artifact' -1  12 
1 1P5S LEU A 13 ? UNP O14188 ? ? 'cloning artifact' 0   13 
# 
_pdbx_struct_assembly.id                   1 
_pdbx_struct_assembly.details              author_defined_assembly 
_pdbx_struct_assembly.method_details       ? 
_pdbx_struct_assembly.oligomeric_details   monomeric 
_pdbx_struct_assembly.oligomeric_count     1 
# 
_pdbx_struct_assembly_gen.assembly_id       1 
_pdbx_struct_assembly_gen.oper_expression   1 
_pdbx_struct_assembly_gen.asym_id_list      A,B,C,D,E,F 
# 
_pdbx_struct_oper_list.id                   1 
_pdbx_struct_oper_list.type                 'identity operation' 
_pdbx_struct_oper_list.name                 1_555 
_pdbx_struct_oper_list.symmetry_operation   x,y,z 
_pdbx_struct_oper_list.matrix[1][1]         1.0000000000 
_pdbx_struct_oper_list.matrix[1][2]         0.0000000000 
_pdbx_struct_oper_list.matrix[1][3]         0.0000000000 
_pdbx_struct_oper_list.vector[1]            0.0000000000 
_pdbx_struct_oper_list.matrix[2][1]         0.0000000000 
_pdbx_struct_oper_list.matrix[2][2]         1.0000000000 
_pdbx_struct_oper_list.matrix[2][3]         0.0000000000 
_pdbx_struct_oper_list.vector[2]            0.0000000000 
_pdbx_struct_oper_list.matrix[3][1]         0.0000000000 
_pdbx_struct_oper_list.matrix[3][2]         0.0000000000 
_pdbx_struct_oper_list.matrix[3][3]         1.0000000000 
_pdbx_struct_oper_list.vector[3]            0.0000000000 
# 
_struct_biol.id                    1 
_struct_biol.pdbx_parent_biol_id   ? 
_struct_biol.details               ? 
# 
loop_
_struct_conf.conf_type_id 
_struct_conf.id 
_struct_conf.pdbx_PDB_helix_id 
_struct_conf.beg_label_comp_id 
_struct_conf.beg_label_asym_id 
_struct_conf.beg_label_seq_id 
_struct_conf.pdbx_beg_PDB_ins_code 
_struct_conf.end_label_comp_id 
_struct_conf.end_label_asym_id 
_struct_conf.end_label_seq_id 
_struct_conf.pdbx_end_PDB_ins_code 
_struct_conf.beg_auth_comp_id 
_struct_conf.beg_auth_asym_id 
_struct_conf.beg_auth_seq_id 
_struct_conf.end_auth_comp_id 
_struct_conf.end_auth_asym_id 
_struct_conf.end_auth_seq_id 
_struct_conf.pdbx_PDB_helix_class 
_struct_conf.details 
_struct_conf.pdbx_PDB_helix_length 
HELX_P HELX_P1 1 ARG A 45  ? GLY A 69  ? ARG A 32  GLY A 56  1 ? 25 
HELX_P HELX_P2 2 PRO A 74  ? SER A 76  ? PRO A 61  SER A 63  5 ? 3  
HELX_P HELX_P3 3 THR A 77  ? ARG A 83  ? THR A 64  ARG A 70  1 ? 7  
HELX_P HELX_P4 4 GLY A 85  ? GLN A 96  ? GLY A 72  GLN A 83  1 ? 12 
HELX_P HELX_P5 5 ARG A 112 ? ILE A 127 ? ARG A 99  ILE A 114 1 ? 16 
HELX_P HELX_P6 6 PRO A 130 ? HIS A 134 ? PRO A 117 HIS A 121 5 ? 5  
HELX_P HELX_P7 7 GLU A 136 ? GLU A 142 ? GLU A 123 GLU A 129 1 ? 7  
HELX_P HELX_P8 8 ASN A 145 ? GLN A 163 ? ASN A 132 GLN A 150 1 ? 19 
HELX_P HELX_P9 9 THR A 179 ? SER A 193 ? THR A 166 SER A 180 1 ? 15 
# 
_struct_conf_type.id          HELX_P 
_struct_conf_type.criteria    ? 
_struct_conf_type.reference   ? 
# 
loop_
_struct_conn.id 
_struct_conn.conn_type_id 
_struct_conn.pdbx_leaving_atom_flag 
_struct_conn.pdbx_PDB_id 
_struct_conn.ptnr1_label_asym_id 
_struct_conn.ptnr1_label_comp_id 
_struct_conn.ptnr1_label_seq_id 
_struct_conn.ptnr1_label_atom_id 
_struct_conn.pdbx_ptnr1_label_alt_id 
_struct_conn.pdbx_ptnr1_PDB_ins_code 
_struct_conn.pdbx_ptnr1_standard_comp_id 
_struct_conn.ptnr1_symmetry 
_struct_conn.ptnr2_label_asym_id 
_struct_conn.ptnr2_label_comp_id 
_struct_conn.ptnr2_label_seq_id 
_struct_conn.ptnr2_label_atom_id 
_struct_conn.pdbx_ptnr2_label_alt_id 
_struct_conn.pdbx_ptnr2_PDB_ins_code 
_struct_conn.ptnr1_auth_asym_id 
_struct_conn.ptnr1_auth_comp_id 
_struct_conn.ptnr1_auth_seq_id 
_struct_conn.ptnr2_auth_asym_id 
_struct_conn.ptnr2_auth_comp_id 
_struct_conn.ptnr2_auth_seq_id 
_struct_conn.ptnr2_symmetry 
_struct_conn.pdbx_ptnr3_label_atom_id 
_struct_conn.pdbx_ptnr3_label_seq_id 
_struct_conn.pdbx_ptnr3_label_comp_id 
_struct_conn.pdbx_ptnr3_label_asym_id 
_struct_conn.pdbx_ptnr3_label_alt_id 
_struct_conn.pdbx_ptnr3_PDB_ins_code 
_struct_conn.details 
_struct_conn.pdbx_dist_value 
_struct_conn.pdbx_value_order 
_struct_conn.pdbx_role 
metalc1  metalc ? ? A TYR 51  O   ? ? ? 1_555 D HG  . HG ? ? A TYR 38  A HG  193 1_555 ? ? ? ? ? ? ? 3.409 ? ? 
metalc2  metalc ? ? A CYS 55  SG  ? ? ? 1_555 D HG  . HG ? ? A CYS 42  A HG  193 1_555 ? ? ? ? ? ? ? 2.483 ? ? 
metalc3  metalc ? ? A TRP 63  O   ? ? ? 1_555 C HG  . HG ? ? A TRP 50  A HG  192 1_555 ? ? ? ? ? ? ? 2.713 ? ? 
metalc4  metalc ? ? A TRP 63  NE1 ? ? ? 1_555 C HG  . HG ? ? A TRP 50  A HG  192 1_555 ? ? ? ? ? ? ? 3.041 ? ? 
metalc5  metalc ? ? A GLU 66  OE2 ? ? ? 1_555 C HG  . HG ? ? A GLU 53  A HG  192 1_555 ? ? ? ? ? ? ? 2.210 ? ? 
metalc6  metalc ? ? A CYS 67  SG  ? ? ? 1_555 C HG  . HG ? ? A CYS 54  A HG  192 1_555 ? ? ? ? ? ? ? 2.170 ? ? 
metalc7  metalc ? ? A CYS 67  N   ? ? ? 1_555 C HG  . HG ? ? A CYS 54  A HG  192 1_555 ? ? ? ? ? ? ? 3.304 ? ? 
metalc8  metalc ? ? A HIS 113 NE2 ? ? ? 1_555 E HG  . HG ? ? A HIS 100 A HG  194 1_555 ? ? ? ? ? ? ? 3.376 ? ? 
metalc9  metalc ? ? A PHE 133 O   ? ? ? 1_555 B HG  . HG ? ? A PHE 120 A HG  191 1_555 ? ? ? ? ? ? ? 2.676 ? ? 
metalc10 metalc ? ? A HIS 134 ND1 ? ? ? 1_555 B HG  . HG ? ? A HIS 121 A HG  191 1_555 ? ? ? ? ? ? ? 3.169 ? ? 
metalc11 metalc ? ? A CYS 152 SG  ? ? ? 1_555 B HG  . HG ? ? A CYS 139 A HG  191 1_555 ? ? ? ? ? ? ? 2.353 ? ? 
metalc12 metalc ? ? A CYS 152 O   ? ? ? 1_555 B HG  . HG ? ? A CYS 139 A HG  191 1_555 ? ? ? ? ? ? ? 3.045 ? ? 
metalc13 metalc ? ? B HG  .   HG  ? ? ? 1_555 F HOH . O  ? ? A HG  191 A HOH 236 1_555 ? ? ? ? ? ? ? 2.254 ? ? 
metalc14 metalc ? ? C HG  .   HG  ? ? ? 1_555 F HOH . O  ? ? A HG  192 A HOH 263 1_555 ? ? ? ? ? ? ? 3.172 ? ? 
metalc15 metalc ? ? D HG  .   HG  ? ? ? 1_555 F HOH . O  ? ? A HG  193 A HOH 228 1_555 ? ? ? ? ? ? ? 3.467 ? ? 
metalc16 metalc ? ? D HG  .   HG  ? ? ? 1_555 F HOH . O  ? ? A HG  193 A HOH 244 1_555 ? ? ? ? ? ? ? 2.900 ? ? 
metalc17 metalc ? ? D HG  .   HG  ? ? ? 1_555 F HOH . O  ? ? A HG  193 A HOH 246 1_555 ? ? ? ? ? ? ? 2.603 ? ? 
metalc18 metalc ? ? E HG  .   HG  ? ? ? 1_555 F HOH . O  ? ? A HG  194 A HOH 260 1_555 ? ? ? ? ? ? ? 2.623 ? ? 
metalc19 metalc ? ? E HG  .   HG  ? ? ? 1_555 F HOH . O  ? ? A HG  194 A HOH 282 1_555 ? ? ? ? ? ? ? 2.593 ? ? 
# 
_struct_conn_type.id          metalc 
_struct_conn_type.criteria    ? 
_struct_conn_type.reference   ? 
# 
loop_
_pdbx_struct_conn_angle.id 
_pdbx_struct_conn_angle.ptnr1_label_atom_id 
_pdbx_struct_conn_angle.ptnr1_label_alt_id 
_pdbx_struct_conn_angle.ptnr1_label_asym_id 
_pdbx_struct_conn_angle.ptnr1_label_comp_id 
_pdbx_struct_conn_angle.ptnr1_label_seq_id 
_pdbx_struct_conn_angle.ptnr1_auth_atom_id 
_pdbx_struct_conn_angle.ptnr1_auth_asym_id 
_pdbx_struct_conn_angle.ptnr1_auth_comp_id 
_pdbx_struct_conn_angle.ptnr1_auth_seq_id 
_pdbx_struct_conn_angle.ptnr1_PDB_ins_code 
_pdbx_struct_conn_angle.ptnr1_symmetry 
_pdbx_struct_conn_angle.ptnr2_label_atom_id 
_pdbx_struct_conn_angle.ptnr2_label_alt_id 
_pdbx_struct_conn_angle.ptnr2_label_asym_id 
_pdbx_struct_conn_angle.ptnr2_label_comp_id 
_pdbx_struct_conn_angle.ptnr2_label_seq_id 
_pdbx_struct_conn_angle.ptnr2_auth_atom_id 
_pdbx_struct_conn_angle.ptnr2_auth_asym_id 
_pdbx_struct_conn_angle.ptnr2_auth_comp_id 
_pdbx_struct_conn_angle.ptnr2_auth_seq_id 
_pdbx_struct_conn_angle.ptnr2_PDB_ins_code 
_pdbx_struct_conn_angle.ptnr2_symmetry 
_pdbx_struct_conn_angle.ptnr3_label_atom_id 
_pdbx_struct_conn_angle.ptnr3_label_alt_id 
_pdbx_struct_conn_angle.ptnr3_label_asym_id 
_pdbx_struct_conn_angle.ptnr3_label_comp_id 
_pdbx_struct_conn_angle.ptnr3_label_seq_id 
_pdbx_struct_conn_angle.ptnr3_auth_atom_id 
_pdbx_struct_conn_angle.ptnr3_auth_asym_id 
_pdbx_struct_conn_angle.ptnr3_auth_comp_id 
_pdbx_struct_conn_angle.ptnr3_auth_seq_id 
_pdbx_struct_conn_angle.ptnr3_PDB_ins_code 
_pdbx_struct_conn_angle.ptnr3_symmetry 
_pdbx_struct_conn_angle.value 
_pdbx_struct_conn_angle.value_esd 
1  O   ? A TYR 51  ? A TYR 38  ? 1_555 HG ? D HG . ? A HG 193 ? 1_555 SG  ? A CYS 55  ? A CYS 42  ? 1_555 82.0  ? 
2  O   ? A TYR 51  ? A TYR 38  ? 1_555 HG ? D HG . ? A HG 193 ? 1_555 O   ? F HOH .   ? A HOH 228 ? 1_555 124.2 ? 
3  SG  ? A CYS 55  ? A CYS 42  ? 1_555 HG ? D HG . ? A HG 193 ? 1_555 O   ? F HOH .   ? A HOH 228 ? 1_555 142.3 ? 
4  O   ? A TYR 51  ? A TYR 38  ? 1_555 HG ? D HG . ? A HG 193 ? 1_555 O   ? F HOH .   ? A HOH 244 ? 1_555 137.7 ? 
5  SG  ? A CYS 55  ? A CYS 42  ? 1_555 HG ? D HG . ? A HG 193 ? 1_555 O   ? F HOH .   ? A HOH 244 ? 1_555 120.2 ? 
6  O   ? F HOH .   ? A HOH 228 ? 1_555 HG ? D HG . ? A HG 193 ? 1_555 O   ? F HOH .   ? A HOH 244 ? 1_555 60.8  ? 
7  O   ? A TYR 51  ? A TYR 38  ? 1_555 HG ? D HG . ? A HG 193 ? 1_555 O   ? F HOH .   ? A HOH 246 ? 1_555 91.5  ? 
8  SG  ? A CYS 55  ? A CYS 42  ? 1_555 HG ? D HG . ? A HG 193 ? 1_555 O   ? F HOH .   ? A HOH 246 ? 1_555 171.0 ? 
9  O   ? F HOH .   ? A HOH 228 ? 1_555 HG ? D HG . ? A HG 193 ? 1_555 O   ? F HOH .   ? A HOH 246 ? 1_555 46.7  ? 
10 O   ? F HOH .   ? A HOH 244 ? 1_555 HG ? D HG . ? A HG 193 ? 1_555 O   ? F HOH .   ? A HOH 246 ? 1_555 61.3  ? 
11 O   ? A TRP 63  ? A TRP 50  ? 1_555 HG ? C HG . ? A HG 192 ? 1_555 NE1 ? A TRP 63  ? A TRP 50  ? 1_555 96.3  ? 
12 O   ? A TRP 63  ? A TRP 50  ? 1_555 HG ? C HG . ? A HG 192 ? 1_555 OE2 ? A GLU 66  ? A GLU 53  ? 1_555 95.5  ? 
13 NE1 ? A TRP 63  ? A TRP 50  ? 1_555 HG ? C HG . ? A HG 192 ? 1_555 OE2 ? A GLU 66  ? A GLU 53  ? 1_555 96.8  ? 
14 O   ? A TRP 63  ? A TRP 50  ? 1_555 HG ? C HG . ? A HG 192 ? 1_555 SG  ? A CYS 67  ? A CYS 54  ? 1_555 89.7  ? 
15 NE1 ? A TRP 63  ? A TRP 50  ? 1_555 HG ? C HG . ? A HG 192 ? 1_555 SG  ? A CYS 67  ? A CYS 54  ? 1_555 95.5  ? 
16 OE2 ? A GLU 66  ? A GLU 53  ? 1_555 HG ? C HG . ? A HG 192 ? 1_555 SG  ? A CYS 67  ? A CYS 54  ? 1_555 166.0 ? 
17 O   ? A TRP 63  ? A TRP 50  ? 1_555 HG ? C HG . ? A HG 192 ? 1_555 N   ? A CYS 67  ? A CYS 54  ? 1_555 57.6  ? 
18 NE1 ? A TRP 63  ? A TRP 50  ? 1_555 HG ? C HG . ? A HG 192 ? 1_555 N   ? A CYS 67  ? A CYS 54  ? 1_555 151.4 ? 
19 OE2 ? A GLU 66  ? A GLU 53  ? 1_555 HG ? C HG . ? A HG 192 ? 1_555 N   ? A CYS 67  ? A CYS 54  ? 1_555 97.1  ? 
20 SG  ? A CYS 67  ? A CYS 54  ? 1_555 HG ? C HG . ? A HG 192 ? 1_555 N   ? A CYS 67  ? A CYS 54  ? 1_555 74.8  ? 
21 O   ? A TRP 63  ? A TRP 50  ? 1_555 HG ? C HG . ? A HG 192 ? 1_555 O   ? F HOH .   ? A HOH 263 ? 1_555 113.5 ? 
22 NE1 ? A TRP 63  ? A TRP 50  ? 1_555 HG ? C HG . ? A HG 192 ? 1_555 O   ? F HOH .   ? A HOH 263 ? 1_555 149.9 ? 
23 OE2 ? A GLU 66  ? A GLU 53  ? 1_555 HG ? C HG . ? A HG 192 ? 1_555 O   ? F HOH .   ? A HOH 263 ? 1_555 76.7  ? 
24 SG  ? A CYS 67  ? A CYS 54  ? 1_555 HG ? C HG . ? A HG 192 ? 1_555 O   ? F HOH .   ? A HOH 263 ? 1_555 89.3  ? 
25 N   ? A CYS 67  ? A CYS 54  ? 1_555 HG ? C HG . ? A HG 192 ? 1_555 O   ? F HOH .   ? A HOH 263 ? 1_555 58.2  ? 
26 NE2 ? A HIS 113 ? A HIS 100 ? 1_555 HG ? E HG . ? A HG 194 ? 1_555 O   ? F HOH .   ? A HOH 260 ? 1_555 109.7 ? 
27 NE2 ? A HIS 113 ? A HIS 100 ? 1_555 HG ? E HG . ? A HG 194 ? 1_555 O   ? F HOH .   ? A HOH 282 ? 1_555 107.7 ? 
28 O   ? F HOH .   ? A HOH 260 ? 1_555 HG ? E HG . ? A HG 194 ? 1_555 O   ? F HOH .   ? A HOH 282 ? 1_555 141.4 ? 
29 O   ? A PHE 133 ? A PHE 120 ? 1_555 HG ? B HG . ? A HG 191 ? 1_555 ND1 ? A HIS 134 ? A HIS 121 ? 1_555 78.3  ? 
30 O   ? A PHE 133 ? A PHE 120 ? 1_555 HG ? B HG . ? A HG 191 ? 1_555 SG  ? A CYS 152 ? A CYS 139 ? 1_555 87.5  ? 
31 ND1 ? A HIS 134 ? A HIS 121 ? 1_555 HG ? B HG . ? A HG 191 ? 1_555 SG  ? A CYS 152 ? A CYS 139 ? 1_555 109.0 ? 
32 O   ? A PHE 133 ? A PHE 120 ? 1_555 HG ? B HG . ? A HG 191 ? 1_555 O   ? A CYS 152 ? A CYS 139 ? 1_555 91.6  ? 
33 ND1 ? A HIS 134 ? A HIS 121 ? 1_555 HG ? B HG . ? A HG 191 ? 1_555 O   ? A CYS 152 ? A CYS 139 ? 1_555 167.3 ? 
34 SG  ? A CYS 152 ? A CYS 139 ? 1_555 HG ? B HG . ? A HG 191 ? 1_555 O   ? A CYS 152 ? A CYS 139 ? 1_555 77.8  ? 
35 O   ? A PHE 133 ? A PHE 120 ? 1_555 HG ? B HG . ? A HG 191 ? 1_555 O   ? F HOH .   ? A HOH 236 ? 1_555 106.3 ? 
36 ND1 ? A HIS 134 ? A HIS 121 ? 1_555 HG ? B HG . ? A HG 191 ? 1_555 O   ? F HOH .   ? A HOH 236 ? 1_555 83.3  ? 
37 SG  ? A CYS 152 ? A CYS 139 ? 1_555 HG ? B HG . ? A HG 191 ? 1_555 O   ? F HOH .   ? A HOH 236 ? 1_555 163.5 ? 
38 O   ? A CYS 152 ? A CYS 139 ? 1_555 HG ? B HG . ? A HG 191 ? 1_555 O   ? F HOH .   ? A HOH 236 ? 1_555 92.3  ? 
# 
loop_
_struct_site.id 
_struct_site.pdbx_evidence_code 
_struct_site.pdbx_auth_asym_id 
_struct_site.pdbx_auth_comp_id 
_struct_site.pdbx_auth_seq_id 
_struct_site.pdbx_auth_ins_code 
_struct_site.pdbx_num_residues 
_struct_site.details 
AC1 Software A HG 191 ? 4 'BINDING SITE FOR RESIDUE HG A 191' 
AC2 Software A HG 192 ? 3 'BINDING SITE FOR RESIDUE HG A 192' 
AC3 Software A HG 193 ? 4 'BINDING SITE FOR RESIDUE HG A 193' 
AC4 Software A HG 194 ? 4 'BINDING SITE FOR RESIDUE HG A 194' 
# 
loop_
_struct_site_gen.id 
_struct_site_gen.site_id 
_struct_site_gen.pdbx_num_res 
_struct_site_gen.label_comp_id 
_struct_site_gen.label_asym_id 
_struct_site_gen.label_seq_id 
_struct_site_gen.pdbx_auth_ins_code 
_struct_site_gen.auth_comp_id 
_struct_site_gen.auth_asym_id 
_struct_site_gen.auth_seq_id 
_struct_site_gen.label_atom_id 
_struct_site_gen.label_alt_id 
_struct_site_gen.symmetry 
_struct_site_gen.details 
1  AC1 4 PHE A 133 ? PHE A 120 . ? 1_555 ? 
2  AC1 4 HIS A 134 ? HIS A 121 . ? 1_555 ? 
3  AC1 4 CYS A 152 ? CYS A 139 . ? 1_555 ? 
4  AC1 4 HOH F .   ? HOH A 236 . ? 1_555 ? 
5  AC2 3 TRP A 63  ? TRP A 50  . ? 1_555 ? 
6  AC2 3 GLU A 66  ? GLU A 53  . ? 1_555 ? 
7  AC2 3 CYS A 67  ? CYS A 54  . ? 1_555 ? 
8  AC3 4 TYR A 51  ? TYR A 38  . ? 1_555 ? 
9  AC3 4 CYS A 55  ? CYS A 42  . ? 1_555 ? 
10 AC3 4 HOH F .   ? HOH A 244 . ? 1_555 ? 
11 AC3 4 HOH F .   ? HOH A 246 . ? 1_555 ? 
12 AC4 4 PHE A 111 ? PHE A 98  . ? 1_555 ? 
13 AC4 4 HIS A 113 ? HIS A 100 . ? 1_555 ? 
14 AC4 4 HOH F .   ? HOH A 260 . ? 1_555 ? 
15 AC4 4 HOH F .   ? HOH A 282 . ? 1_555 ? 
# 
loop_
_pdbx_validate_torsion.id 
_pdbx_validate_torsion.PDB_model_num 
_pdbx_validate_torsion.auth_comp_id 
_pdbx_validate_torsion.auth_asym_id 
_pdbx_validate_torsion.auth_seq_id 
_pdbx_validate_torsion.PDB_ins_code 
_pdbx_validate_torsion.label_alt_id 
_pdbx_validate_torsion.phi 
_pdbx_validate_torsion.psi 
1 1 TYR A 92  ? ? -157.96 23.10 
2 1 ASN A 132 ? ? -155.56 62.90 
3 1 ASP A 151 ? ? 39.23   50.41 
# 
loop_
_pdbx_unobs_or_zero_occ_residues.id 
_pdbx_unobs_or_zero_occ_residues.PDB_model_num 
_pdbx_unobs_or_zero_occ_residues.polymer_flag 
_pdbx_unobs_or_zero_occ_residues.occupancy_flag 
_pdbx_unobs_or_zero_occ_residues.auth_asym_id 
_pdbx_unobs_or_zero_occ_residues.auth_comp_id 
_pdbx_unobs_or_zero_occ_residues.auth_seq_id 
_pdbx_unobs_or_zero_occ_residues.PDB_ins_code 
_pdbx_unobs_or_zero_occ_residues.label_asym_id 
_pdbx_unobs_or_zero_occ_residues.label_comp_id 
_pdbx_unobs_or_zero_occ_residues.label_seq_id 
1  1 Y 1 A GLY -12 ? A GLY 1  
2  1 Y 1 A SER -11 ? A SER 2  
3  1 Y 1 A PRO -10 ? A PRO 3  
4  1 Y 1 A GLY -9  ? A GLY 4  
5  1 Y 1 A ILE -8  ? A ILE 5  
6  1 Y 1 A SER -7  ? A SER 6  
7  1 Y 1 A GLY -6  ? A GLY 7  
8  1 Y 1 A GLY -5  ? A GLY 8  
9  1 Y 1 A GLY -4  ? A GLY 9  
10 1 Y 1 A GLY -3  ? A GLY 10 
11 1 Y 1 A GLY -2  ? A GLY 11 
12 1 Y 1 A ILE -1  ? A ILE 12 
13 1 Y 1 A LEU 0   ? A LEU 13 
14 1 Y 1 A MET 1   ? A MET 14 
15 1 Y 1 A ASP 2   ? A ASP 15 
16 1 Y 1 A VAL 3   ? A VAL 16 
17 1 Y 1 A ASN 4   ? A ASN 17 
18 1 Y 1 A VAL 5   ? A VAL 18 
19 1 Y 1 A GLY 6   ? A GLY 19 
20 1 Y 1 A LEU 7   ? A LEU 20 
21 1 Y 1 A SER 8   ? A SER 21 
22 1 Y 1 A ARG 9   ? A ARG 22 
23 1 Y 1 A LEU 10  ? A LEU 23 
24 1 Y 1 A GLN 11  ? A GLN 24 
25 1 Y 1 A SER 12  ? A SER 25 
26 1 Y 1 A GLN 13  ? A GLN 26 
27 1 Y 1 A ALA 14  ? A ALA 27 
28 1 Y 1 A GLY 15  ? A GLY 28 
29 1 Y 1 A ALA 16  ? A ALA 29 
30 1 Y 1 A PRO 17  ? A PRO 30 
31 1 Y 1 A VAL 18  ? A VAL 31 
32 1 Y 1 A GLY 19  ? A GLY 32 
33 1 Y 1 A THR 20  ? A THR 33 
34 1 Y 1 A LYS 21  ? A LYS 34 
35 1 Y 1 A GLY 22  ? A GLY 35 
36 1 Y 1 A SER 23  ? A SER 36 
37 1 Y 1 A ASN 24  ? A ASN 37 
38 1 Y 1 A THR 25  ? A THR 38 
39 1 Y 1 A ARG 26  ? A ARG 39 
40 1 Y 1 A LEU 27  ? A LEU 40 
41 1 Y 1 A ALA 28  ? A ALA 41 
42 1 Y 1 A ALA 29  ? A ALA 42 
43 1 Y 1 A LYS 30  ? A LYS 43 
44 1 Y 1 A GLN 31  ? A GLN 44 
# 
loop_
_chem_comp_atom.comp_id 
_chem_comp_atom.atom_id 
_chem_comp_atom.type_symbol 
_chem_comp_atom.pdbx_aromatic_flag 
_chem_comp_atom.pdbx_stereo_config 
_chem_comp_atom.pdbx_ordinal 
ALA N    N  N N 1   
ALA CA   C  N S 2   
ALA C    C  N N 3   
ALA O    O  N N 4   
ALA CB   C  N N 5   
ALA OXT  O  N N 6   
ALA H    H  N N 7   
ALA H2   H  N N 8   
ALA HA   H  N N 9   
ALA HB1  H  N N 10  
ALA HB2  H  N N 11  
ALA HB3  H  N N 12  
ALA HXT  H  N N 13  
ARG N    N  N N 14  
ARG CA   C  N S 15  
ARG C    C  N N 16  
ARG O    O  N N 17  
ARG CB   C  N N 18  
ARG CG   C  N N 19  
ARG CD   C  N N 20  
ARG NE   N  N N 21  
ARG CZ   C  N N 22  
ARG NH1  N  N N 23  
ARG NH2  N  N N 24  
ARG OXT  O  N N 25  
ARG H    H  N N 26  
ARG H2   H  N N 27  
ARG HA   H  N N 28  
ARG HB2  H  N N 29  
ARG HB3  H  N N 30  
ARG HG2  H  N N 31  
ARG HG3  H  N N 32  
ARG HD2  H  N N 33  
ARG HD3  H  N N 34  
ARG HE   H  N N 35  
ARG HH11 H  N N 36  
ARG HH12 H  N N 37  
ARG HH21 H  N N 38  
ARG HH22 H  N N 39  
ARG HXT  H  N N 40  
ASN N    N  N N 41  
ASN CA   C  N S 42  
ASN C    C  N N 43  
ASN O    O  N N 44  
ASN CB   C  N N 45  
ASN CG   C  N N 46  
ASN OD1  O  N N 47  
ASN ND2  N  N N 48  
ASN OXT  O  N N 49  
ASN H    H  N N 50  
ASN H2   H  N N 51  
ASN HA   H  N N 52  
ASN HB2  H  N N 53  
ASN HB3  H  N N 54  
ASN HD21 H  N N 55  
ASN HD22 H  N N 56  
ASN HXT  H  N N 57  
ASP N    N  N N 58  
ASP CA   C  N S 59  
ASP C    C  N N 60  
ASP O    O  N N 61  
ASP CB   C  N N 62  
ASP CG   C  N N 63  
ASP OD1  O  N N 64  
ASP OD2  O  N N 65  
ASP OXT  O  N N 66  
ASP H    H  N N 67  
ASP H2   H  N N 68  
ASP HA   H  N N 69  
ASP HB2  H  N N 70  
ASP HB3  H  N N 71  
ASP HD2  H  N N 72  
ASP HXT  H  N N 73  
CYS N    N  N N 74  
CYS CA   C  N R 75  
CYS C    C  N N 76  
CYS O    O  N N 77  
CYS CB   C  N N 78  
CYS SG   S  N N 79  
CYS OXT  O  N N 80  
CYS H    H  N N 81  
CYS H2   H  N N 82  
CYS HA   H  N N 83  
CYS HB2  H  N N 84  
CYS HB3  H  N N 85  
CYS HG   H  N N 86  
CYS HXT  H  N N 87  
GLN N    N  N N 88  
GLN CA   C  N S 89  
GLN C    C  N N 90  
GLN O    O  N N 91  
GLN CB   C  N N 92  
GLN CG   C  N N 93  
GLN CD   C  N N 94  
GLN OE1  O  N N 95  
GLN NE2  N  N N 96  
GLN OXT  O  N N 97  
GLN H    H  N N 98  
GLN H2   H  N N 99  
GLN HA   H  N N 100 
GLN HB2  H  N N 101 
GLN HB3  H  N N 102 
GLN HG2  H  N N 103 
GLN HG3  H  N N 104 
GLN HE21 H  N N 105 
GLN HE22 H  N N 106 
GLN HXT  H  N N 107 
GLU N    N  N N 108 
GLU CA   C  N S 109 
GLU C    C  N N 110 
GLU O    O  N N 111 
GLU CB   C  N N 112 
GLU CG   C  N N 113 
GLU CD   C  N N 114 
GLU OE1  O  N N 115 
GLU OE2  O  N N 116 
GLU OXT  O  N N 117 
GLU H    H  N N 118 
GLU H2   H  N N 119 
GLU HA   H  N N 120 
GLU HB2  H  N N 121 
GLU HB3  H  N N 122 
GLU HG2  H  N N 123 
GLU HG3  H  N N 124 
GLU HE2  H  N N 125 
GLU HXT  H  N N 126 
GLY N    N  N N 127 
GLY CA   C  N N 128 
GLY C    C  N N 129 
GLY O    O  N N 130 
GLY OXT  O  N N 131 
GLY H    H  N N 132 
GLY H2   H  N N 133 
GLY HA2  H  N N 134 
GLY HA3  H  N N 135 
GLY HXT  H  N N 136 
HG  HG   HG N N 137 
HIS N    N  N N 138 
HIS CA   C  N S 139 
HIS C    C  N N 140 
HIS O    O  N N 141 
HIS CB   C  N N 142 
HIS CG   C  Y N 143 
HIS ND1  N  Y N 144 
HIS CD2  C  Y N 145 
HIS CE1  C  Y N 146 
HIS NE2  N  Y N 147 
HIS OXT  O  N N 148 
HIS H    H  N N 149 
HIS H2   H  N N 150 
HIS HA   H  N N 151 
HIS HB2  H  N N 152 
HIS HB3  H  N N 153 
HIS HD1  H  N N 154 
HIS HD2  H  N N 155 
HIS HE1  H  N N 156 
HIS HE2  H  N N 157 
HIS HXT  H  N N 158 
HOH O    O  N N 159 
HOH H1   H  N N 160 
HOH H2   H  N N 161 
ILE N    N  N N 162 
ILE CA   C  N S 163 
ILE C    C  N N 164 
ILE O    O  N N 165 
ILE CB   C  N S 166 
ILE CG1  C  N N 167 
ILE CG2  C  N N 168 
ILE CD1  C  N N 169 
ILE OXT  O  N N 170 
ILE H    H  N N 171 
ILE H2   H  N N 172 
ILE HA   H  N N 173 
ILE HB   H  N N 174 
ILE HG12 H  N N 175 
ILE HG13 H  N N 176 
ILE HG21 H  N N 177 
ILE HG22 H  N N 178 
ILE HG23 H  N N 179 
ILE HD11 H  N N 180 
ILE HD12 H  N N 181 
ILE HD13 H  N N 182 
ILE HXT  H  N N 183 
LEU N    N  N N 184 
LEU CA   C  N S 185 
LEU C    C  N N 186 
LEU O    O  N N 187 
LEU CB   C  N N 188 
LEU CG   C  N N 189 
LEU CD1  C  N N 190 
LEU CD2  C  N N 191 
LEU OXT  O  N N 192 
LEU H    H  N N 193 
LEU H2   H  N N 194 
LEU HA   H  N N 195 
LEU HB2  H  N N 196 
LEU HB3  H  N N 197 
LEU HG   H  N N 198 
LEU HD11 H  N N 199 
LEU HD12 H  N N 200 
LEU HD13 H  N N 201 
LEU HD21 H  N N 202 
LEU HD22 H  N N 203 
LEU HD23 H  N N 204 
LEU HXT  H  N N 205 
LYS N    N  N N 206 
LYS CA   C  N S 207 
LYS C    C  N N 208 
LYS O    O  N N 209 
LYS CB   C  N N 210 
LYS CG   C  N N 211 
LYS CD   C  N N 212 
LYS CE   C  N N 213 
LYS NZ   N  N N 214 
LYS OXT  O  N N 215 
LYS H    H  N N 216 
LYS H2   H  N N 217 
LYS HA   H  N N 218 
LYS HB2  H  N N 219 
LYS HB3  H  N N 220 
LYS HG2  H  N N 221 
LYS HG3  H  N N 222 
LYS HD2  H  N N 223 
LYS HD3  H  N N 224 
LYS HE2  H  N N 225 
LYS HE3  H  N N 226 
LYS HZ1  H  N N 227 
LYS HZ2  H  N N 228 
LYS HZ3  H  N N 229 
LYS HXT  H  N N 230 
MET N    N  N N 231 
MET CA   C  N S 232 
MET C    C  N N 233 
MET O    O  N N 234 
MET CB   C  N N 235 
MET CG   C  N N 236 
MET SD   S  N N 237 
MET CE   C  N N 238 
MET OXT  O  N N 239 
MET H    H  N N 240 
MET H2   H  N N 241 
MET HA   H  N N 242 
MET HB2  H  N N 243 
MET HB3  H  N N 244 
MET HG2  H  N N 245 
MET HG3  H  N N 246 
MET HE1  H  N N 247 
MET HE2  H  N N 248 
MET HE3  H  N N 249 
MET HXT  H  N N 250 
PHE N    N  N N 251 
PHE CA   C  N S 252 
PHE C    C  N N 253 
PHE O    O  N N 254 
PHE CB   C  N N 255 
PHE CG   C  Y N 256 
PHE CD1  C  Y N 257 
PHE CD2  C  Y N 258 
PHE CE1  C  Y N 259 
PHE CE2  C  Y N 260 
PHE CZ   C  Y N 261 
PHE OXT  O  N N 262 
PHE H    H  N N 263 
PHE H2   H  N N 264 
PHE HA   H  N N 265 
PHE HB2  H  N N 266 
PHE HB3  H  N N 267 
PHE HD1  H  N N 268 
PHE HD2  H  N N 269 
PHE HE1  H  N N 270 
PHE HE2  H  N N 271 
PHE HZ   H  N N 272 
PHE HXT  H  N N 273 
PRO N    N  N N 274 
PRO CA   C  N S 275 
PRO C    C  N N 276 
PRO O    O  N N 277 
PRO CB   C  N N 278 
PRO CG   C  N N 279 
PRO CD   C  N N 280 
PRO OXT  O  N N 281 
PRO H    H  N N 282 
PRO HA   H  N N 283 
PRO HB2  H  N N 284 
PRO HB3  H  N N 285 
PRO HG2  H  N N 286 
PRO HG3  H  N N 287 
PRO HD2  H  N N 288 
PRO HD3  H  N N 289 
PRO HXT  H  N N 290 
SER N    N  N N 291 
SER CA   C  N S 292 
SER C    C  N N 293 
SER O    O  N N 294 
SER CB   C  N N 295 
SER OG   O  N N 296 
SER OXT  O  N N 297 
SER H    H  N N 298 
SER H2   H  N N 299 
SER HA   H  N N 300 
SER HB2  H  N N 301 
SER HB3  H  N N 302 
SER HG   H  N N 303 
SER HXT  H  N N 304 
THR N    N  N N 305 
THR CA   C  N S 306 
THR C    C  N N 307 
THR O    O  N N 308 
THR CB   C  N R 309 
THR OG1  O  N N 310 
THR CG2  C  N N 311 
THR OXT  O  N N 312 
THR H    H  N N 313 
THR H2   H  N N 314 
THR HA   H  N N 315 
THR HB   H  N N 316 
THR HG1  H  N N 317 
THR HG21 H  N N 318 
THR HG22 H  N N 319 
THR HG23 H  N N 320 
THR HXT  H  N N 321 
TRP N    N  N N 322 
TRP CA   C  N S 323 
TRP C    C  N N 324 
TRP O    O  N N 325 
TRP CB   C  N N 326 
TRP CG   C  Y N 327 
TRP CD1  C  Y N 328 
TRP CD2  C  Y N 329 
TRP NE1  N  Y N 330 
TRP CE2  C  Y N 331 
TRP CE3  C  Y N 332 
TRP CZ2  C  Y N 333 
TRP CZ3  C  Y N 334 
TRP CH2  C  Y N 335 
TRP OXT  O  N N 336 
TRP H    H  N N 337 
TRP H2   H  N N 338 
TRP HA   H  N N 339 
TRP HB2  H  N N 340 
TRP HB3  H  N N 341 
TRP HD1  H  N N 342 
TRP HE1  H  N N 343 
TRP HE3  H  N N 344 
TRP HZ2  H  N N 345 
TRP HZ3  H  N N 346 
TRP HH2  H  N N 347 
TRP HXT  H  N N 348 
TYR N    N  N N 349 
TYR CA   C  N S 350 
TYR C    C  N N 351 
TYR O    O  N N 352 
TYR CB   C  N N 353 
TYR CG   C  Y N 354 
TYR CD1  C  Y N 355 
TYR CD2  C  Y N 356 
TYR CE1  C  Y N 357 
TYR CE2  C  Y N 358 
TYR CZ   C  Y N 359 
TYR OH   O  N N 360 
TYR OXT  O  N N 361 
TYR H    H  N N 362 
TYR H2   H  N N 363 
TYR HA   H  N N 364 
TYR HB2  H  N N 365 
TYR HB3  H  N N 366 
TYR HD1  H  N N 367 
TYR HD2  H  N N 368 
TYR HE1  H  N N 369 
TYR HE2  H  N N 370 
TYR HH   H  N N 371 
TYR HXT  H  N N 372 
VAL N    N  N N 373 
VAL CA   C  N S 374 
VAL C    C  N N 375 
VAL O    O  N N 376 
VAL CB   C  N N 377 
VAL CG1  C  N N 378 
VAL CG2  C  N N 379 
VAL OXT  O  N N 380 
VAL H    H  N N 381 
VAL H2   H  N N 382 
VAL HA   H  N N 383 
VAL HB   H  N N 384 
VAL HG11 H  N N 385 
VAL HG12 H  N N 386 
VAL HG13 H  N N 387 
VAL HG21 H  N N 388 
VAL HG22 H  N N 389 
VAL HG23 H  N N 390 
VAL HXT  H  N N 391 
# 
loop_
_chem_comp_bond.comp_id 
_chem_comp_bond.atom_id_1 
_chem_comp_bond.atom_id_2 
_chem_comp_bond.value_order 
_chem_comp_bond.pdbx_aromatic_flag 
_chem_comp_bond.pdbx_stereo_config 
_chem_comp_bond.pdbx_ordinal 
ALA N   CA   sing N N 1   
ALA N   H    sing N N 2   
ALA N   H2   sing N N 3   
ALA CA  C    sing N N 4   
ALA CA  CB   sing N N 5   
ALA CA  HA   sing N N 6   
ALA C   O    doub N N 7   
ALA C   OXT  sing N N 8   
ALA CB  HB1  sing N N 9   
ALA CB  HB2  sing N N 10  
ALA CB  HB3  sing N N 11  
ALA OXT HXT  sing N N 12  
ARG N   CA   sing N N 13  
ARG N   H    sing N N 14  
ARG N   H2   sing N N 15  
ARG CA  C    sing N N 16  
ARG CA  CB   sing N N 17  
ARG CA  HA   sing N N 18  
ARG C   O    doub N N 19  
ARG C   OXT  sing N N 20  
ARG CB  CG   sing N N 21  
ARG CB  HB2  sing N N 22  
ARG CB  HB3  sing N N 23  
ARG CG  CD   sing N N 24  
ARG CG  HG2  sing N N 25  
ARG CG  HG3  sing N N 26  
ARG CD  NE   sing N N 27  
ARG CD  HD2  sing N N 28  
ARG CD  HD3  sing N N 29  
ARG NE  CZ   sing N N 30  
ARG NE  HE   sing N N 31  
ARG CZ  NH1  sing N N 32  
ARG CZ  NH2  doub N N 33  
ARG NH1 HH11 sing N N 34  
ARG NH1 HH12 sing N N 35  
ARG NH2 HH21 sing N N 36  
ARG NH2 HH22 sing N N 37  
ARG OXT HXT  sing N N 38  
ASN N   CA   sing N N 39  
ASN N   H    sing N N 40  
ASN N   H2   sing N N 41  
ASN CA  C    sing N N 42  
ASN CA  CB   sing N N 43  
ASN CA  HA   sing N N 44  
ASN C   O    doub N N 45  
ASN C   OXT  sing N N 46  
ASN CB  CG   sing N N 47  
ASN CB  HB2  sing N N 48  
ASN CB  HB3  sing N N 49  
ASN CG  OD1  doub N N 50  
ASN CG  ND2  sing N N 51  
ASN ND2 HD21 sing N N 52  
ASN ND2 HD22 sing N N 53  
ASN OXT HXT  sing N N 54  
ASP N   CA   sing N N 55  
ASP N   H    sing N N 56  
ASP N   H2   sing N N 57  
ASP CA  C    sing N N 58  
ASP CA  CB   sing N N 59  
ASP CA  HA   sing N N 60  
ASP C   O    doub N N 61  
ASP C   OXT  sing N N 62  
ASP CB  CG   sing N N 63  
ASP CB  HB2  sing N N 64  
ASP CB  HB3  sing N N 65  
ASP CG  OD1  doub N N 66  
ASP CG  OD2  sing N N 67  
ASP OD2 HD2  sing N N 68  
ASP OXT HXT  sing N N 69  
CYS N   CA   sing N N 70  
CYS N   H    sing N N 71  
CYS N   H2   sing N N 72  
CYS CA  C    sing N N 73  
CYS CA  CB   sing N N 74  
CYS CA  HA   sing N N 75  
CYS C   O    doub N N 76  
CYS C   OXT  sing N N 77  
CYS CB  SG   sing N N 78  
CYS CB  HB2  sing N N 79  
CYS CB  HB3  sing N N 80  
CYS SG  HG   sing N N 81  
CYS OXT HXT  sing N N 82  
GLN N   CA   sing N N 83  
GLN N   H    sing N N 84  
GLN N   H2   sing N N 85  
GLN CA  C    sing N N 86  
GLN CA  CB   sing N N 87  
GLN CA  HA   sing N N 88  
GLN C   O    doub N N 89  
GLN C   OXT  sing N N 90  
GLN CB  CG   sing N N 91  
GLN CB  HB2  sing N N 92  
GLN CB  HB3  sing N N 93  
GLN CG  CD   sing N N 94  
GLN CG  HG2  sing N N 95  
GLN CG  HG3  sing N N 96  
GLN CD  OE1  doub N N 97  
GLN CD  NE2  sing N N 98  
GLN NE2 HE21 sing N N 99  
GLN NE2 HE22 sing N N 100 
GLN OXT HXT  sing N N 101 
GLU N   CA   sing N N 102 
GLU N   H    sing N N 103 
GLU N   H2   sing N N 104 
GLU CA  C    sing N N 105 
GLU CA  CB   sing N N 106 
GLU CA  HA   sing N N 107 
GLU C   O    doub N N 108 
GLU C   OXT  sing N N 109 
GLU CB  CG   sing N N 110 
GLU CB  HB2  sing N N 111 
GLU CB  HB3  sing N N 112 
GLU CG  CD   sing N N 113 
GLU CG  HG2  sing N N 114 
GLU CG  HG3  sing N N 115 
GLU CD  OE1  doub N N 116 
GLU CD  OE2  sing N N 117 
GLU OE2 HE2  sing N N 118 
GLU OXT HXT  sing N N 119 
GLY N   CA   sing N N 120 
GLY N   H    sing N N 121 
GLY N   H2   sing N N 122 
GLY CA  C    sing N N 123 
GLY CA  HA2  sing N N 124 
GLY CA  HA3  sing N N 125 
GLY C   O    doub N N 126 
GLY C   OXT  sing N N 127 
GLY OXT HXT  sing N N 128 
HIS N   CA   sing N N 129 
HIS N   H    sing N N 130 
HIS N   H2   sing N N 131 
HIS CA  C    sing N N 132 
HIS CA  CB   sing N N 133 
HIS CA  HA   sing N N 134 
HIS C   O    doub N N 135 
HIS C   OXT  sing N N 136 
HIS CB  CG   sing N N 137 
HIS CB  HB2  sing N N 138 
HIS CB  HB3  sing N N 139 
HIS CG  ND1  sing Y N 140 
HIS CG  CD2  doub Y N 141 
HIS ND1 CE1  doub Y N 142 
HIS ND1 HD1  sing N N 143 
HIS CD2 NE2  sing Y N 144 
HIS CD2 HD2  sing N N 145 
HIS CE1 NE2  sing Y N 146 
HIS CE1 HE1  sing N N 147 
HIS NE2 HE2  sing N N 148 
HIS OXT HXT  sing N N 149 
HOH O   H1   sing N N 150 
HOH O   H2   sing N N 151 
ILE N   CA   sing N N 152 
ILE N   H    sing N N 153 
ILE N   H2   sing N N 154 
ILE CA  C    sing N N 155 
ILE CA  CB   sing N N 156 
ILE CA  HA   sing N N 157 
ILE C   O    doub N N 158 
ILE C   OXT  sing N N 159 
ILE CB  CG1  sing N N 160 
ILE CB  CG2  sing N N 161 
ILE CB  HB   sing N N 162 
ILE CG1 CD1  sing N N 163 
ILE CG1 HG12 sing N N 164 
ILE CG1 HG13 sing N N 165 
ILE CG2 HG21 sing N N 166 
ILE CG2 HG22 sing N N 167 
ILE CG2 HG23 sing N N 168 
ILE CD1 HD11 sing N N 169 
ILE CD1 HD12 sing N N 170 
ILE CD1 HD13 sing N N 171 
ILE OXT HXT  sing N N 172 
LEU N   CA   sing N N 173 
LEU N   H    sing N N 174 
LEU N   H2   sing N N 175 
LEU CA  C    sing N N 176 
LEU CA  CB   sing N N 177 
LEU CA  HA   sing N N 178 
LEU C   O    doub N N 179 
LEU C   OXT  sing N N 180 
LEU CB  CG   sing N N 181 
LEU CB  HB2  sing N N 182 
LEU CB  HB3  sing N N 183 
LEU CG  CD1  sing N N 184 
LEU CG  CD2  sing N N 185 
LEU CG  HG   sing N N 186 
LEU CD1 HD11 sing N N 187 
LEU CD1 HD12 sing N N 188 
LEU CD1 HD13 sing N N 189 
LEU CD2 HD21 sing N N 190 
LEU CD2 HD22 sing N N 191 
LEU CD2 HD23 sing N N 192 
LEU OXT HXT  sing N N 193 
LYS N   CA   sing N N 194 
LYS N   H    sing N N 195 
LYS N   H2   sing N N 196 
LYS CA  C    sing N N 197 
LYS CA  CB   sing N N 198 
LYS CA  HA   sing N N 199 
LYS C   O    doub N N 200 
LYS C   OXT  sing N N 201 
LYS CB  CG   sing N N 202 
LYS CB  HB2  sing N N 203 
LYS CB  HB3  sing N N 204 
LYS CG  CD   sing N N 205 
LYS CG  HG2  sing N N 206 
LYS CG  HG3  sing N N 207 
LYS CD  CE   sing N N 208 
LYS CD  HD2  sing N N 209 
LYS CD  HD3  sing N N 210 
LYS CE  NZ   sing N N 211 
LYS CE  HE2  sing N N 212 
LYS CE  HE3  sing N N 213 
LYS NZ  HZ1  sing N N 214 
LYS NZ  HZ2  sing N N 215 
LYS NZ  HZ3  sing N N 216 
LYS OXT HXT  sing N N 217 
MET N   CA   sing N N 218 
MET N   H    sing N N 219 
MET N   H2   sing N N 220 
MET CA  C    sing N N 221 
MET CA  CB   sing N N 222 
MET CA  HA   sing N N 223 
MET C   O    doub N N 224 
MET C   OXT  sing N N 225 
MET CB  CG   sing N N 226 
MET CB  HB2  sing N N 227 
MET CB  HB3  sing N N 228 
MET CG  SD   sing N N 229 
MET CG  HG2  sing N N 230 
MET CG  HG3  sing N N 231 
MET SD  CE   sing N N 232 
MET CE  HE1  sing N N 233 
MET CE  HE2  sing N N 234 
MET CE  HE3  sing N N 235 
MET OXT HXT  sing N N 236 
PHE N   CA   sing N N 237 
PHE N   H    sing N N 238 
PHE N   H2   sing N N 239 
PHE CA  C    sing N N 240 
PHE CA  CB   sing N N 241 
PHE CA  HA   sing N N 242 
PHE C   O    doub N N 243 
PHE C   OXT  sing N N 244 
PHE CB  CG   sing N N 245 
PHE CB  HB2  sing N N 246 
PHE CB  HB3  sing N N 247 
PHE CG  CD1  doub Y N 248 
PHE CG  CD2  sing Y N 249 
PHE CD1 CE1  sing Y N 250 
PHE CD1 HD1  sing N N 251 
PHE CD2 CE2  doub Y N 252 
PHE CD2 HD2  sing N N 253 
PHE CE1 CZ   doub Y N 254 
PHE CE1 HE1  sing N N 255 
PHE CE2 CZ   sing Y N 256 
PHE CE2 HE2  sing N N 257 
PHE CZ  HZ   sing N N 258 
PHE OXT HXT  sing N N 259 
PRO N   CA   sing N N 260 
PRO N   CD   sing N N 261 
PRO N   H    sing N N 262 
PRO CA  C    sing N N 263 
PRO CA  CB   sing N N 264 
PRO CA  HA   sing N N 265 
PRO C   O    doub N N 266 
PRO C   OXT  sing N N 267 
PRO CB  CG   sing N N 268 
PRO CB  HB2  sing N N 269 
PRO CB  HB3  sing N N 270 
PRO CG  CD   sing N N 271 
PRO CG  HG2  sing N N 272 
PRO CG  HG3  sing N N 273 
PRO CD  HD2  sing N N 274 
PRO CD  HD3  sing N N 275 
PRO OXT HXT  sing N N 276 
SER N   CA   sing N N 277 
SER N   H    sing N N 278 
SER N   H2   sing N N 279 
SER CA  C    sing N N 280 
SER CA  CB   sing N N 281 
SER CA  HA   sing N N 282 
SER C   O    doub N N 283 
SER C   OXT  sing N N 284 
SER CB  OG   sing N N 285 
SER CB  HB2  sing N N 286 
SER CB  HB3  sing N N 287 
SER OG  HG   sing N N 288 
SER OXT HXT  sing N N 289 
THR N   CA   sing N N 290 
THR N   H    sing N N 291 
THR N   H2   sing N N 292 
THR CA  C    sing N N 293 
THR CA  CB   sing N N 294 
THR CA  HA   sing N N 295 
THR C   O    doub N N 296 
THR C   OXT  sing N N 297 
THR CB  OG1  sing N N 298 
THR CB  CG2  sing N N 299 
THR CB  HB   sing N N 300 
THR OG1 HG1  sing N N 301 
THR CG2 HG21 sing N N 302 
THR CG2 HG22 sing N N 303 
THR CG2 HG23 sing N N 304 
THR OXT HXT  sing N N 305 
TRP N   CA   sing N N 306 
TRP N   H    sing N N 307 
TRP N   H2   sing N N 308 
TRP CA  C    sing N N 309 
TRP CA  CB   sing N N 310 
TRP CA  HA   sing N N 311 
TRP C   O    doub N N 312 
TRP C   OXT  sing N N 313 
TRP CB  CG   sing N N 314 
TRP CB  HB2  sing N N 315 
TRP CB  HB3  sing N N 316 
TRP CG  CD1  doub Y N 317 
TRP CG  CD2  sing Y N 318 
TRP CD1 NE1  sing Y N 319 
TRP CD1 HD1  sing N N 320 
TRP CD2 CE2  doub Y N 321 
TRP CD2 CE3  sing Y N 322 
TRP NE1 CE2  sing Y N 323 
TRP NE1 HE1  sing N N 324 
TRP CE2 CZ2  sing Y N 325 
TRP CE3 CZ3  doub Y N 326 
TRP CE3 HE3  sing N N 327 
TRP CZ2 CH2  doub Y N 328 
TRP CZ2 HZ2  sing N N 329 
TRP CZ3 CH2  sing Y N 330 
TRP CZ3 HZ3  sing N N 331 
TRP CH2 HH2  sing N N 332 
TRP OXT HXT  sing N N 333 
TYR N   CA   sing N N 334 
TYR N   H    sing N N 335 
TYR N   H2   sing N N 336 
TYR CA  C    sing N N 337 
TYR CA  CB   sing N N 338 
TYR CA  HA   sing N N 339 
TYR C   O    doub N N 340 
TYR C   OXT  sing N N 341 
TYR CB  CG   sing N N 342 
TYR CB  HB2  sing N N 343 
TYR CB  HB3  sing N N 344 
TYR CG  CD1  doub Y N 345 
TYR CG  CD2  sing Y N 346 
TYR CD1 CE1  sing Y N 347 
TYR CD1 HD1  sing N N 348 
TYR CD2 CE2  doub Y N 349 
TYR CD2 HD2  sing N N 350 
TYR CE1 CZ   doub Y N 351 
TYR CE1 HE1  sing N N 352 
TYR CE2 CZ   sing Y N 353 
TYR CE2 HE2  sing N N 354 
TYR CZ  OH   sing N N 355 
TYR OH  HH   sing N N 356 
TYR OXT HXT  sing N N 357 
VAL N   CA   sing N N 358 
VAL N   H    sing N N 359 
VAL N   H2   sing N N 360 
VAL CA  C    sing N N 361 
VAL CA  CB   sing N N 362 
VAL CA  HA   sing N N 363 
VAL C   O    doub N N 364 
VAL C   OXT  sing N N 365 
VAL CB  CG1  sing N N 366 
VAL CB  CG2  sing N N 367 
VAL CB  HB   sing N N 368 
VAL CG1 HG11 sing N N 369 
VAL CG1 HG12 sing N N 370 
VAL CG1 HG13 sing N N 371 
VAL CG2 HG21 sing N N 372 
VAL CG2 HG22 sing N N 373 
VAL CG2 HG23 sing N N 374 
VAL OXT HXT  sing N N 375 
# 
_atom_sites.entry_id                    1P5S 
_atom_sites.fract_transf_matrix[1][1]   0.00450046 
_atom_sites.fract_transf_matrix[1][2]   -0.02231752 
_atom_sites.fract_transf_matrix[1][3]   -0.02411812 
_atom_sites.fract_transf_matrix[2][1]   -0.01087703 
_atom_sites.fract_transf_matrix[2][2]   -0.00803465 
_atom_sites.fract_transf_matrix[2][3]   0.00540514 
_atom_sites.fract_transf_matrix[3][1]   -0.01758307 
_atom_sites.fract_transf_matrix[3][2]   0.00972754 
_atom_sites.fract_transf_matrix[3][3]   -0.02092345 
_atom_sites.fract_transf_vector[1]      0.029507 
_atom_sites.fract_transf_vector[2]      0.196207 
_atom_sites.fract_transf_vector[3]      0.483973 
# 
loop_
_atom_type.symbol 
C  
HG 
N  
O  
S  
# 
loop_
_atom_site.group_PDB 
_atom_site.id 
_atom_site.type_symbol 
_atom_site.label_atom_id 
_atom_site.label_alt_id 
_atom_site.label_comp_id 
_atom_site.label_asym_id 
_atom_site.label_entity_id 
_atom_site.label_seq_id 
_atom_site.pdbx_PDB_ins_code 
_atom_site.Cartn_x 
_atom_site.Cartn_y 
_atom_site.Cartn_z 
_atom_site.occupancy 
_atom_site.B_iso_or_equiv 
_atom_site.pdbx_formal_charge 
_atom_site.auth_seq_id 
_atom_site.auth_comp_id 
_atom_site.auth_asym_id 
_atom_site.auth_atom_id 
_atom_site.pdbx_PDB_model_num 
ATOM   1    N  N   . ARG A 1 45  ? 5.699   -5.847  -23.397 1.00 33.60 ? 32  ARG A N   1 
ATOM   2    C  CA  . ARG A 1 45  ? 6.310   -4.492  -23.291 1.00 34.13 ? 32  ARG A CA  1 
ATOM   3    C  C   . ARG A 1 45  ? 6.321   -4.025  -21.840 1.00 32.32 ? 32  ARG A C   1 
ATOM   4    O  O   . ARG A 1 45  ? 5.331   -4.162  -21.114 1.00 25.53 ? 32  ARG A O   1 
ATOM   5    C  CB  . ARG A 1 45  ? 5.548   -3.487  -24.164 1.00 38.81 ? 32  ARG A CB  1 
ATOM   6    C  CG  . ARG A 1 45  ? 6.149   -2.092  -24.199 1.00 45.54 ? 32  ARG A CG  1 
ATOM   7    C  CD  . ARG A 1 45  ? 5.525   -1.248  -25.298 1.00 59.35 ? 32  ARG A CD  1 
ATOM   8    N  NE  . ARG A 1 45  ? 5.858   -1.758  -26.624 1.00 65.55 ? 32  ARG A NE  1 
ATOM   9    C  CZ  . ARG A 1 45  ? 7.065   -1.674  -27.177 1.00 72.28 ? 32  ARG A CZ  1 
ATOM   10   N  NH1 . ARG A 1 45  ? 8.062   -1.097  -26.521 1.00 75.48 ? 32  ARG A NH1 1 
ATOM   11   N  NH2 . ARG A 1 45  ? 7.278   -2.173  -28.387 1.00 72.02 ? 32  ARG A NH2 1 
ATOM   12   N  N   . GLU A 1 46  ? 7.464   -3.478  -21.437 1.00 25.97 ? 33  GLU A N   1 
ATOM   13   C  CA  . GLU A 1 46  ? 7.670   -2.984  -20.090 1.00 26.95 ? 33  GLU A CA  1 
ATOM   14   C  C   . GLU A 1 46  ? 6.811   -1.774  -19.780 1.00 23.32 ? 33  GLU A C   1 
ATOM   15   O  O   . GLU A 1 46  ? 6.351   -1.609  -18.653 1.00 22.93 ? 33  GLU A O   1 
ATOM   16   C  CB  . GLU A 1 46  ? 9.140   -2.625  -19.898 1.00 29.77 ? 33  GLU A CB  1 
ATOM   17   C  CG  . GLU A 1 46  ? 10.082  -3.796  -20.092 1.00 36.44 ? 33  GLU A CG  1 
ATOM   18   C  CD  . GLU A 1 46  ? 11.506  -3.345  -20.329 1.00 37.70 ? 33  GLU A CD  1 
ATOM   19   O  OE1 . GLU A 1 46  ? 11.795  -2.875  -21.448 1.00 39.53 ? 33  GLU A OE1 1 
ATOM   20   O  OE2 . GLU A 1 46  ? 12.326  -3.449  -19.395 1.00 36.86 ? 33  GLU A OE2 1 
ATOM   21   N  N   . THR A 1 47  ? 6.602   -0.925  -20.776 1.00 20.83 ? 34  THR A N   1 
ATOM   22   C  CA  . THR A 1 47  ? 5.807   0.276   -20.577 1.00 24.01 ? 34  THR A CA  1 
ATOM   23   C  C   . THR A 1 47  ? 4.362   -0.079  -20.231 1.00 22.92 ? 34  THR A C   1 
ATOM   24   O  O   . THR A 1 47  ? 3.771   0.514   -19.328 1.00 19.22 ? 34  THR A O   1 
ATOM   25   C  CB  . THR A 1 47  ? 5.837   1.174   -21.828 1.00 22.08 ? 34  THR A CB  1 
ATOM   26   O  OG1 . THR A 1 47  ? 7.189   1.556   -22.103 1.00 28.03 ? 34  THR A OG1 1 
ATOM   27   C  CG2 . THR A 1 47  ? 5.040   2.444   -21.592 1.00 28.91 ? 34  THR A CG2 1 
ATOM   28   N  N   . LEU A 1 48  ? 3.802   -1.045  -20.953 1.00 21.75 ? 35  LEU A N   1 
ATOM   29   C  CA  . LEU A 1 48  ? 2.425   -1.480  -20.718 1.00 22.56 ? 35  LEU A CA  1 
ATOM   30   C  C   . LEU A 1 48  ? 2.292   -2.106  -19.332 1.00 17.81 ? 35  LEU A C   1 
ATOM   31   O  O   . LEU A 1 48  ? 1.293   -1.906  -18.639 1.00 18.48 ? 35  LEU A O   1 
ATOM   32   C  CB  . LEU A 1 48  ? 1.990   -2.485  -21.789 1.00 21.69 ? 35  LEU A CB  1 
ATOM   33   C  CG  . LEU A 1 48  ? 1.755   -1.935  -23.197 1.00 26.31 ? 35  LEU A CG  1 
ATOM   34   C  CD1 . LEU A 1 48  ? 1.431   -3.082  -24.156 1.00 21.94 ? 35  LEU A CD1 1 
ATOM   35   C  CD2 . LEU A 1 48  ? 0.618   -0.917  -23.165 1.00 23.44 ? 35  LEU A CD2 1 
ATOM   36   N  N   . GLN A 1 49  ? 3.307   -2.864  -18.939 1.00 17.53 ? 36  GLN A N   1 
ATOM   37   C  CA  . GLN A 1 49  ? 3.336   -3.498  -17.626 1.00 18.19 ? 36  GLN A CA  1 
ATOM   38   C  C   . GLN A 1 49  ? 3.422   -2.423  -16.539 1.00 17.81 ? 36  GLN A C   1 
ATOM   39   O  O   . GLN A 1 49  ? 2.766   -2.524  -15.505 1.00 17.91 ? 36  GLN A O   1 
ATOM   40   C  CB  . GLN A 1 49  ? 4.530   -4.454  -17.532 1.00 14.99 ? 36  GLN A CB  1 
ATOM   41   C  CG  . GLN A 1 49  ? 4.786   -5.024  -16.147 1.00 20.21 ? 36  GLN A CG  1 
ATOM   42   C  CD  . GLN A 1 49  ? 6.007   -5.941  -16.097 1.00 23.27 ? 36  GLN A CD  1 
ATOM   43   O  OE1 . GLN A 1 49  ? 7.019   -5.682  -16.752 1.00 21.34 ? 36  GLN A OE1 1 
ATOM   44   N  NE2 . GLN A 1 49  ? 5.919   -7.010  -15.304 1.00 21.70 ? 36  GLN A NE2 1 
ATOM   45   N  N   . ALA A 1 50  ? 4.229   -1.394  -16.793 1.00 17.89 ? 37  ALA A N   1 
ATOM   46   C  CA  . ALA A 1 50  ? 4.415   -0.297  -15.851 1.00 18.08 ? 37  ALA A CA  1 
ATOM   47   C  C   . ALA A 1 50  ? 3.096   0.447   -15.685 1.00 18.96 ? 37  ALA A C   1 
ATOM   48   O  O   . ALA A 1 50  ? 2.710   0.826   -14.571 1.00 20.52 ? 37  ALA A O   1 
ATOM   49   C  CB  . ALA A 1 50  ? 5.486   0.670   -16.347 0.00 20.71 ? 37  ALA A CB  1 
ATOM   50   N  N   . TYR A 1 51  ? 2.415   0.656   -16.805 1.00 15.33 ? 38  TYR A N   1 
ATOM   51   C  CA  . TYR A 1 51  ? 1.120   1.329   -16.837 1.00 18.20 ? 38  TYR A CA  1 
ATOM   52   C  C   . TYR A 1 51  ? 0.144   0.568   -15.942 1.00 16.72 ? 38  TYR A C   1 
ATOM   53   O  O   . TYR A 1 51  ? -0.527  1.152   -15.090 1.00 15.01 ? 38  TYR A O   1 
ATOM   54   C  CB  . TYR A 1 51  ? 0.608   1.358   -18.283 1.00 19.83 ? 38  TYR A CB  1 
ATOM   55   C  CG  . TYR A 1 51  ? -0.596  2.239   -18.561 1.00 19.02 ? 38  TYR A CG  1 
ATOM   56   C  CD1 . TYR A 1 51  ? -1.217  2.980   -17.553 1.00 22.00 ? 38  TYR A CD1 1 
ATOM   57   C  CD2 . TYR A 1 51  ? -1.113  2.328   -19.849 1.00 17.99 ? 38  TYR A CD2 1 
ATOM   58   C  CE1 . TYR A 1 51  ? -2.328  3.786   -17.828 1.00 16.16 ? 38  TYR A CE1 1 
ATOM   59   C  CE2 . TYR A 1 51  ? -2.209  3.123   -20.134 1.00 20.20 ? 38  TYR A CE2 1 
ATOM   60   C  CZ  . TYR A 1 51  ? -2.815  3.848   -19.124 1.00 17.84 ? 38  TYR A CZ  1 
ATOM   61   O  OH  . TYR A 1 51  ? -3.907  4.623   -19.441 1.00 15.94 ? 38  TYR A OH  1 
ATOM   62   N  N   . ASP A 1 52  ? 0.075   -0.746  -16.138 1.00 18.36 ? 39  ASP A N   1 
ATOM   63   C  CA  . ASP A 1 52  ? -0.806  -1.593  -15.329 1.00 17.46 ? 39  ASP A CA  1 
ATOM   64   C  C   . ASP A 1 52  ? -0.555  -1.396  -13.838 1.00 13.75 ? 39  ASP A C   1 
ATOM   65   O  O   . ASP A 1 52  ? -1.476  -1.081  -13.091 1.00 9.81  ? 39  ASP A O   1 
ATOM   66   C  CB  . ASP A 1 52  ? -0.626  -3.082  -15.646 0.00 18.75 ? 39  ASP A CB  1 
ATOM   67   C  CG  . ASP A 1 52  ? -1.252  -3.478  -16.936 1.00 20.15 ? 39  ASP A CG  1 
ATOM   68   O  OD1 . ASP A 1 52  ? -2.042  -2.679  -17.490 1.00 17.90 ? 39  ASP A OD1 1 
ATOM   69   O  OD2 . ASP A 1 52  ? -0.941  -4.572  -17.465 1.00 16.69 ? 39  ASP A OD2 1 
ATOM   70   N  N   . TYR A 1 53  ? 0.694   -1.587  -13.416 1.00 12.73 ? 40  TYR A N   1 
ATOM   71   C  CA  . TYR A 1 53  ? 1.036   -1.471  -12.004 1.00 13.60 ? 40  TYR A CA  1 
ATOM   72   C  C   . TYR A 1 53  ? 0.718   -0.088  -11.419 1.00 9.67  ? 40  TYR A C   1 
ATOM   73   O  O   . TYR A 1 53  ? 0.231   0.007   -10.297 1.00 8.05  ? 40  TYR A O   1 
ATOM   74   C  CB  . TYR A 1 53  ? 2.509   -1.851  -11.765 1.00 14.03 ? 40  TYR A CB  1 
ATOM   75   C  CG  . TYR A 1 53  ? 2.901   -1.817  -10.304 1.00 13.37 ? 40  TYR A CG  1 
ATOM   76   C  CD1 . TYR A 1 53  ? 2.302   -2.668  -9.379  1.00 14.61 ? 40  TYR A CD1 1 
ATOM   77   C  CD2 . TYR A 1 53  ? 3.821   -0.882  -9.835  1.00 13.42 ? 40  TYR A CD2 1 
ATOM   78   C  CE1 . TYR A 1 53  ? 2.610   -2.582  -8.016  1.00 16.58 ? 40  TYR A CE1 1 
ATOM   79   C  CE2 . TYR A 1 53  ? 4.133   -0.789  -8.486  1.00 16.03 ? 40  TYR A CE2 1 
ATOM   80   C  CZ  . TYR A 1 53  ? 3.523   -1.638  -7.582  1.00 15.84 ? 40  TYR A CZ  1 
ATOM   81   O  OH  . TYR A 1 53  ? 3.816   -1.516  -6.241  1.00 18.14 ? 40  TYR A OH  1 
ATOM   82   N  N   . LEU A 1 54  ? 0.977   0.979   -12.172 1.00 9.78  ? 41  LEU A N   1 
ATOM   83   C  CA  . LEU A 1 54  ? 0.648   2.323   -11.685 1.00 12.94 ? 41  LEU A CA  1 
ATOM   84   C  C   . LEU A 1 54  ? -0.845  2.481   -11.362 1.00 11.34 ? 41  LEU A C   1 
ATOM   85   O  O   . LEU A 1 54  ? -1.202  3.222   -10.456 1.00 11.36 ? 41  LEU A O   1 
ATOM   86   C  CB  . LEU A 1 54  ? 1.086   3.409   -12.690 1.00 11.00 ? 41  LEU A CB  1 
ATOM   87   C  CG  . LEU A 1 54  ? 2.572   3.784   -12.620 1.00 13.24 ? 41  LEU A CG  1 
ATOM   88   C  CD1 . LEU A 1 54  ? 2.931   4.792   -13.695 1.00 12.63 ? 41  LEU A CD1 1 
ATOM   89   C  CD2 . LEU A 1 54  ? 2.891   4.346   -11.238 1.00 12.29 ? 41  LEU A CD2 1 
ATOM   90   N  N   . CYS A 1 55  ? -1.713  1.788   -12.095 1.00 12.41 ? 42  CYS A N   1 
ATOM   91   C  CA  . CYS A 1 55  ? -3.142  1.867   -11.814 1.00 11.62 ? 42  CYS A CA  1 
ATOM   92   C  C   . CYS A 1 55  ? -3.496  1.156   -10.497 1.00 11.50 ? 42  CYS A C   1 
ATOM   93   O  O   . CYS A 1 55  ? -4.376  1.609   -9.769  1.00 7.20  ? 42  CYS A O   1 
ATOM   94   C  CB  . CYS A 1 55  ? -3.959  1.293   -12.973 1.00 12.15 ? 42  CYS A CB  1 
ATOM   95   S  SG  . CYS A 1 55  ? -4.158  2.458   -14.354 1.00 22.71 ? 42  CYS A SG  1 
ATOM   96   N  N   . ARG A 1 56  ? -2.797  0.063   -10.196 1.00 10.54 ? 43  ARG A N   1 
ATOM   97   C  CA  . ARG A 1 56  ? -3.027  -0.695  -8.964  1.00 13.11 ? 43  ARG A CA  1 
ATOM   98   C  C   . ARG A 1 56  ? -2.608  0.143   -7.764  1.00 12.98 ? 43  ARG A C   1 
ATOM   99   O  O   . ARG A 1 56  ? -3.289  0.171   -6.733  1.00 11.73 ? 43  ARG A O   1 
ATOM   100  C  CB  . ARG A 1 56  ? -2.227  -2.006  -8.970  1.00 16.30 ? 43  ARG A CB  1 
ATOM   101  C  CG  . ARG A 1 56  ? -2.555  -2.943  -10.122 1.00 21.06 ? 43  ARG A CG  1 
ATOM   102  C  CD  . ARG A 1 56  ? -4.024  -3.331  -10.149 1.00 27.20 ? 43  ARG A CD  1 
ATOM   103  N  NE  . ARG A 1 56  ? -4.434  -3.795  -11.468 1.00 39.21 ? 43  ARG A NE  1 
ATOM   104  C  CZ  . ARG A 1 56  ? -4.448  -3.029  -12.557 1.00 45.64 ? 43  ARG A CZ  1 
ATOM   105  N  NH1 . ARG A 1 56  ? -4.079  -1.759  -12.483 1.00 51.09 ? 43  ARG A NH1 1 
ATOM   106  N  NH2 . ARG A 1 56  ? -4.830  -3.532  -13.722 1.00 53.20 ? 43  ARG A NH2 1 
ATOM   107  N  N   . VAL A 1 57  ? -1.474  0.822   -7.908  1.00 11.43 ? 44  VAL A N   1 
ATOM   108  C  CA  . VAL A 1 57  ? -0.966  1.700   -6.868  1.00 12.85 ? 44  VAL A CA  1 
ATOM   109  C  C   . VAL A 1 57  ? -1.957  2.846   -6.661  1.00 11.66 ? 44  VAL A C   1 
ATOM   110  O  O   . VAL A 1 57  ? -2.281  3.194   -5.532  1.00 11.02 ? 44  VAL A O   1 
ATOM   111  C  CB  . VAL A 1 57  ? 0.421   2.271   -7.259  1.00 12.88 ? 44  VAL A CB  1 
ATOM   112  C  CG1 . VAL A 1 57  ? 0.908   3.263   -6.212  1.00 11.81 ? 44  VAL A CG1 1 
ATOM   113  C  CG2 . VAL A 1 57  ? 1.424   1.133   -7.424  1.00 11.05 ? 44  VAL A CG2 1 
ATOM   114  N  N   . ASP A 1 58  ? -2.459  3.408   -7.760  1.00 13.14 ? 45  ASP A N   1 
ATOM   115  C  CA  . ASP A 1 58  ? -3.414  4.508   -7.681  1.00 9.47  ? 45  ASP A CA  1 
ATOM   116  C  C   . ASP A 1 58  ? -4.710  4.081   -6.989  1.00 8.90  ? 45  ASP A C   1 
ATOM   117  O  O   . ASP A 1 58  ? -5.291  4.848   -6.215  1.00 8.65  ? 45  ASP A O   1 
ATOM   118  C  CB  . ASP A 1 58  ? -3.700  5.059   -9.084  1.00 11.55 ? 45  ASP A CB  1 
ATOM   119  C  CG  . ASP A 1 58  ? -4.374  6.421   -9.049  1.00 11.38 ? 45  ASP A CG  1 
ATOM   120  O  OD1 . ASP A 1 58  ? -5.621  6.465   -9.057  1.00 12.43 ? 45  ASP A OD1 1 
ATOM   121  O  OD2 . ASP A 1 58  ? -3.674  7.461   -9.000  1.00 11.66 ? 45  ASP A OD2 1 
ATOM   122  N  N   . GLU A 1 59  ? -5.155  2.856   -7.264  1.00 9.20  ? 46  GLU A N   1 
ATOM   123  C  CA  . GLU A 1 59  ? -6.370  2.312   -6.649  1.00 7.72  ? 46  GLU A CA  1 
ATOM   124  C  C   . GLU A 1 59  ? -6.185  2.115   -5.149  1.00 5.27  ? 46  GLU A C   1 
ATOM   125  O  O   . GLU A 1 59  ? -7.086  2.408   -4.359  1.00 5.82  ? 46  GLU A O   1 
ATOM   126  C  CB  . GLU A 1 59  ? -6.732  0.974   -7.290  1.00 9.23  ? 46  GLU A CB  1 
ATOM   127  C  CG  . GLU A 1 59  ? -7.268  1.100   -8.698  1.00 11.46 ? 46  GLU A CG  1 
ATOM   128  C  CD  . GLU A 1 59  ? -7.096  -0.167  -9.507  1.00 15.18 ? 46  GLU A CD  1 
ATOM   129  O  OE1 . GLU A 1 59  ? -6.874  -1.249  -8.909  1.00 12.68 ? 46  GLU A OE1 1 
ATOM   130  O  OE2 . GLU A 1 59  ? -7.194  -0.079  -10.749 1.00 16.45 ? 46  GLU A OE2 1 
ATOM   131  N  N   . ALA A 1 60  ? -5.016  1.621   -4.760  1.00 3.66  ? 47  ALA A N   1 
ATOM   132  C  CA  . ALA A 1 60  ? -4.727  1.403   -3.352  1.00 8.41  ? 47  ALA A CA  1 
ATOM   133  C  C   . ALA A 1 60  ? -4.672  2.749   -2.632  1.00 10.17 ? 47  ALA A C   1 
ATOM   134  O  O   . ALA A 1 60  ? -5.226  2.906   -1.539  1.00 7.59  ? 47  ALA A O   1 
ATOM   135  C  CB  . ALA A 1 60  ? -3.401  0.660   -3.189  1.00 8.63  ? 47  ALA A CB  1 
ATOM   136  N  N   . LYS A 1 61  ? -4.000  3.715   -3.258  1.00 7.56  ? 48  LYS A N   1 
ATOM   137  C  CA  . LYS A 1 61  ? -3.876  5.053   -2.703  1.00 7.84  ? 48  LYS A CA  1 
ATOM   138  C  C   . LYS A 1 61  ? -5.243  5.696   -2.496  1.00 9.28  ? 48  LYS A C   1 
ATOM   139  O  O   . LYS A 1 61  ? -5.542  6.211   -1.413  1.00 10.36 ? 48  LYS A O   1 
ATOM   140  C  CB  . LYS A 1 61  ? -3.046  5.951   -3.625  1.00 5.42  ? 48  LYS A CB  1 
ATOM   141  C  CG  . LYS A 1 61  ? -2.690  7.299   -2.980  1.00 9.72  ? 48  LYS A CG  1 
ATOM   142  C  CD  . LYS A 1 61  ? -2.204  8.330   -3.996  1.00 9.30  ? 48  LYS A CD  1 
ATOM   143  C  CE  . LYS A 1 61  ? -3.277  8.643   -5.019  1.00 7.41  ? 48  LYS A CE  1 
ATOM   144  N  NZ  . LYS A 1 61  ? -2.813  9.677   -5.984  1.00 10.40 ? 48  LYS A NZ  1 
ATOM   145  N  N   . LYS A 1 62  ? -6.066  5.677   -3.537  1.00 6.56  ? 49  LYS A N   1 
ATOM   146  C  CA  . LYS A 1 62  ? -7.396  6.271   -3.446  1.00 11.04 ? 49  LYS A CA  1 
ATOM   147  C  C   . LYS A 1 62  ? -8.260  5.616   -2.380  1.00 10.08 ? 49  LYS A C   1 
ATOM   148  O  O   . LYS A 1 62  ? -9.044  6.299   -1.721  1.00 12.13 ? 49  LYS A O   1 
ATOM   149  C  CB  . LYS A 1 62  ? -8.107  6.219   -4.802  1.00 12.06 ? 49  LYS A CB  1 
ATOM   150  C  CG  . LYS A 1 62  ? -7.711  7.350   -5.747  1.00 9.38  ? 49  LYS A CG  1 
ATOM   151  C  CD  . LYS A 1 62  ? -8.436  7.200   -7.074  1.00 13.89 ? 49  LYS A CD  1 
ATOM   152  C  CE  . LYS A 1 62  ? -8.238  8.407   -7.979  1.00 14.55 ? 49  LYS A CE  1 
ATOM   153  N  NZ  . LYS A 1 62  ? -6.799  8.710   -8.250  1.00 16.52 ? 49  LYS A NZ  1 
ATOM   154  N  N   . TRP A 1 63  ? -8.120  4.300   -2.207  1.00 9.14  ? 50  TRP A N   1 
ATOM   155  C  CA  . TRP A 1 63  ? -8.896  3.585   -1.200  1.00 9.90  ? 50  TRP A CA  1 
ATOM   156  C  C   . TRP A 1 63  ? -8.508  4.054   0.200   1.00 8.71  ? 50  TRP A C   1 
ATOM   157  O  O   . TRP A 1 63  ? -9.367  4.316   1.031   1.00 11.06 ? 50  TRP A O   1 
ATOM   158  C  CB  . TRP A 1 63  ? -8.679  2.064   -1.293  1.00 13.31 ? 50  TRP A CB  1 
ATOM   159  C  CG  . TRP A 1 63  ? -9.463  1.307   -0.240  1.00 15.37 ? 50  TRP A CG  1 
ATOM   160  C  CD1 . TRP A 1 63  ? -10.812 1.117   -0.208  1.00 12.58 ? 50  TRP A CD1 1 
ATOM   161  C  CD2 . TRP A 1 63  ? -8.946  0.691   0.950   1.00 15.67 ? 50  TRP A CD2 1 
ATOM   162  N  NE1 . TRP A 1 63  ? -11.172 0.425   0.919   1.00 11.43 ? 50  TRP A NE1 1 
ATOM   163  C  CE2 . TRP A 1 63  ? -10.047 0.143   1.648   1.00 13.96 ? 50  TRP A CE2 1 
ATOM   164  C  CE3 . TRP A 1 63  ? -7.661  0.536   1.489   1.00 16.31 ? 50  TRP A CE3 1 
ATOM   165  C  CZ2 . TRP A 1 63  ? -9.906  -0.541  2.863   1.00 12.70 ? 50  TRP A CZ2 1 
ATOM   166  C  CZ3 . TRP A 1 63  ? -7.524  -0.144  2.699   1.00 12.92 ? 50  TRP A CZ3 1 
ATOM   167  C  CH2 . TRP A 1 63  ? -8.640  -0.675  3.366   1.00 13.70 ? 50  TRP A CH2 1 
ATOM   168  N  N   . ILE A 1 64  ? -7.213  4.156   0.462   1.00 8.20  ? 51  ILE A N   1 
ATOM   169  C  CA  . ILE A 1 64  ? -6.767  4.591   1.779   1.00 8.78  ? 51  ILE A CA  1 
ATOM   170  C  C   . ILE A 1 64  ? -7.096  6.073   2.001   1.00 10.01 ? 51  ILE A C   1 
ATOM   171  O  O   . ILE A 1 64  ? -7.410  6.469   3.113   1.00 6.60  ? 51  ILE A O   1 
ATOM   172  C  CB  . ILE A 1 64  ? -5.260  4.327   1.959   1.00 9.23  ? 51  ILE A CB  1 
ATOM   173  C  CG1 . ILE A 1 64  ? -5.011  2.816   2.004   1.00 6.47  ? 51  ILE A CG1 1 
ATOM   174  C  CG2 . ILE A 1 64  ? -4.755  4.968   3.247   1.00 10.05 ? 51  ILE A CG2 1 
ATOM   175  C  CD1 . ILE A 1 64  ? -3.561  2.431   2.169   1.00 4.80  ? 51  ILE A CD1 1 
ATOM   176  N  N   . GLU A 1 65  ? -7.034  6.877   0.935   1.00 10.60 ? 52  GLU A N   1 
ATOM   177  C  CA  . GLU A 1 65  ? -7.353  8.303   1.008   1.00 13.41 ? 52  GLU A CA  1 
ATOM   178  C  C   . GLU A 1 65  ? -8.796  8.471   1.437   1.00 12.61 ? 52  GLU A C   1 
ATOM   179  O  O   . GLU A 1 65  ? -9.127  9.334   2.244   1.00 12.67 ? 52  GLU A O   1 
ATOM   180  C  CB  . GLU A 1 65  ? -7.175  8.983   -0.355  1.00 11.19 ? 52  GLU A CB  1 
ATOM   181  C  CG  . GLU A 1 65  ? -5.731  9.127   -0.803  1.00 13.39 ? 52  GLU A CG  1 
ATOM   182  C  CD  . GLU A 1 65  ? -5.568  10.014  -2.023  1.00 14.44 ? 52  GLU A CD  1 
ATOM   183  O  OE1 . GLU A 1 65  ? -6.369  9.889   -2.983  1.00 11.55 ? 52  GLU A OE1 1 
ATOM   184  O  OE2 . GLU A 1 65  ? -4.617  10.828  -2.028  1.00 14.07 ? 52  GLU A OE2 1 
ATOM   185  N  N   . GLU A 1 66  ? -9.651  7.639   0.861   1.00 17.72 ? 53  GLU A N   1 
ATOM   186  C  CA  . GLU A 1 66  ? -11.071 7.636   1.163   1.00 17.77 ? 53  GLU A CA  1 
ATOM   187  C  C   . GLU A 1 66  ? -11.278 7.160   2.600   1.00 15.92 ? 53  GLU A C   1 
ATOM   188  O  O   . GLU A 1 66  ? -12.121 7.692   3.320   1.00 16.17 ? 53  GLU A O   1 
ATOM   189  C  CB  . GLU A 1 66  ? -11.798 6.713   0.185   1.00 17.55 ? 53  GLU A CB  1 
ATOM   190  C  CG  . GLU A 1 66  ? -13.212 6.343   0.603   1.00 28.33 ? 53  GLU A CG  1 
ATOM   191  C  CD  . GLU A 1 66  ? -13.636 4.954   0.104   1.00 38.34 ? 53  GLU A CD  1 
ATOM   192  O  OE1 . GLU A 1 66  ? -14.650 4.893   -0.637  1.00 34.79 ? 53  GLU A OE1 1 
ATOM   193  O  OE2 . GLU A 1 66  ? -12.960 3.934   0.452   1.00 16.47 ? 53  GLU A OE2 1 
ATOM   194  N  N   . CYS A 1 67  ? -10.506 6.165   3.022   1.00 12.93 ? 54  CYS A N   1 
ATOM   195  C  CA  . CYS A 1 67  ? -10.622 5.647   4.387   1.00 12.97 ? 54  CYS A CA  1 
ATOM   196  C  C   . CYS A 1 67  ? -10.120 6.645   5.427   1.00 13.46 ? 54  CYS A C   1 
ATOM   197  O  O   . CYS A 1 67  ? -10.739 6.827   6.473   1.00 13.94 ? 54  CYS A O   1 
ATOM   198  C  CB  . CYS A 1 67  ? -9.820  4.349   4.548   1.00 13.07 ? 54  CYS A CB  1 
ATOM   199  S  SG  . CYS A 1 67  ? -10.582 2.842   3.923   1.00 15.92 ? 54  CYS A SG  1 
ATOM   200  N  N   . LEU A 1 68  ? -8.986  7.276   5.140   1.00 15.47 ? 55  LEU A N   1 
ATOM   201  C  CA  . LEU A 1 68  ? -8.386  8.231   6.064   1.00 14.63 ? 55  LEU A CA  1 
ATOM   202  C  C   . LEU A 1 68  ? -8.970  9.622   5.829   1.00 14.71 ? 55  LEU A C   1 
ATOM   203  O  O   . LEU A 1 68  ? -8.697  10.554  6.582   1.00 14.99 ? 55  LEU A O   1 
ATOM   204  C  CB  . LEU A 1 68  ? -6.859  8.248   5.894   1.00 10.90 ? 55  LEU A CB  1 
ATOM   205  C  CG  . LEU A 1 68  ? -6.143  6.959   6.324   1.00 15.76 ? 55  LEU A CG  1 
ATOM   206  C  CD1 . LEU A 1 68  ? -4.625  7.082   6.183   1.00 10.27 ? 55  LEU A CD1 1 
ATOM   207  C  CD2 . LEU A 1 68  ? -6.509  6.626   7.763   1.00 14.73 ? 55  LEU A CD2 1 
ATOM   208  N  N   . GLY A 1 69  ? -9.753  9.732   4.775   0.00 18.34 ? 56  GLY A N   1 
ATOM   209  C  CA  . GLY A 1 69  ? -10.341 10.996  4.507   1.00 13.38 ? 56  GLY A CA  1 
ATOM   210  C  C   . GLY A 1 69  ? -9.354  12.127  4.231   1.00 23.95 ? 56  GLY A C   1 
ATOM   211  O  O   . GLY A 1 69  ? -9.624  13.277  4.474   0.00 21.98 ? 56  GLY A O   1 
ATOM   212  N  N   . THR A 1 70  ? -8.172  11.768  3.730   1.00 23.85 ? 57  THR A N   1 
ATOM   213  C  CA  . THR A 1 70  ? -7.133  12.744  3.421   1.00 23.58 ? 57  THR A CA  1 
ATOM   214  C  C   . THR A 1 70  ? -6.391  12.499  2.082   0.00 23.04 ? 57  THR A C   1 
ATOM   215  O  O   . THR A 1 70  ? -6.436  11.417  1.496   0.00 23.51 ? 57  THR A O   1 
ATOM   216  C  CB  . THR A 1 70  ? -6.033  12.752  4.510   1.00 24.79 ? 57  THR A CB  1 
ATOM   217  O  OG1 . THR A 1 70  ? -5.674  11.405  4.850   1.00 26.29 ? 57  THR A OG1 1 
ATOM   218  C  CG2 . THR A 1 70  ? -6.535  13.428  5.760   1.00 33.94 ? 57  THR A CG2 1 
ATOM   219  N  N   . ASP A 1 71  ? -5.698  13.541  1.638   1.00 18.47 ? 58  ASP A N   1 
ATOM   220  C  CA  . ASP A 1 71  ? -4.915  13.522  0.402   1.00 20.10 ? 58  ASP A CA  1 
ATOM   221  C  C   . ASP A 1 71  ? -3.580  12.865  0.724   1.00 13.75 ? 58  ASP A C   1 
ATOM   222  O  O   . ASP A 1 71  ? -2.957  13.191  1.733   1.00 12.48 ? 58  ASP A O   1 
ATOM   223  C  CB  . ASP A 1 71  ? -4.700  14.954  -0.109  1.00 22.12 ? 58  ASP A CB  1 
ATOM   224  C  CG  . ASP A 1 71  ? -4.171  15.002  -1.537  1.00 30.37 ? 58  ASP A CG  1 
ATOM   225  O  OD1 . ASP A 1 71  ? -3.139  14.355  -1.827  1.00 28.88 ? 58  ASP A OD1 1 
ATOM   226  O  OD2 . ASP A 1 71  ? -4.770  15.698  -2.390  1.00 33.96 ? 58  ASP A OD2 1 
ATOM   227  N  N   . LEU A 1 72  ? -3.143  11.933  -0.113  1.00 12.49 ? 59  LEU A N   1 
ATOM   228  C  CA  . LEU A 1 72  ? -1.887  11.242  0.168   1.00 13.44 ? 59  LEU A CA  1 
ATOM   229  C  C   . LEU A 1 72  ? -0.799  11.356  -0.903  1.00 14.07 ? 59  LEU A C   1 
ATOM   230  O  O   . LEU A 1 72  ? 0.025   10.459  -1.053  1.00 15.31 ? 59  LEU A O   1 
ATOM   231  C  CB  . LEU A 1 72  ? -2.160  9.768   0.500   1.00 12.62 ? 59  LEU A CB  1 
ATOM   232  C  CG  . LEU A 1 72  ? -2.932  9.477   1.801   1.00 10.61 ? 59  LEU A CG  1 
ATOM   233  C  CD1 . LEU A 1 72  ? -3.215  7.985   1.919   1.00 9.63  ? 59  LEU A CD1 1 
ATOM   234  C  CD2 . LEU A 1 72  ? -2.145  9.957   3.011   1.00 8.17  ? 59  LEU A CD2 1 
ATOM   235  N  N   . GLY A 1 73  ? -0.790  12.465  -1.636  1.00 15.37 ? 60  GLY A N   1 
ATOM   236  C  CA  . GLY A 1 73  ? 0.262   12.708  -2.605  1.00 12.03 ? 60  GLY A CA  1 
ATOM   237  C  C   . GLY A 1 73  ? 0.183   11.996  -3.939  1.00 16.58 ? 60  GLY A C   1 
ATOM   238  O  O   . GLY A 1 73  ? -0.790  11.303  -4.238  1.00 15.74 ? 60  GLY A O   1 
ATOM   239  N  N   . PRO A 1 74  ? 1.218   12.168  -4.771  1.00 13.89 ? 61  PRO A N   1 
ATOM   240  C  CA  . PRO A 1 74  ? 1.289   11.541  -6.092  1.00 16.92 ? 61  PRO A CA  1 
ATOM   241  C  C   . PRO A 1 74  ? 1.381   10.022  -6.006  1.00 11.99 ? 61  PRO A C   1 
ATOM   242  O  O   . PRO A 1 74  ? 1.961   9.474   -5.070  1.00 13.10 ? 61  PRO A O   1 
ATOM   243  C  CB  . PRO A 1 74  ? 2.559   12.152  -6.695  1.00 13.85 ? 61  PRO A CB  1 
ATOM   244  C  CG  . PRO A 1 74  ? 2.684   13.463  -5.991  1.00 13.68 ? 61  PRO A CG  1 
ATOM   245  C  CD  . PRO A 1 74  ? 2.349   13.090  -4.571  1.00 13.03 ? 61  PRO A CD  1 
ATOM   246  N  N   . THR A 1 75  ? 0.795   9.350   -6.985  1.00 12.75 ? 62  THR A N   1 
ATOM   247  C  CA  . THR A 1 75  ? 0.836   7.896   -7.051  1.00 12.75 ? 62  THR A CA  1 
ATOM   248  C  C   . THR A 1 75  ? 2.283   7.407   -7.268  1.00 10.79 ? 62  THR A C   1 
ATOM   249  O  O   . THR A 1 75  ? 2.707   6.415   -6.674  1.00 10.52 ? 62  THR A O   1 
ATOM   250  C  CB  . THR A 1 75  ? -0.093  7.389   -8.196  1.00 11.51 ? 62  THR A CB  1 
ATOM   251  O  OG1 . THR A 1 75  ? -1.462  7.603   -7.826  1.00 9.68  ? 62  THR A OG1 1 
ATOM   252  C  CG2 . THR A 1 75  ? 0.085   5.892   -8.434  1.00 12.16 ? 62  THR A CG2 1 
ATOM   253  N  N   . SER A 1 76  ? 3.041   8.128   -8.089  1.00 10.00 ? 63  SER A N   1 
ATOM   254  C  CA  . SER A 1 76  ? 4.415   7.741   -8.410  1.00 14.07 ? 63  SER A CA  1 
ATOM   255  C  C   . SER A 1 76  ? 5.340   7.652   -7.194  1.00 14.21 ? 63  SER A C   1 
ATOM   256  O  O   . SER A 1 76  ? 6.370   6.984   -7.244  1.00 13.71 ? 63  SER A O   1 
ATOM   257  C  CB  . SER A 1 76  ? 5.022   8.712   -9.431  1.00 12.93 ? 63  SER A CB  1 
ATOM   258  O  OG  . SER A 1 76  ? 5.091   10.030  -8.910  1.00 14.47 ? 63  SER A OG  1 
ATOM   259  N  N   . THR A 1 77  ? 4.973   8.326   -6.109  1.00 12.28 ? 64  THR A N   1 
ATOM   260  C  CA  . THR A 1 77  ? 5.781   8.307   -4.893  1.00 13.06 ? 64  THR A CA  1 
ATOM   261  C  C   . THR A 1 77  ? 5.036   7.737   -3.682  1.00 12.47 ? 64  THR A C   1 
ATOM   262  O  O   . THR A 1 77  ? 5.540   7.798   -2.564  1.00 12.56 ? 64  THR A O   1 
ATOM   263  C  CB  . THR A 1 77  ? 6.281   9.728   -4.556  1.00 12.50 ? 64  THR A CB  1 
ATOM   264  O  OG1 . THR A 1 77  ? 5.158   10.583  -4.298  1.00 15.70 ? 64  THR A OG1 1 
ATOM   265  C  CG2 . THR A 1 77  ? 7.043   10.321  -5.737  1.00 13.83 ? 64  THR A CG2 1 
ATOM   266  N  N   . PHE A 1 78  ? 3.840   7.191   -3.908  1.00 12.22 ? 65  PHE A N   1 
ATOM   267  C  CA  . PHE A 1 78  ? 3.019   6.619   -2.836  1.00 10.40 ? 65  PHE A CA  1 
ATOM   268  C  C   . PHE A 1 78  ? 3.681   5.456   -2.103  1.00 8.84  ? 65  PHE A C   1 
ATOM   269  O  O   . PHE A 1 78  ? 3.673   5.402   -0.872  1.00 10.36 ? 65  PHE A O   1 
ATOM   270  C  CB  . PHE A 1 78  ? 1.662   6.156   -3.388  1.00 11.25 ? 65  PHE A CB  1 
ATOM   271  C  CG  . PHE A 1 78  ? 0.713   5.655   -2.333  1.00 10.90 ? 65  PHE A CG  1 
ATOM   272  C  CD1 . PHE A 1 78  ? 0.425   6.433   -1.220  1.00 12.22 ? 65  PHE A CD1 1 
ATOM   273  C  CD2 . PHE A 1 78  ? 0.107   4.404   -2.446  1.00 11.40 ? 65  PHE A CD2 1 
ATOM   274  C  CE1 . PHE A 1 78  ? -0.460  5.973   -0.231  1.00 10.32 ? 65  PHE A CE1 1 
ATOM   275  C  CE2 . PHE A 1 78  ? -0.774  3.942   -1.463  1.00 10.00 ? 65  PHE A CE2 1 
ATOM   276  C  CZ  . PHE A 1 78  ? -1.053  4.735   -0.356  1.00 7.24  ? 65  PHE A CZ  1 
ATOM   277  N  N   . GLU A 1 79  ? 4.238   4.514   -2.858  1.00 9.19  ? 66  GLU A N   1 
ATOM   278  C  CA  . GLU A 1 79  ? 4.906   3.351   -2.262  1.00 9.89  ? 66  GLU A CA  1 
ATOM   279  C  C   . GLU A 1 79  ? 5.992   3.788   -1.286  1.00 8.58  ? 66  GLU A C   1 
ATOM   280  O  O   . GLU A 1 79  ? 6.035   3.322   -0.153  1.00 10.67 ? 66  GLU A O   1 
ATOM   281  C  CB  . GLU A 1 79  ? 5.512   2.477   -3.359  1.00 5.51  ? 66  GLU A CB  1 
ATOM   282  C  CG  . GLU A 1 79  ? 4.483   1.904   -4.325  1.00 7.64  ? 66  GLU A CG  1 
ATOM   283  C  CD  . GLU A 1 79  ? 5.121   1.288   -5.560  1.00 10.97 ? 66  GLU A CD  1 
ATOM   284  O  OE1 . GLU A 1 79  ? 5.611   0.139   -5.474  1.00 9.21  ? 66  GLU A OE1 1 
ATOM   285  O  OE2 . GLU A 1 79  ? 5.137   1.958   -6.616  1.00 10.51 ? 66  GLU A OE2 1 
ATOM   286  N  N   . GLN A 1 80  ? 6.863   4.687   -1.735  1.00 11.95 ? 67  GLN A N   1 
ATOM   287  C  CA  . GLN A 1 80  ? 7.951   5.184   -0.903  1.00 9.84  ? 67  GLN A CA  1 
ATOM   288  C  C   . GLN A 1 80  ? 7.419   5.926   0.317   1.00 11.76 ? 67  GLN A C   1 
ATOM   289  O  O   . GLN A 1 80  ? 8.029   5.887   1.387   1.00 8.05  ? 67  GLN A O   1 
ATOM   290  C  CB  . GLN A 1 80  ? 8.862   6.112   -1.718  1.00 14.12 ? 67  GLN A CB  1 
ATOM   291  C  CG  . GLN A 1 80  ? 9.720   5.398   -2.773  1.00 15.25 ? 67  GLN A CG  1 
ATOM   292  C  CD  . GLN A 1 80  ? 10.728  4.433   -2.164  1.00 14.68 ? 67  GLN A CD  1 
ATOM   293  O  OE1 . GLN A 1 80  ? 11.487  4.793   -1.259  1.00 17.99 ? 67  GLN A OE1 1 
ATOM   294  N  NE2 . GLN A 1 80  ? 10.744  3.205   -2.661  1.00 16.81 ? 67  GLN A NE2 1 
ATOM   295  N  N   . SER A 1 81  ? 6.279   6.599   0.163   1.00 10.36 ? 68  SER A N   1 
ATOM   296  C  CA  . SER A 1 81  ? 5.703   7.333   1.283   1.00 10.65 ? 68  SER A CA  1 
ATOM   297  C  C   . SER A 1 81  ? 5.112   6.400   2.353   1.00 11.31 ? 68  SER A C   1 
ATOM   298  O  O   . SER A 1 81  ? 4.750   6.852   3.441   1.00 9.81  ? 68  SER A O   1 
ATOM   299  C  CB  . SER A 1 81  ? 4.630   8.319   0.793   1.00 12.76 ? 68  SER A CB  1 
ATOM   300  O  OG  . SER A 1 81  ? 3.374   7.681   0.612   1.00 10.92 ? 68  SER A OG  1 
ATOM   301  N  N   . LEU A 1 82  ? 5.011   5.107   2.051   1.00 11.92 ? 69  LEU A N   1 
ATOM   302  C  CA  . LEU A 1 82  ? 4.466   4.158   3.025   1.00 10.95 ? 69  LEU A CA  1 
ATOM   303  C  C   . LEU A 1 82  ? 5.554   3.552   3.907   1.00 13.63 ? 69  LEU A C   1 
ATOM   304  O  O   . LEU A 1 82  ? 5.266   3.014   4.977   1.00 11.33 ? 69  LEU A O   1 
ATOM   305  C  CB  . LEU A 1 82  ? 3.706   3.030   2.325   1.00 7.86  ? 69  LEU A CB  1 
ATOM   306  C  CG  . LEU A 1 82  ? 2.455   3.403   1.530   1.00 10.17 ? 69  LEU A CG  1 
ATOM   307  C  CD1 . LEU A 1 82  ? 1.883   2.162   0.847   1.00 8.81  ? 69  LEU A CD1 1 
ATOM   308  C  CD2 . LEU A 1 82  ? 1.416   4.044   2.462   1.00 5.15  ? 69  LEU A CD2 1 
ATOM   309  N  N   . ARG A 1 83  ? 6.803   3.645   3.459   1.00 13.27 ? 70  ARG A N   1 
ATOM   310  C  CA  . ARG A 1 83  ? 7.915   3.034   4.178   1.00 12.88 ? 70  ARG A CA  1 
ATOM   311  C  C   . ARG A 1 83  ? 8.113   3.450   5.635   1.00 12.60 ? 70  ARG A C   1 
ATOM   312  O  O   . ARG A 1 83  ? 8.703   2.694   6.408   1.00 14.39 ? 70  ARG A O   1 
ATOM   313  C  CB  . ARG A 1 83  ? 9.223   3.231   3.407   1.00 13.27 ? 70  ARG A CB  1 
ATOM   314  C  CG  . ARG A 1 83  ? 9.224   2.584   2.036   1.00 16.28 ? 70  ARG A CG  1 
ATOM   315  C  CD  . ARG A 1 83  ? 10.586  1.995   1.690   1.00 15.65 ? 70  ARG A CD  1 
ATOM   316  N  NE  . ARG A 1 83  ? 11.521  2.965   1.142   1.00 16.77 ? 70  ARG A NE  1 
ATOM   317  C  CZ  . ARG A 1 83  ? 12.840  2.850   1.237   1.00 14.90 ? 70  ARG A CZ  1 
ATOM   318  N  NH1 . ARG A 1 83  ? 13.369  1.816   1.869   1.00 10.90 ? 70  ARG A NH1 1 
ATOM   319  N  NH2 . ARG A 1 83  ? 13.631  3.765   0.692   1.00 20.43 ? 70  ARG A NH2 1 
ATOM   320  N  N   . ASN A 1 84  ? 7.645   4.630   6.037   1.00 13.39 ? 71  ASN A N   1 
ATOM   321  C  CA  . ASN A 1 84  ? 7.841   5.010   7.437   1.00 13.65 ? 71  ASN A CA  1 
ATOM   322  C  C   . ASN A 1 84  ? 6.744   4.462   8.352   1.00 11.47 ? 71  ASN A C   1 
ATOM   323  O  O   . ASN A 1 84  ? 6.804   4.632   9.566   1.00 10.90 ? 71  ASN A O   1 
ATOM   324  C  CB  . ASN A 1 84  ? 7.988   6.527   7.609   1.00 12.11 ? 71  ASN A CB  1 
ATOM   325  C  CG  . ASN A 1 84  ? 6.717   7.280   7.312   1.00 13.09 ? 71  ASN A CG  1 
ATOM   326  O  OD1 . ASN A 1 84  ? 5.630   6.706   7.278   1.00 17.09 ? 71  ASN A OD1 1 
ATOM   327  N  ND2 . ASN A 1 84  ? 6.847   8.585   7.105   1.00 10.04 ? 71  ASN A ND2 1 
ATOM   328  N  N   . GLY A 1 85  ? 5.754   3.803   7.756   1.00 10.37 ? 72  GLY A N   1 
ATOM   329  C  CA  . GLY A 1 85  ? 4.695   3.152   8.519   1.00 10.83 ? 72  GLY A CA  1 
ATOM   330  C  C   . GLY A 1 85  ? 3.551   3.993   9.059   1.00 10.07 ? 72  GLY A C   1 
ATOM   331  O  O   . GLY A 1 85  ? 2.560   3.445   9.551   1.00 11.18 ? 72  GLY A O   1 
ATOM   332  N  N   . VAL A 1 86  ? 3.669   5.313   8.968   1.00 9.10  ? 73  VAL A N   1 
ATOM   333  C  CA  . VAL A 1 86  ? 2.636   6.199   9.483   1.00 9.19  ? 73  VAL A CA  1 
ATOM   334  C  C   . VAL A 1 86  ? 1.243   5.947   8.892   1.00 12.37 ? 73  VAL A C   1 
ATOM   335  O  O   . VAL A 1 86  ? 0.285   5.718   9.639   1.00 10.71 ? 73  VAL A O   1 
ATOM   336  C  CB  . VAL A 1 86  ? 3.038   7.675   9.287   1.00 11.50 ? 73  VAL A CB  1 
ATOM   337  C  CG1 . VAL A 1 86  ? 2.002   8.601   9.919   1.00 6.07  ? 73  VAL A CG1 1 
ATOM   338  C  CG2 . VAL A 1 86  ? 4.412   7.914   9.914   1.00 9.67  ? 73  VAL A CG2 1 
ATOM   339  N  N   . VAL A 1 87  ? 1.126   5.978   7.566   1.00 8.78  ? 74  VAL A N   1 
ATOM   340  C  CA  . VAL A 1 87  ? -0.166  5.779   6.918   1.00 9.33  ? 74  VAL A CA  1 
ATOM   341  C  C   . VAL A 1 87  ? -0.809  4.424   7.241   1.00 9.20  ? 74  VAL A C   1 
ATOM   342  O  O   . VAL A 1 87  ? -2.008  4.346   7.512   1.00 10.93 ? 74  VAL A O   1 
ATOM   343  C  CB  . VAL A 1 87  ? -0.058  5.964   5.369   1.00 7.74  ? 74  VAL A CB  1 
ATOM   344  C  CG1 . VAL A 1 87  ? -1.362  5.557   4.682   1.00 10.29 ? 74  VAL A CG1 1 
ATOM   345  C  CG2 . VAL A 1 87  ? 0.244   7.415   5.047   1.00 5.43  ? 74  VAL A CG2 1 
ATOM   346  N  N   . LEU A 1 88  ? -0.018  3.362   7.213   1.00 6.85  ? 75  LEU A N   1 
ATOM   347  C  CA  . LEU A 1 88  ? -0.538  2.043   7.528   1.00 7.73  ? 75  LEU A CA  1 
ATOM   348  C  C   . LEU A 1 88  ? -0.970  1.978   8.997   1.00 9.49  ? 75  LEU A C   1 
ATOM   349  O  O   . LEU A 1 88  ? -1.980  1.359   9.330   1.00 8.03  ? 75  LEU A O   1 
ATOM   350  C  CB  . LEU A 1 88  ? 0.512   0.966   7.214   1.00 7.01  ? 75  LEU A CB  1 
ATOM   351  C  CG  . LEU A 1 88  ? 0.873   0.788   5.730   1.00 6.23  ? 75  LEU A CG  1 
ATOM   352  C  CD1 . LEU A 1 88  ? 1.955   -0.290  5.561   1.00 6.17  ? 75  LEU A CD1 1 
ATOM   353  C  CD2 . LEU A 1 88  ? -0.369  0.408   4.939   1.00 6.77  ? 75  LEU A CD2 1 
ATOM   354  N  N   . ALA A 1 89  ? -0.216  2.638   9.873   1.00 10.40 ? 76  ALA A N   1 
ATOM   355  C  CA  . ALA A 1 89  ? -0.542  2.650   11.292  1.00 10.21 ? 76  ALA A CA  1 
ATOM   356  C  C   . ALA A 1 89  ? -1.853  3.394   11.531  1.00 10.55 ? 76  ALA A C   1 
ATOM   357  O  O   . ALA A 1 89  ? -2.629  3.029   12.417  1.00 8.47  ? 76  ALA A O   1 
ATOM   358  C  CB  . ALA A 1 89  ? 0.592   3.284   12.097  1.00 5.98  ? 76  ALA A CB  1 
ATOM   359  N  N   . LEU A 1 90  ? -2.090  4.449   10.753  1.00 11.95 ? 77  LEU A N   1 
ATOM   360  C  CA  . LEU A 1 90  ? -3.334  5.205   10.866  1.00 13.86 ? 77  LEU A CA  1 
ATOM   361  C  C   . LEU A 1 90  ? -4.518  4.344   10.418  1.00 13.88 ? 77  LEU A C   1 
ATOM   362  O  O   . LEU A 1 90  ? -5.608  4.439   10.983  1.00 12.99 ? 77  LEU A O   1 
ATOM   363  C  CB  . LEU A 1 90  ? -3.269  6.492   10.039  1.00 13.06 ? 77  LEU A CB  1 
ATOM   364  C  CG  . LEU A 1 90  ? -2.449  7.628   10.655  1.00 18.65 ? 77  LEU A CG  1 
ATOM   365  C  CD1 . LEU A 1 90  ? -2.357  8.814   9.689   1.00 16.63 ? 77  LEU A CD1 1 
ATOM   366  C  CD2 . LEU A 1 90  ? -3.082  8.060   11.978  1.00 17.98 ? 77  LEU A CD2 1 
ATOM   367  N  N   . LEU A 1 91  ? -4.299  3.496   9.414   1.00 15.49 ? 78  LEU A N   1 
ATOM   368  C  CA  . LEU A 1 91  ? -5.348  2.589   8.950   1.00 15.44 ? 78  LEU A CA  1 
ATOM   369  C  C   . LEU A 1 91  ? -5.783  1.688   10.096  1.00 15.94 ? 78  LEU A C   1 
ATOM   370  O  O   . LEU A 1 91  ? -6.980  1.488   10.326  1.00 15.33 ? 78  LEU A O   1 
ATOM   371  C  CB  . LEU A 1 91  ? -4.858  1.714   7.794   1.00 15.95 ? 78  LEU A CB  1 
ATOM   372  C  CG  . LEU A 1 91  ? -5.127  2.191   6.372   1.00 18.43 ? 78  LEU A CG  1 
ATOM   373  C  CD1 . LEU A 1 91  ? -4.805  1.055   5.408   1.00 17.27 ? 78  LEU A CD1 1 
ATOM   374  C  CD2 . LEU A 1 91  ? -6.593  2.617   6.203   1.00 18.49 ? 78  LEU A CD2 1 
ATOM   375  N  N   . VAL A 1 92  ? -4.799  1.146   10.809  1.00 13.67 ? 79  VAL A N   1 
ATOM   376  C  CA  . VAL A 1 92  ? -5.054  0.275   11.953  1.00 13.91 ? 79  VAL A CA  1 
ATOM   377  C  C   . VAL A 1 92  ? -5.921  1.008   12.979  1.00 17.70 ? 79  VAL A C   1 
ATOM   378  O  O   . VAL A 1 92  ? -6.981  0.518   13.370  1.00 17.63 ? 79  VAL A O   1 
ATOM   379  C  CB  . VAL A 1 92  ? -3.747  -0.151  12.667  0.00 16.25 ? 79  VAL A CB  1 
ATOM   380  C  CG1 . VAL A 1 92  ? -4.005  -1.054  13.856  1.00 16.83 ? 79  VAL A CG1 1 
ATOM   381  C  CG2 . VAL A 1 92  ? -2.859  -0.841  11.725  1.00 10.46 ? 79  VAL A CG2 1 
ATOM   382  N  N   . GLN A 1 93  ? -5.450  2.179   13.411  1.00 13.97 ? 80  GLN A N   1 
ATOM   383  C  CA  . GLN A 1 93  ? -6.130  3.033   14.377  0.00 16.51 ? 80  GLN A CA  1 
ATOM   384  C  C   . GLN A 1 93  ? -7.598  3.175   14.017  1.00 12.42 ? 80  GLN A C   1 
ATOM   385  O  O   . GLN A 1 93  ? -8.464  3.039   14.873  1.00 14.70 ? 80  GLN A O   1 
ATOM   386  C  CB  . GLN A 1 93  ? -5.454  4.392   14.430  1.00 14.00 ? 80  GLN A CB  1 
ATOM   387  C  CG  . GLN A 1 93  ? -6.079  5.394   15.404  1.00 15.44 ? 80  GLN A CG  1 
ATOM   388  C  CD  . GLN A 1 93  ? -6.090  4.889   16.836  1.00 23.51 ? 80  GLN A CD  1 
ATOM   389  O  OE1 . GLN A 1 93  ? -6.906  4.029   17.202  1.00 22.43 ? 80  GLN A OE1 1 
ATOM   390  N  NE2 . GLN A 1 93  ? -5.173  5.411   17.655  1.00 24.20 ? 80  GLN A NE2 1 
ATOM   391  N  N   . LYS A 1 94  ? -7.875  3.457   12.751  1.00 14.13 ? 81  LYS A N   1 
ATOM   392  C  CA  . LYS A 1 94  ? -9.236  3.608   12.280  1.00 11.00 ? 81  LYS A CA  1 
ATOM   393  C  C   . LYS A 1 94  ? -10.105 2.397   12.629  1.00 18.33 ? 81  LYS A C   1 
ATOM   394  O  O   . LYS A 1 94  ? -11.235 2.548   13.106  1.00 17.22 ? 81  LYS A O   1 
ATOM   395  C  CB  . LYS A 1 94  ? -9.237  3.822   10.768  1.00 13.40 ? 81  LYS A CB  1 
ATOM   396  C  CG  . LYS A 1 94  ? -10.625 4.020   10.172  1.00 11.69 ? 81  LYS A CG  1 
ATOM   397  C  CD  . LYS A 1 94  ? -10.572 3.996   8.651   1.00 14.05 ? 81  LYS A CD  1 
ATOM   398  C  CE  . LYS A 1 94  ? -11.923 4.334   8.041   1.00 6.67  ? 81  LYS A CE  1 
ATOM   399  N  NZ  . LYS A 1 94  ? -11.951 3.865   6.671   1.00 6.10  ? 81  LYS A NZ  1 
ATOM   400  N  N   . PHE A 1 95  ? -9.574  1.195   12.411  1.00 19.19 ? 82  PHE A N   1 
ATOM   401  C  CA  . PHE A 1 95  ? -10.335 -0.033  12.664  1.00 21.62 ? 82  PHE A CA  1 
ATOM   402  C  C   . PHE A 1 95  ? -10.247 -0.551  14.091  1.00 19.63 ? 82  PHE A C   1 
ATOM   403  O  O   . PHE A 1 95  ? -10.848 -1.570  14.424  1.00 18.18 ? 82  PHE A O   1 
ATOM   404  C  CB  . PHE A 1 95  ? -9.908  -1.126  11.684  1.00 18.06 ? 82  PHE A CB  1 
ATOM   405  C  CG  . PHE A 1 95  ? -10.110 -0.748  10.251  1.00 19.13 ? 82  PHE A CG  1 
ATOM   406  C  CD1 . PHE A 1 95  ? -9.024  -0.452  9.437   1.00 20.46 ? 82  PHE A CD1 1 
ATOM   407  C  CD2 . PHE A 1 95  ? -11.392 -0.653  9.724   1.00 20.72 ? 82  PHE A CD2 1 
ATOM   408  C  CE1 . PHE A 1 95  ? -9.212  -0.069  8.112   1.00 22.47 ? 82  PHE A CE1 1 
ATOM   409  C  CE2 . PHE A 1 95  ? -11.592 -0.270  8.403   1.00 24.69 ? 82  PHE A CE2 1 
ATOM   410  C  CZ  . PHE A 1 95  ? -10.497 0.023   7.591   1.00 20.37 ? 82  PHE A CZ  1 
ATOM   411  N  N   . GLN A 1 96  ? -9.496  0.152   14.930  1.00 19.94 ? 83  GLN A N   1 
ATOM   412  C  CA  . GLN A 1 96  ? -9.378  -0.220  16.340  1.00 20.67 ? 83  GLN A CA  1 
ATOM   413  C  C   . GLN A 1 96  ? -9.569  1.028   17.192  1.00 17.88 ? 83  GLN A C   1 
ATOM   414  O  O   . GLN A 1 96  ? -8.674  1.428   17.921  1.00 22.05 ? 83  GLN A O   1 
ATOM   415  C  CB  . GLN A 1 96  ? -8.015  -0.852  16.617  1.00 19.54 ? 83  GLN A CB  1 
ATOM   416  C  CG  . GLN A 1 96  ? -7.765  -2.145  15.854  1.00 21.27 ? 83  GLN A CG  1 
ATOM   417  C  CD  . GLN A 1 96  ? -6.599  -2.937  16.430  1.00 28.26 ? 83  GLN A CD  1 
ATOM   418  O  OE1 . GLN A 1 96  ? -6.790  -3.991  17.044  1.00 28.97 ? 83  GLN A OE1 1 
ATOM   419  N  NE2 . GLN A 1 96  ? -5.391  -2.423  16.247  1.00 26.28 ? 83  GLN A NE2 1 
ATOM   420  N  N   . PRO A 1 97  ? -10.758 1.644   17.108  1.00 21.29 ? 84  PRO A N   1 
ATOM   421  C  CA  . PRO A 1 97  ? -11.091 2.884   17.818  1.00 23.48 ? 84  PRO A CA  1 
ATOM   422  C  C   . PRO A 1 97  ? -11.124 2.765   19.337  1.00 28.09 ? 84  PRO A C   1 
ATOM   423  O  O   . PRO A 1 97  ? -11.166 3.781   20.041  1.00 29.63 ? 84  PRO A O   1 
ATOM   424  C  CB  . PRO A 1 97  ? -12.463 3.244   17.251  1.00 26.82 ? 84  PRO A CB  1 
ATOM   425  C  CG  . PRO A 1 97  ? -13.079 1.912   16.979  1.00 21.80 ? 84  PRO A CG  1 
ATOM   426  C  CD  . PRO A 1 97  ? -11.933 1.115   16.388  1.00 24.20 ? 84  PRO A CD  1 
ATOM   427  N  N   . ASP A 1 98  ? -11.104 1.534   19.838  1.00 26.61 ? 85  ASP A N   1 
ATOM   428  C  CA  . ASP A 1 98  ? -11.145 1.295   21.274  1.00 26.69 ? 85  ASP A CA  1 
ATOM   429  C  C   . ASP A 1 98  ? -9.733  1.182   21.836  1.00 28.02 ? 85  ASP A C   1 
ATOM   430  O  O   . ASP A 1 98  ? -9.539  1.048   23.048  1.00 29.65 ? 85  ASP A O   1 
ATOM   431  C  CB  . ASP A 1 98  ? -11.933 0.012   21.568  1.00 25.40 ? 85  ASP A CB  1 
ATOM   432  C  CG  . ASP A 1 98  ? -11.227 -1.241  21.066  1.00 25.45 ? 85  ASP A CG  1 
ATOM   433  O  OD1 . ASP A 1 98  ? -10.804 -1.266  19.891  1.00 22.20 ? 85  ASP A OD1 1 
ATOM   434  O  OD2 . ASP A 1 98  ? -11.093 -2.217  21.832  1.00 26.29 ? 85  ASP A OD2 1 
ATOM   435  N  N   . LYS A 1 99  ? -8.751  1.238   20.944  1.00 23.98 ? 86  LYS A N   1 
ATOM   436  C  CA  . LYS A 1 99  ? -7.352  1.103   21.323  1.00 25.49 ? 86  LYS A CA  1 
ATOM   437  C  C   . LYS A 1 99  ? -6.563  2.349   20.942  1.00 28.44 ? 86  LYS A C   1 
ATOM   438  O  O   . LYS A 1 99  ? -6.771  2.928   19.869  1.00 26.74 ? 86  LYS A O   1 
ATOM   439  C  CB  . LYS A 1 99  ? -6.734  -0.111  20.623  1.00 29.94 ? 86  LYS A CB  1 
ATOM   440  C  CG  . LYS A 1 99  ? -7.330  -1.458  21.016  1.00 35.49 ? 86  LYS A CG  1 
ATOM   441  C  CD  . LYS A 1 99  ? -6.909  -1.875  22.422  1.00 42.61 ? 86  LYS A CD  1 
ATOM   442  C  CE  . LYS A 1 99  ? -7.467  -3.246  22.805  1.00 44.79 ? 86  LYS A CE  1 
ATOM   443  N  NZ  . LYS A 1 99  ? -6.868  -3.746  24.084  1.00 51.04 ? 86  LYS A NZ  1 
ATOM   444  N  N   . LEU A 1 100 ? -5.667  2.775   21.825  1.00 24.81 ? 87  LEU A N   1 
ATOM   445  C  CA  . LEU A 1 100 ? -4.808  3.906   21.511  1.00 24.45 ? 87  LEU A CA  1 
ATOM   446  C  C   . LEU A 1 100 ? -3.541  3.346   20.883  1.00 21.67 ? 87  LEU A C   1 
ATOM   447  O  O   . LEU A 1 100 ? -2.870  2.493   21.463  1.00 24.45 ? 87  LEU A O   1 
ATOM   448  C  CB  . LEU A 1 100 ? -4.459  4.713   22.756  1.00 26.86 ? 87  LEU A CB  1 
ATOM   449  C  CG  . LEU A 1 100 ? -3.583  5.936   22.456  1.00 26.05 ? 87  LEU A CG  1 
ATOM   450  C  CD1 . LEU A 1 100 ? -4.353  6.929   21.590  1.00 23.92 ? 87  LEU A CD1 1 
ATOM   451  C  CD2 . LEU A 1 100 ? -3.127  6.583   23.763  1.00 26.74 ? 87  LEU A CD2 1 
ATOM   452  N  N   . ILE A 1 101 ? -3.237  3.815   19.682  1.00 21.76 ? 88  ILE A N   1 
ATOM   453  C  CA  . ILE A 1 101 ? -2.067  3.354   18.952  1.00 21.93 ? 88  ILE A CA  1 
ATOM   454  C  C   . ILE A 1 101 ? -1.057  4.490   18.848  1.00 19.68 ? 88  ILE A C   1 
ATOM   455  O  O   . ILE A 1 101 ? -1.302  5.474   18.162  1.00 24.20 ? 88  ILE A O   1 
ATOM   456  C  CB  . ILE A 1 101 ? -2.482  2.885   17.543  1.00 22.15 ? 88  ILE A CB  1 
ATOM   457  C  CG1 . ILE A 1 101 ? -3.454  1.701   17.663  1.00 27.58 ? 88  ILE A CG1 1 
ATOM   458  C  CG2 . ILE A 1 101 ? -1.260  2.513   16.714  1.00 24.74 ? 88  ILE A CG2 1 
ATOM   459  C  CD1 . ILE A 1 101 ? -4.130  1.326   16.368  1.00 26.80 ? 88  ILE A CD1 1 
ATOM   460  N  N   . LYS A 1 102 ? 0.064   4.365   19.547  1.00 21.90 ? 89  LYS A N   1 
ATOM   461  C  CA  . LYS A 1 102 ? 1.116   5.326   19.486  0.00 23.63 ? 89  LYS A CA  1 
ATOM   462  C  C   . LYS A 1 102 ? 1.700   5.269   18.082  1.00 21.12 ? 89  LYS A C   1 
ATOM   463  O  O   . LYS A 1 102 ? 2.310   4.271   17.690  1.00 22.63 ? 89  LYS A O   1 
ATOM   464  C  CB  . LYS A 1 102 ? 2.196   5.018   20.525  0.00 24.49 ? 89  LYS A CB  1 
ATOM   465  C  CG  . LYS A 1 102 ? 1.749   5.168   21.923  1.00 24.24 ? 89  LYS A CG  1 
ATOM   466  C  CD  . LYS A 1 102 ? 1.574   6.622   22.367  1.00 26.74 ? 89  LYS A CD  1 
ATOM   467  C  CE  . LYS A 1 102 ? 1.109   6.693   23.819  1.00 24.79 ? 89  LYS A CE  1 
ATOM   468  N  NZ  . LYS A 1 102 ? 1.076   8.078   24.347  1.00 23.81 ? 89  LYS A NZ  1 
ATOM   469  N  N   . ILE A 1 103 ? 1.564   6.359   17.337  1.00 19.08 ? 90  ILE A N   1 
ATOM   470  C  CA  . ILE A 1 103 ? 2.132   6.420   15.998  1.00 17.63 ? 90  ILE A CA  1 
ATOM   471  C  C   . ILE A 1 103 ? 3.244   7.458   16.000  1.00 19.76 ? 90  ILE A C   1 
ATOM   472  O  O   . ILE A 1 103 ? 3.070   8.566   16.505  1.00 20.09 ? 90  ILE A O   1 
ATOM   473  C  CB  . ILE A 1 103 ? 1.059   6.783   14.961  1.00 20.08 ? 90  ILE A CB  1 
ATOM   474  C  CG1 . ILE A 1 103 ? -0.119  5.804   15.076  1.00 18.81 ? 90  ILE A CG1 1 
ATOM   475  C  CG2 . ILE A 1 103 ? 1.658   6.747   13.553  1.00 17.77 ? 90  ILE A CG2 1 
ATOM   476  C  CD1 . ILE A 1 103 ? -1.208  6.013   14.044  1.00 18.57 ? 90  ILE A CD1 1 
ATOM   477  N  N   . PHE A 1 104 ? 4.388   7.093   15.433  1.00 18.06 ? 91  PHE A N   1 
ATOM   478  C  CA  . PHE A 1 104 ? 5.562   7.955   15.435  1.00 15.14 ? 91  PHE A CA  1 
ATOM   479  C  C   . PHE A 1 104 ? 5.874   8.547   14.056  1.00 18.46 ? 91  PHE A C   1 
ATOM   480  O  O   . PHE A 1 104 ? 5.884   7.836   13.048  1.00 10.64 ? 91  PHE A O   1 
ATOM   481  C  CB  . PHE A 1 104 ? 6.764   7.164   15.949  1.00 16.08 ? 91  PHE A CB  1 
ATOM   482  C  CG  . PHE A 1 104 ? 6.498   6.430   17.235  1.00 18.35 ? 91  PHE A CG  1 
ATOM   483  C  CD1 . PHE A 1 104 ? 6.504   5.041   17.268  1.00 17.33 ? 91  PHE A CD1 1 
ATOM   484  C  CD2 . PHE A 1 104 ? 6.234   7.129   18.412  1.00 16.18 ? 91  PHE A CD2 1 
ATOM   485  C  CE1 . PHE A 1 104 ? 6.250   4.351   18.453  1.00 18.89 ? 91  PHE A CE1 1 
ATOM   486  C  CE2 . PHE A 1 104 ? 5.975   6.456   19.607  1.00 17.46 ? 91  PHE A CE2 1 
ATOM   487  C  CZ  . PHE A 1 104 ? 5.982   5.059   19.629  1.00 20.92 ? 91  PHE A CZ  1 
ATOM   488  N  N   . TYR A 1 105 ? 6.134   9.855   14.036  1.00 14.87 ? 92  TYR A N   1 
ATOM   489  C  CA  . TYR A 1 105 ? 6.386   10.592  12.801  1.00 16.38 ? 92  TYR A CA  1 
ATOM   490  C  C   . TYR A 1 105 ? 7.165   11.873  13.108  1.00 19.24 ? 92  TYR A C   1 
ATOM   491  O  O   . TYR A 1 105 ? 7.142   12.844  12.344  1.00 17.82 ? 92  TYR A O   1 
ATOM   492  C  CB  . TYR A 1 105 ? 5.078   10.886  12.072  0.00 17.97 ? 92  TYR A CB  1 
ATOM   493  C  CG  . TYR A 1 105 ? 3.989   11.407  12.978  1.00 14.15 ? 92  TYR A CG  1 
ATOM   494  C  CD1 . TYR A 1 105 ? 3.956   12.755  13.341  1.00 16.13 ? 92  TYR A CD1 1 
ATOM   495  C  CD2 . TYR A 1 105 ? 3.002   10.558  13.497  1.00 13.77 ? 92  TYR A CD2 1 
ATOM   496  C  CE1 . TYR A 1 105 ? 2.989   13.243  14.226  1.00 15.45 ? 92  TYR A CE1 1 
ATOM   497  C  CE2 . TYR A 1 105 ? 2.035   11.026  14.387  1.00 13.06 ? 92  TYR A CE2 1 
ATOM   498  C  CZ  . TYR A 1 105 ? 2.037   12.373  14.756  1.00 18.33 ? 92  TYR A CZ  1 
ATOM   499  O  OH  . TYR A 1 105 ? 1.111   12.849  15.665  1.00 9.95  ? 92  TYR A OH  1 
ATOM   500  N  N   . SER A 1 106 ? 7.860   11.855  14.240  1.00 17.39 ? 93  SER A N   1 
ATOM   501  C  CA  . SER A 1 106 ? 8.658   12.991  14.689  1.00 18.60 ? 93  SER A CA  1 
ATOM   502  C  C   . SER A 1 106 ? 9.527   13.569  13.580  1.00 16.16 ? 93  SER A C   1 
ATOM   503  O  O   . SER A 1 106 ? 10.113  12.835  12.795  1.00 18.50 ? 93  SER A O   1 
ATOM   504  C  CB  . SER A 1 106 ? 9.550   12.565  15.854  1.00 17.24 ? 93  SER A CB  1 
ATOM   505  O  OG  . SER A 1 106 ? 10.527  13.542  16.126  1.00 18.16 ? 93  SER A OG  1 
ATOM   506  N  N   . ASN A 1 107 ? 9.595   14.894  13.518  1.00 22.17 ? 94  ASN A N   1 
ATOM   507  C  CA  . ASN A 1 107 ? 10.439  15.566  12.540  1.00 19.55 ? 94  ASN A CA  1 
ATOM   508  C  C   . ASN A 1 107 ? 11.607  16.246  13.254  1.00 23.06 ? 94  ASN A C   1 
ATOM   509  O  O   . ASN A 1 107 ? 12.295  17.085  12.683  1.00 19.55 ? 94  ASN A O   1 
ATOM   510  C  CB  . ASN A 1 107 ? 9.625   16.583  11.732  1.00 21.11 ? 94  ASN A CB  1 
ATOM   511  C  CG  . ASN A 1 107 ? 9.197   17.788  12.551  1.00 22.31 ? 94  ASN A CG  1 
ATOM   512  O  OD1 . ASN A 1 107 ? 9.317   17.804  13.774  1.00 19.56 ? 94  ASN A OD1 1 
ATOM   513  N  ND2 . ASN A 1 107 ? 8.682   18.810  11.866  1.00 24.12 ? 94  ASN A ND2 1 
ATOM   514  N  N   . GLU A 1 108 ? 11.826  15.870  14.511  1.00 20.82 ? 95  GLU A N   1 
ATOM   515  C  CA  . GLU A 1 108 ? 12.915  16.436  15.302  1.00 25.26 ? 95  GLU A CA  1 
ATOM   516  C  C   . GLU A 1 108 ? 14.012  15.401  15.537  1.00 23.07 ? 95  GLU A C   1 
ATOM   517  O  O   . GLU A 1 108 ? 15.157  15.738  15.805  0.00 25.91 ? 95  GLU A O   1 
ATOM   518  C  CB  . GLU A 1 108 ? 12.382  16.925  16.651  1.00 24.68 ? 95  GLU A CB  1 
ATOM   519  C  CG  . GLU A 1 108 ? 11.543  18.187  16.579  1.00 34.05 ? 95  GLU A CG  1 
ATOM   520  C  CD  . GLU A 1 108 ? 12.352  19.399  16.151  1.00 39.71 ? 95  GLU A CD  1 
ATOM   521  O  OE1 . GLU A 1 108 ? 11.757  20.485  15.984  1.00 43.03 ? 95  GLU A OE1 1 
ATOM   522  O  OE2 . GLU A 1 108 ? 13.585  19.262  15.985  1.00 40.40 ? 95  GLU A OE2 1 
ATOM   523  N  N   . LEU A 1 109 ? 13.613  14.134  15.467  1.00 25.62 ? 96  LEU A N   1 
ATOM   524  C  CA  . LEU A 1 109 ? 14.501  13.008  15.707  1.00 21.94 ? 96  LEU A CA  1 
ATOM   525  C  C   . LEU A 1 109 ? 14.002  11.835  14.879  1.00 23.00 ? 96  LEU A C   1 
ATOM   526  O  O   . LEU A 1 109 ? 12.789  11.684  14.677  1.00 25.27 ? 96  LEU A O   1 
ATOM   527  C  CB  . LEU A 1 109 ? 14.457  12.635  17.187  1.00 23.43 ? 96  LEU A CB  1 
ATOM   528  C  CG  . LEU A 1 109 ? 15.708  12.074  17.842  1.00 23.43 ? 96  LEU A CG  1 
ATOM   529  C  CD1 . LEU A 1 109 ? 16.826  13.122  17.780  1.00 21.00 ? 96  LEU A CD1 1 
ATOM   530  C  CD2 . LEU A 1 109 ? 15.401  11.710  19.294  1.00 21.63 ? 96  LEU A CD2 1 
ATOM   531  N  N   . GLN A 1 110 ? 14.932  11.014  14.399  1.00 22.93 ? 97  GLN A N   1 
ATOM   532  C  CA  . GLN A 1 110 ? 14.603  9.826   13.610  1.00 28.31 ? 97  GLN A CA  1 
ATOM   533  C  C   . GLN A 1 110 ? 13.820  8.822   14.444  1.00 22.99 ? 97  GLN A C   1 
ATOM   534  O  O   . GLN A 1 110 ? 14.198  8.514   15.572  1.00 27.10 ? 97  GLN A O   1 
ATOM   535  C  CB  . GLN A 1 110 ? 15.884  9.154   13.101  1.00 35.95 ? 97  GLN A CB  1 
ATOM   536  C  CG  . GLN A 1 110 ? 16.809  10.064  12.305  1.00 48.70 ? 97  GLN A CG  1 
ATOM   537  C  CD  . GLN A 1 110 ? 18.019  9.323   11.739  1.00 57.54 ? 97  GLN A CD  1 
ATOM   538  O  OE1 . GLN A 1 110 ? 18.842  8.784   12.486  1.00 56.56 ? 97  GLN A OE1 1 
ATOM   539  N  NE2 . GLN A 1 110 ? 18.126  9.293   10.412  1.00 57.61 ? 97  GLN A NE2 1 
ATOM   540  N  N   . PHE A 1 111 ? 12.728  8.312   13.887  1.00 25.82 ? 98  PHE A N   1 
ATOM   541  C  CA  . PHE A 1 111 ? 11.903  7.321   14.575  1.00 23.29 ? 98  PHE A CA  1 
ATOM   542  C  C   . PHE A 1 111 ? 12.071  5.944   13.947  1.00 18.83 ? 98  PHE A C   1 
ATOM   543  O  O   . PHE A 1 111 ? 12.561  5.826   12.828  1.00 22.51 ? 98  PHE A O   1 
ATOM   544  C  CB  . PHE A 1 111 ? 10.426  7.745   14.556  1.00 15.93 ? 98  PHE A CB  1 
ATOM   545  C  CG  . PHE A 1 111 ? 9.904   8.100   13.189  1.00 18.48 ? 98  PHE A CG  1 
ATOM   546  C  CD1 . PHE A 1 111 ? 9.212   7.157   12.425  1.00 16.50 ? 98  PHE A CD1 1 
ATOM   547  C  CD2 . PHE A 1 111 ? 10.059  9.394   12.681  1.00 15.89 ? 98  PHE A CD2 1 
ATOM   548  C  CE1 . PHE A 1 111 ? 8.681   7.499   11.177  1.00 15.49 ? 98  PHE A CE1 1 
ATOM   549  C  CE2 . PHE A 1 111 ? 9.532   9.746   11.438  1.00 13.73 ? 98  PHE A CE2 1 
ATOM   550  C  CZ  . PHE A 1 111 ? 8.842   8.799   10.682  1.00 13.32 ? 98  PHE A CZ  1 
ATOM   551  N  N   . ARG A 1 112 ? 11.666  4.905   14.670  1.00 20.58 ? 99  ARG A N   1 
ATOM   552  C  CA  . ARG A 1 112 ? 11.782  3.544   14.160  1.00 21.77 ? 99  ARG A CA  1 
ATOM   553  C  C   . ARG A 1 112 ? 10.611  3.154   13.269  1.00 21.91 ? 99  ARG A C   1 
ATOM   554  O  O   . ARG A 1 112 ? 9.507   2.908   13.751  1.00 20.85 ? 99  ARG A O   1 
ATOM   555  C  CB  . ARG A 1 112 ? 11.895  2.539   15.308  1.00 21.91 ? 99  ARG A CB  1 
ATOM   556  C  CG  . ARG A 1 112 ? 12.243  1.141   14.826  1.00 24.81 ? 99  ARG A CG  1 
ATOM   557  C  CD  . ARG A 1 112 ? 12.390  0.117   15.942  1.00 25.96 ? 99  ARG A CD  1 
ATOM   558  N  NE  . ARG A 1 112 ? 13.623  0.283   16.713  1.00 30.13 ? 99  ARG A NE  1 
ATOM   559  C  CZ  . ARG A 1 112 ? 13.746  1.075   17.769  1.00 30.67 ? 99  ARG A CZ  1 
ATOM   560  N  NH1 . ARG A 1 112 ? 12.702  1.785   18.185  1.00 31.50 ? 99  ARG A NH1 1 
ATOM   561  N  NH2 . ARG A 1 112 ? 14.907  1.144   18.418  1.00 26.49 ? 99  ARG A NH2 1 
ATOM   562  N  N   . HIS A 1 113 ? 10.868  3.096   11.968  1.00 21.96 ? 100 HIS A N   1 
ATOM   563  C  CA  . HIS A 1 113 ? 9.866   2.689   10.986  1.00 17.96 ? 100 HIS A CA  1 
ATOM   564  C  C   . HIS A 1 113 ? 9.146   1.412   11.389  1.00 14.57 ? 100 HIS A C   1 
ATOM   565  O  O   . HIS A 1 113 ? 7.926   1.357   11.368  1.00 16.33 ? 100 HIS A O   1 
ATOM   566  C  CB  . HIS A 1 113 ? 10.560  2.391   9.638   0.00 21.23 ? 100 HIS A CB  1 
ATOM   567  C  CG  . HIS A 1 113 ? 10.991  3.654   8.929   1.00 18.88 ? 100 HIS A CG  1 
ATOM   568  N  ND1 . HIS A 1 113 ? 11.056  4.882   9.552   1.00 24.17 ? 100 HIS A ND1 1 
ATOM   569  C  CD2 . HIS A 1 113 ? 11.381  3.862   7.649   1.00 23.48 ? 100 HIS A CD2 1 
ATOM   570  C  CE1 . HIS A 1 113 ? 11.471  5.790   8.688   1.00 17.83 ? 100 HIS A CE1 1 
ATOM   571  N  NE2 . HIS A 1 113 ? 11.677  5.199   7.527   1.00 16.53 ? 100 HIS A NE2 1 
ATOM   572  N  N   . SER A 1 114 ? 9.916   0.385   11.744  1.00 13.02 ? 101 SER A N   1 
ATOM   573  C  CA  . SER A 1 114 ? 9.347   -0.901  12.106  1.00 16.36 ? 101 SER A CA  1 
ATOM   574  C  C   . SER A 1 114 ? 8.249   -0.809  13.173  1.00 12.51 ? 101 SER A C   1 
ATOM   575  O  O   . SER A 1 114 ? 7.322   -1.622  13.200  0.00 16.34 ? 101 SER A O   1 
ATOM   576  C  CB  . SER A 1 114 ? 10.459  -1.868  12.545  1.00 13.51 ? 101 SER A CB  1 
ATOM   577  O  OG  . SER A 1 114 ? 11.110  -1.430  13.719  1.00 16.75 ? 101 SER A OG  1 
ATOM   578  N  N   . ASP A 1 115 ? 8.340   0.203   14.034  1.00 15.20 ? 102 ASP A N   1 
ATOM   579  C  CA  . ASP A 1 115 ? 7.346   0.394   15.083  1.00 15.92 ? 102 ASP A CA  1 
ATOM   580  C  C   . ASP A 1 115 ? 5.973   0.657   14.482  1.00 18.34 ? 102 ASP A C   1 
ATOM   581  O  O   . ASP A 1 115 ? 4.967   0.091   14.923  1.00 12.80 ? 102 ASP A O   1 
ATOM   582  C  CB  . ASP A 1 115 ? 7.730   1.551   16.001  1.00 18.40 ? 102 ASP A CB  1 
ATOM   583  C  CG  . ASP A 1 115 ? 8.750   1.151   17.052  1.00 24.04 ? 102 ASP A CG  1 
ATOM   584  O  OD1 . ASP A 1 115 ? 8.710   -0.015  17.501  1.00 22.50 ? 102 ASP A OD1 1 
ATOM   585  O  OD2 . ASP A 1 115 ? 9.586   1.988   17.455  1.00 25.07 ? 102 ASP A OD2 1 
ATOM   586  N  N   . ASN A 1 116 ? 5.920   1.520   13.474  1.00 13.08 ? 103 ASN A N   1 
ATOM   587  C  CA  . ASN A 1 116 ? 4.645   1.799   12.831  1.00 13.85 ? 103 ASN A CA  1 
ATOM   588  C  C   . ASN A 1 116 ? 4.253   0.645   11.920  1.00 10.00 ? 103 ASN A C   1 
ATOM   589  O  O   . ASN A 1 116 ? 3.084   0.257   11.858  1.00 11.22 ? 103 ASN A O   1 
ATOM   590  C  CB  . ASN A 1 116 ? 4.709   3.106   12.037  1.00 10.32 ? 103 ASN A CB  1 
ATOM   591  C  CG  . ASN A 1 116 ? 5.039   4.295   12.908  1.00 13.44 ? 103 ASN A CG  1 
ATOM   592  O  OD1 . ASN A 1 116 ? 4.571   4.394   14.045  1.00 13.99 ? 103 ASN A OD1 1 
ATOM   593  N  ND2 . ASN A 1 116 ? 5.838   5.209   12.380  1.00 9.96  ? 103 ASN A ND2 1 
ATOM   594  N  N   . ILE A 1 117 ? 5.238   0.090   11.224  1.00 12.72 ? 104 ILE A N   1 
ATOM   595  C  CA  . ILE A 1 117 ? 4.988   -1.033  10.318  1.00 14.11 ? 104 ILE A CA  1 
ATOM   596  C  C   . ILE A 1 117 ? 4.416   -2.244  11.067  1.00 12.82 ? 104 ILE A C   1 
ATOM   597  O  O   . ILE A 1 117 ? 3.479   -2.870  10.597  1.00 11.11 ? 104 ILE A O   1 
ATOM   598  C  CB  . ILE A 1 117 ? 6.279   -1.470  9.588   1.00 15.63 ? 104 ILE A CB  1 
ATOM   599  C  CG1 . ILE A 1 117 ? 6.921   -0.285  8.858   1.00 17.75 ? 104 ILE A CG1 1 
ATOM   600  C  CG2 . ILE A 1 117 ? 5.972   -2.605  8.607   1.00 11.70 ? 104 ILE A CG2 1 
ATOM   601  C  CD1 . ILE A 1 117 ? 6.074   0.298   7.750   1.00 27.16 ? 104 ILE A CD1 1 
ATOM   602  N  N   . ASN A 1 118 ? 4.992   -2.577  12.222  1.00 13.80 ? 105 ASN A N   1 
ATOM   603  C  CA  . ASN A 1 118 ? 4.550   -3.750  12.973  0.00 19.66 ? 105 ASN A CA  1 
ATOM   604  C  C   . ASN A 1 118 ? 3.125   -3.583  13.450  1.00 16.68 ? 105 ASN A C   1 
ATOM   605  O  O   . ASN A 1 118 ? 2.432   -4.580  13.632  1.00 22.24 ? 105 ASN A O   1 
ATOM   606  C  CB  . ASN A 1 118 ? 5.451   -4.002  14.184  0.00 22.62 ? 105 ASN A CB  1 
ATOM   607  C  CG  . ASN A 1 118 ? 6.863   -4.465  13.790  1.00 22.64 ? 105 ASN A CG  1 
ATOM   608  O  OD1 . ASN A 1 118 ? 7.048   -5.232  12.842  1.00 27.46 ? 105 ASN A OD1 1 
ATOM   609  N  ND2 . ASN A 1 118 ? 7.862   -3.975  14.515  1.00 25.51 ? 105 ASN A ND2 1 
ATOM   610  N  N   . LYS A 1 119 ? 2.649   -2.349  13.580  1.00 17.76 ? 106 LYS A N   1 
ATOM   611  C  CA  . LYS A 1 119 ? 1.263   -2.107  13.955  1.00 16.97 ? 106 LYS A CA  1 
ATOM   612  C  C   . LYS A 1 119 ? 0.333   -2.617  12.857  1.00 17.66 ? 106 LYS A C   1 
ATOM   613  O  O   . LYS A 1 119 ? -0.723  -3.183  13.143  1.00 16.22 ? 106 LYS A O   1 
ATOM   614  C  CB  . LYS A 1 119 ? 1.012   -0.612  14.171  1.00 19.84 ? 106 LYS A CB  1 
ATOM   615  C  CG  . LYS A 1 119 ? 1.831   0.022   15.281  1.00 17.25 ? 106 LYS A CG  1 
ATOM   616  C  CD  . LYS A 1 119 ? 1.306   -0.366  16.647  1.00 20.09 ? 106 LYS A CD  1 
ATOM   617  C  CE  . LYS A 1 119 ? 2.332   -0.066  17.726  1.00 21.71 ? 106 LYS A CE  1 
ATOM   618  N  NZ  . LYS A 1 119 ? 2.662   1.363   17.803  1.00 19.50 ? 106 LYS A NZ  1 
ATOM   619  N  N   . PHE A 1 120 ? 0.719   -2.413  11.602  1.00 14.60 ? 107 PHE A N   1 
ATOM   620  C  CA  . PHE A 1 120 ? -0.106  -2.864  10.482  1.00 12.83 ? 107 PHE A CA  1 
ATOM   621  C  C   . PHE A 1 120 ? -0.066  -4.397  10.374  1.00 14.20 ? 107 PHE A C   1 
ATOM   622  O  O   . PHE A 1 120 ? -1.106  -5.040  10.222  1.00 12.90 ? 107 PHE A O   1 
ATOM   623  C  CB  . PHE A 1 120 ? 0.362   -2.214  9.171   1.00 10.08 ? 107 PHE A CB  1 
ATOM   624  C  CG  . PHE A 1 120 ? -0.522  -2.528  7.986   1.00 10.06 ? 107 PHE A CG  1 
ATOM   625  C  CD1 . PHE A 1 120 ? -1.739  -1.872  7.811   1.00 6.91  ? 107 PHE A CD1 1 
ATOM   626  C  CD2 . PHE A 1 120 ? -0.141  -3.494  7.059   1.00 4.96  ? 107 PHE A CD2 1 
ATOM   627  C  CE1 . PHE A 1 120 ? -2.571  -2.174  6.728   1.00 8.08  ? 107 PHE A CE1 1 
ATOM   628  C  CE2 . PHE A 1 120 ? -0.967  -3.809  5.974   1.00 9.03  ? 107 PHE A CE2 1 
ATOM   629  C  CZ  . PHE A 1 120 ? -2.186  -3.148  5.807   1.00 7.96  ? 107 PHE A CZ  1 
ATOM   630  N  N   . LEU A 1 121 ? 1.134   -4.971  10.471  1.00 11.70 ? 108 LEU A N   1 
ATOM   631  C  CA  . LEU A 1 121 ? 1.305   -6.425  10.412  1.00 17.20 ? 108 LEU A CA  1 
ATOM   632  C  C   . LEU A 1 121 ? 0.540   -7.147  11.530  1.00 15.42 ? 108 LEU A C   1 
ATOM   633  O  O   . LEU A 1 121 ? -0.166  -8.116  11.271  1.00 16.83 ? 108 LEU A O   1 
ATOM   634  C  CB  . LEU A 1 121 ? 2.793   -6.800  10.482  1.00 11.83 ? 108 LEU A CB  1 
ATOM   635  C  CG  . LEU A 1 121 ? 3.661   -6.240  9.348   1.00 16.43 ? 108 LEU A CG  1 
ATOM   636  C  CD1 . LEU A 1 121 ? 5.133   -6.609  9.545   1.00 17.07 ? 108 LEU A CD1 1 
ATOM   637  C  CD2 . LEU A 1 121 ? 3.156   -6.780  8.033   1.00 14.40 ? 108 LEU A CD2 1 
ATOM   638  N  N   . ASP A 1 122 ? 0.689   -6.690  12.770  1.00 13.09 ? 109 ASP A N   1 
ATOM   639  C  CA  . ASP A 1 122 ? -0.060  -7.308  13.862  1.00 15.81 ? 109 ASP A CA  1 
ATOM   640  C  C   . ASP A 1 122 ? -1.561  -7.314  13.547  1.00 15.70 ? 109 ASP A C   1 
ATOM   641  O  O   . ASP A 1 122 ? -2.263  -8.279  13.863  1.00 13.64 ? 109 ASP A O   1 
ATOM   642  C  CB  . ASP A 1 122 ? 0.177   -6.575  15.186  1.00 14.73 ? 109 ASP A CB  1 
ATOM   643  C  CG  . ASP A 1 122 ? 1.602   -6.732  15.704  1.00 18.69 ? 109 ASP A CG  1 
ATOM   644  O  OD1 . ASP A 1 122 ? 2.304   -7.686  15.299  1.00 19.51 ? 109 ASP A OD1 1 
ATOM   645  O  OD2 . ASP A 1 122 ? 2.042   -5.911  16.537  1.00 21.07 ? 109 ASP A OD2 1 
ATOM   646  N  N   . PHE A 1 123 ? -2.038  -6.239  12.914  1.00 10.35 ? 110 PHE A N   1 
ATOM   647  C  CA  . PHE A 1 123 ? -3.451  -6.085  12.584  1.00 10.29 ? 110 PHE A CA  1 
ATOM   648  C  C   . PHE A 1 123 ? -3.953  -7.043  11.506  1.00 11.23 ? 110 PHE A C   1 
ATOM   649  O  O   . PHE A 1 123 ? -5.046  -7.587  11.627  1.00 14.60 ? 110 PHE A O   1 
ATOM   650  C  CB  . PHE A 1 123 ? -3.753  -4.638  12.161  1.00 11.15 ? 110 PHE A CB  1 
ATOM   651  C  CG  . PHE A 1 123 ? -5.185  -4.414  11.739  1.00 9.80  ? 110 PHE A CG  1 
ATOM   652  C  CD1 . PHE A 1 123 ? -6.211  -4.434  12.672  1.00 8.98  ? 110 PHE A CD1 1 
ATOM   653  C  CD2 . PHE A 1 123 ? -5.505  -4.202  10.400  1.00 11.59 ? 110 PHE A CD2 1 
ATOM   654  C  CE1 . PHE A 1 123 ? -7.538  -4.252  12.280  1.00 12.10 ? 110 PHE A CE1 1 
ATOM   655  C  CE2 . PHE A 1 123 ? -6.830  -4.016  10.002  1.00 12.26 ? 110 PHE A CE2 1 
ATOM   656  C  CZ  . PHE A 1 123 ? -7.845  -4.044  10.945  1.00 10.09 ? 110 PHE A CZ  1 
ATOM   657  N  N   . ILE A 1 124 ? -3.166  -7.256  10.458  1.00 13.86 ? 111 ILE A N   1 
ATOM   658  C  CA  . ILE A 1 124 ? -3.602  -8.133  9.380   1.00 20.14 ? 111 ILE A CA  1 
ATOM   659  C  C   . ILE A 1 124 ? -3.485  -9.610  9.755   1.00 14.24 ? 111 ILE A C   1 
ATOM   660  O  O   . ILE A 1 124 ? -4.071  -10.472 9.104   0.00 17.57 ? 111 ILE A O   1 
ATOM   661  C  CB  . ILE A 1 124 ? -2.836  -7.827  8.063   1.00 14.90 ? 111 ILE A CB  1 
ATOM   662  C  CG1 . ILE A 1 124 ? -1.332  -7.990  8.259   1.00 18.31 ? 111 ILE A CG1 1 
ATOM   663  C  CG2 . ILE A 1 124 ? -3.152  -6.416  7.619   1.00 14.16 ? 111 ILE A CG2 1 
ATOM   664  C  CD1 . ILE A 1 124 ? -0.520  -7.625  7.021   1.00 20.05 ? 111 ILE A CD1 1 
ATOM   665  N  N   . HIS A 1 125 ? -2.647  -9.888  10.749  1.00 16.70 ? 112 HIS A N   1 
ATOM   666  C  CA  . HIS A 1 125 ? -2.485  -11.248 11.259  1.00 17.25 ? 112 HIS A CA  1 
ATOM   667  C  C   . HIS A 1 125 ? -3.543  -11.478 12.340  1.00 15.90 ? 112 HIS A C   1 
ATOM   668  O  O   . HIS A 1 125 ? -4.094  -12.567 12.458  1.00 16.18 ? 112 HIS A O   1 
ATOM   669  C  CB  . HIS A 1 125 ? -1.090  -11.449 11.859  1.00 23.75 ? 112 HIS A CB  1 
ATOM   670  C  CG  . HIS A 1 125 ? 0.026   -11.338 10.863  1.00 32.59 ? 112 HIS A CG  1 
ATOM   671  N  ND1 . HIS A 1 125 ? 1.348   -11.540 11.205  1.00 38.27 ? 112 HIS A ND1 1 
ATOM   672  C  CD2 . HIS A 1 125 ? 0.022   -11.039 9.544   1.00 38.14 ? 112 HIS A CD2 1 
ATOM   673  C  CE1 . HIS A 1 125 ? 2.107   -11.375 10.136  1.00 42.16 ? 112 HIS A CE1 1 
ATOM   674  N  NE2 . HIS A 1 125 ? 1.327   -11.068 9.115   1.00 39.39 ? 112 HIS A NE2 1 
ATOM   675  N  N   . GLY A 1 126 ? -3.832  -10.427 13.107  1.00 14.32 ? 113 GLY A N   1 
ATOM   676  C  CA  . GLY A 1 126 ? -4.802  -10.512 14.180  1.00 15.17 ? 113 GLY A CA  1 
ATOM   677  C  C   . GLY A 1 126 ? -6.229  -10.761 13.734  1.00 18.03 ? 113 GLY A C   1 
ATOM   678  O  O   . GLY A 1 126 ? -7.009  -11.373 14.473  1.00 14.59 ? 113 GLY A O   1 
ATOM   679  N  N   . ILE A 1 127 ? -6.584  -10.281 12.541  1.00 16.54 ? 114 ILE A N   1 
ATOM   680  C  CA  . ILE A 1 127 ? -7.927  -10.504 12.007  1.00 15.46 ? 114 ILE A CA  1 
ATOM   681  C  C   . ILE A 1 127 ? -7.985  -11.796 11.206  1.00 17.47 ? 114 ILE A C   1 
ATOM   682  O  O   . ILE A 1 127 ? -8.957  -12.043 10.488  1.00 18.62 ? 114 ILE A O   1 
ATOM   683  C  CB  . ILE A 1 127 ? -8.407  -9.337  11.101  1.00 18.28 ? 114 ILE A CB  1 
ATOM   684  C  CG1 . ILE A 1 127 ? -7.363  -9.037  10.024  1.00 18.49 ? 114 ILE A CG1 1 
ATOM   685  C  CG2 . ILE A 1 127 ? -8.753  -8.116  11.947  1.00 17.53 ? 114 ILE A CG2 1 
ATOM   686  C  CD1 . ILE A 1 127 ? -7.759  -7.896  9.084   1.00 19.88 ? 114 ILE A CD1 1 
ATOM   687  N  N   . GLY A 1 128 ? -6.932  -12.604 11.318  1.00 14.81 ? 115 GLY A N   1 
ATOM   688  C  CA  . GLY A 1 128 ? -6.915  -13.930 10.736  0.00 22.16 ? 115 GLY A CA  1 
ATOM   689  C  C   . GLY A 1 128 ? -6.857  -14.058 9.238   1.00 21.60 ? 115 GLY A C   1 
ATOM   690  O  O   . GLY A 1 128 ? -7.426  -15.017 8.719   1.00 24.53 ? 115 GLY A O   1 
ATOM   691  N  N   . LEU A 1 129 ? -6.291  -13.094 8.519   1.00 21.63 ? 116 LEU A N   1 
ATOM   692  C  CA  . LEU A 1 129 ? -6.202  -13.202 7.070   1.00 21.96 ? 116 LEU A CA  1 
ATOM   693  C  C   . LEU A 1 129 ? -4.977  -14.029 6.701   1.00 19.64 ? 116 LEU A C   1 
ATOM   694  O  O   . LEU A 1 129 ? -3.949  -13.955 7.369   1.00 19.87 ? 116 LEU A O   1 
ATOM   695  C  CB  . LEU A 1 129 ? -6.111  -11.810 6.433   1.00 25.91 ? 116 LEU A CB  1 
ATOM   696  C  CG  . LEU A 1 129 ? -7.400  -10.992 6.487   1.00 28.04 ? 116 LEU A CG  1 
ATOM   697  C  CD1 . LEU A 1 129 ? -7.194  -9.626  5.858   1.00 27.79 ? 116 LEU A CD1 1 
ATOM   698  C  CD2 . LEU A 1 129 ? -8.509  -11.752 5.768   1.00 31.57 ? 116 LEU A CD2 1 
ATOM   699  N  N   . PRO A 1 130 ? -5.083  -14.844 5.644   1.00 21.01 ? 117 PRO A N   1 
ATOM   700  C  CA  . PRO A 1 130 ? -3.983  -15.687 5.164   1.00 20.61 ? 117 PRO A CA  1 
ATOM   701  C  C   . PRO A 1 130 ? -2.676  -14.929 4.895   1.00 22.90 ? 117 PRO A C   1 
ATOM   702  O  O   . PRO A 1 130 ? -2.688  -13.819 4.368   1.00 17.62 ? 117 PRO A O   1 
ATOM   703  C  CB  . PRO A 1 130 ? -4.550  -16.289 3.883   1.00 24.16 ? 117 PRO A CB  1 
ATOM   704  C  CG  . PRO A 1 130 ? -6.009  -16.397 4.176   1.00 22.31 ? 117 PRO A CG  1 
ATOM   705  C  CD  . PRO A 1 130 ? -6.317  -15.097 4.877   1.00 20.68 ? 117 PRO A CD  1 
ATOM   706  N  N   . GLU A 1 131 ? -1.557  -15.560 5.244   1.00 23.28 ? 118 GLU A N   1 
ATOM   707  C  CA  . GLU A 1 131 ? -0.224  -14.989 5.056   1.00 25.54 ? 118 GLU A CA  1 
ATOM   708  C  C   . GLU A 1 131 ? 0.066   -14.620 3.605   1.00 24.12 ? 118 GLU A C   1 
ATOM   709  O  O   . GLU A 1 131 ? 0.858   -13.718 3.328   1.00 21.01 ? 118 GLU A O   1 
ATOM   710  C  CB  . GLU A 1 131 ? 0.843   -15.973 5.545   1.00 35.03 ? 118 GLU A CB  1 
ATOM   711  C  CG  . GLU A 1 131 ? 0.623   -16.491 6.958   1.00 48.33 ? 118 GLU A CG  1 
ATOM   712  C  CD  . GLU A 1 131 ? 0.642   -15.386 7.999   1.00 58.86 ? 118 GLU A CD  1 
ATOM   713  O  OE1 . GLU A 1 131 ? 1.666   -14.674 8.095   1.00 64.46 ? 118 GLU A OE1 1 
ATOM   714  O  OE2 . GLU A 1 131 ? -0.365  -15.232 8.726   1.00 62.93 ? 118 GLU A OE2 1 
ATOM   715  N  N   . ILE A 1 132 ? -0.570  -15.325 2.677   1.00 22.39 ? 119 ILE A N   1 
ATOM   716  C  CA  . ILE A 1 132 ? -0.375  -15.051 1.261   1.00 21.83 ? 119 ILE A CA  1 
ATOM   717  C  C   . ILE A 1 132 ? -0.786  -13.626 0.884   1.00 18.65 ? 119 ILE A C   1 
ATOM   718  O  O   . ILE A 1 132 ? -0.304  -13.077 -0.105  1.00 19.43 ? 119 ILE A O   1 
ATOM   719  C  CB  . ILE A 1 132 ? -1.202  -16.022 0.403   1.00 26.09 ? 119 ILE A CB  1 
ATOM   720  C  CG1 . ILE A 1 132 ? -2.669  -15.968 0.853   1.00 27.85 ? 119 ILE A CG1 1 
ATOM   721  C  CG2 . ILE A 1 132 ? -0.630  -17.428 0.499   1.00 28.57 ? 119 ILE A CG2 1 
ATOM   722  C  CD1 . ILE A 1 132 ? -3.627  -16.688 -0.059  1.00 28.75 ? 119 ILE A CD1 1 
ATOM   723  N  N   . PHE A 1 133 ? -1.679  -13.034 1.669   1.00 17.40 ? 120 PHE A N   1 
ATOM   724  C  CA  . PHE A 1 133 ? -2.188  -11.692 1.392   1.00 21.78 ? 120 PHE A CA  1 
ATOM   725  C  C   . PHE A 1 133 ? -1.351  -10.553 1.975   1.00 20.71 ? 120 PHE A C   1 
ATOM   726  O  O   . PHE A 1 133 ? -1.606  -9.385  1.687   1.00 20.10 ? 120 PHE A O   1 
ATOM   727  C  CB  . PHE A 1 133 ? -3.631  -11.562 1.910   1.00 19.26 ? 120 PHE A CB  1 
ATOM   728  C  CG  . PHE A 1 133 ? -4.616  -12.444 1.201   1.00 19.90 ? 120 PHE A CG  1 
ATOM   729  C  CD1 . PHE A 1 133 ? -5.667  -13.027 1.893   1.00 19.63 ? 120 PHE A CD1 1 
ATOM   730  C  CD2 . PHE A 1 133 ? -4.496  -12.692 -0.162  1.00 22.70 ? 120 PHE A CD2 1 
ATOM   731  C  CE1 . PHE A 1 133 ? -6.585  -13.846 1.240   1.00 24.62 ? 120 PHE A CE1 1 
ATOM   732  C  CE2 . PHE A 1 133 ? -5.414  -13.511 -0.825  1.00 23.21 ? 120 PHE A CE2 1 
ATOM   733  C  CZ  . PHE A 1 133 ? -6.456  -14.090 -0.122  1.00 19.78 ? 120 PHE A CZ  1 
ATOM   734  N  N   . HIS A 1 134 ? -0.357  -10.886 2.790   1.00 20.18 ? 121 HIS A N   1 
ATOM   735  C  CA  . HIS A 1 134 ? 0.442   -9.857  3.429   0.00 24.17 ? 121 HIS A CA  1 
ATOM   736  C  C   . HIS A 1 134 ? 1.814   -9.600  2.825   1.00 20.64 ? 121 HIS A C   1 
ATOM   737  O  O   . HIS A 1 134 ? 2.148   -10.083 1.746   1.00 23.20 ? 121 HIS A O   1 
ATOM   738  C  CB  . HIS A 1 134 ? 0.615   -10.264 4.829   1.00 24.02 ? 121 HIS A CB  1 
ATOM   739  C  CG  . HIS A 1 134 ? -0.607  -10.794 5.516   1.00 33.68 ? 121 HIS A CG  1 
ATOM   740  N  ND1 . HIS A 1 134 ? -1.873  -10.306 5.270   1.00 32.17 ? 121 HIS A ND1 1 
ATOM   741  C  CD2 . HIS A 1 134 ? -0.749  -11.755 6.463   1.00 29.77 ? 121 HIS A CD2 1 
ATOM   742  C  CE1 . HIS A 1 134 ? -2.743  -10.945 6.036   1.00 32.85 ? 121 HIS A CE1 1 
ATOM   743  N  NE2 . HIS A 1 134 ? -2.087  -11.825 6.768   1.00 32.62 ? 121 HIS A NE2 1 
ATOM   744  N  N   . PHE A 1 135 ? 2.589   -8.778  3.518   1.00 17.92 ? 122 PHE A N   1 
ATOM   745  C  CA  . PHE A 1 135 ? 3.952   -8.483  3.114   1.00 16.62 ? 122 PHE A CA  1 
ATOM   746  C  C   . PHE A 1 135 ? 4.787   -8.592  4.364   1.00 11.75 ? 122 PHE A C   1 
ATOM   747  O  O   . PHE A 1 135 ? 4.247   -8.690  5.461   1.00 14.44 ? 122 PHE A O   1 
ATOM   748  C  CB  . PHE A 1 135 ? 4.057   -7.074  2.522   1.00 15.14 ? 122 PHE A CB  1 
ATOM   749  C  CG  . PHE A 1 135 ? 3.707   -5.972  3.489   1.00 15.25 ? 122 PHE A CG  1 
ATOM   750  C  CD1 . PHE A 1 135 ? 4.635   -5.521  4.419   1.00 14.71 ? 122 PHE A CD1 1 
ATOM   751  C  CD2 . PHE A 1 135 ? 2.459   -5.366  3.443   1.00 14.09 ? 122 PHE A CD2 1 
ATOM   752  C  CE1 . PHE A 1 135 ? 4.323   -4.485  5.288   1.00 13.87 ? 122 PHE A CE1 1 
ATOM   753  C  CE2 . PHE A 1 135 ? 2.140   -4.333  4.302   1.00 13.97 ? 122 PHE A CE2 1 
ATOM   754  C  CZ  . PHE A 1 135 ? 3.074   -3.891  5.228   1.00 15.75 ? 122 PHE A CZ  1 
ATOM   755  N  N   . GLU A 1 136 ? 6.102   -8.576  4.206   1.00 12.64 ? 123 GLU A N   1 
ATOM   756  C  CA  . GLU A 1 136 ? 6.983   -8.664  5.362   1.00 15.50 ? 123 GLU A CA  1 
ATOM   757  C  C   . GLU A 1 136 ? 7.668   -7.333  5.628   1.00 14.75 ? 123 GLU A C   1 
ATOM   758  O  O   . GLU A 1 136 ? 7.759   -6.476  4.748   1.00 14.70 ? 123 GLU A O   1 
ATOM   759  C  CB  . GLU A 1 136 ? 8.013   -9.781  5.168   1.00 14.54 ? 123 GLU A CB  1 
ATOM   760  C  CG  . GLU A 1 136 ? 7.362   -11.150 4.990   1.00 17.90 ? 123 GLU A CG  1 
ATOM   761  C  CD  . GLU A 1 136 ? 8.356   -12.273 4.728   1.00 21.71 ? 123 GLU A CD  1 
ATOM   762  O  OE1 . GLU A 1 136 ? 9.175   -12.155 3.788   1.00 19.72 ? 123 GLU A OE1 1 
ATOM   763  O  OE2 . GLU A 1 136 ? 8.304   -13.279 5.462   1.00 21.50 ? 123 GLU A OE2 1 
ATOM   764  N  N   . LEU A 1 137 ? 8.128   -7.156  6.857   1.00 14.38 ? 124 LEU A N   1 
ATOM   765  C  CA  . LEU A 1 137 ? 8.817   -5.933  7.234   1.00 16.71 ? 124 LEU A CA  1 
ATOM   766  C  C   . LEU A 1 137 ? 9.832   -5.503  6.162   1.00 15.49 ? 124 LEU A C   1 
ATOM   767  O  O   . LEU A 1 137 ? 9.784   -4.372  5.684   1.00 15.03 ? 124 LEU A O   1 
ATOM   768  C  CB  . LEU A 1 137 ? 9.511   -6.120  8.585   1.00 14.38 ? 124 LEU A CB  1 
ATOM   769  C  CG  . LEU A 1 137 ? 10.291  -4.916  9.124   1.00 15.67 ? 124 LEU A CG  1 
ATOM   770  C  CD1 . LEU A 1 137 ? 9.340   -3.758  9.345   1.00 17.84 ? 124 LEU A CD1 1 
ATOM   771  C  CD2 . LEU A 1 137 ? 10.987  -5.291  10.419  1.00 17.77 ? 124 LEU A CD2 1 
ATOM   772  N  N   . THR A 1 138 ? 10.731  -6.407  5.778   1.00 13.86 ? 125 THR A N   1 
ATOM   773  C  CA  . THR A 1 138 ? 11.752  -6.091  4.784   1.00 15.04 ? 125 THR A CA  1 
ATOM   774  C  C   . THR A 1 138 ? 11.169  -5.548  3.476   1.00 11.36 ? 125 THR A C   1 
ATOM   775  O  O   . THR A 1 138 ? 11.677  -4.578  2.925   1.00 13.92 ? 125 THR A O   1 
ATOM   776  C  CB  . THR A 1 138 ? 12.668  -7.318  4.473   1.00 14.83 ? 125 THR A CB  1 
ATOM   777  O  OG1 . THR A 1 138 ? 13.272  -7.785  5.682   1.00 16.52 ? 125 THR A OG1 1 
ATOM   778  C  CG2 . THR A 1 138 ? 13.812  -6.913  3.548   1.00 15.89 ? 125 THR A CG2 1 
ATOM   779  N  N   . ASP A 1 139 ? 10.100  -6.160  2.988   1.00 12.52 ? 126 ASP A N   1 
ATOM   780  C  CA  . ASP A 1 139 ? 9.483   -5.707  1.748   1.00 12.08 ? 126 ASP A CA  1 
ATOM   781  C  C   . ASP A 1 139 ? 9.233   -4.204  1.714   1.00 13.69 ? 126 ASP A C   1 
ATOM   782  O  O   . ASP A 1 139 ? 9.422   -3.555  0.682   1.00 11.84 ? 126 ASP A O   1 
ATOM   783  C  CB  . ASP A 1 139 ? 8.185   -6.441  1.471   0.00 15.91 ? 126 ASP A CB  1 
ATOM   784  C  CG  . ASP A 1 139 ? 8.375   -7.917  1.452   1.00 16.45 ? 126 ASP A CG  1 
ATOM   785  O  OD1 . ASP A 1 139 ? 9.500   -8.383  1.144   1.00 15.09 ? 126 ASP A OD1 1 
ATOM   786  O  OD2 . ASP A 1 139 ? 7.396   -8.658  1.706   1.00 15.48 ? 126 ASP A OD2 1 
ATOM   787  N  N   . ILE A 1 140 ? 8.796   -3.654  2.841   1.00 12.57 ? 127 ILE A N   1 
ATOM   788  C  CA  . ILE A 1 140 ? 8.476   -2.242  2.904   1.00 13.47 ? 127 ILE A CA  1 
ATOM   789  C  C   . ILE A 1 140 ? 9.591   -1.410  3.513   1.00 14.81 ? 127 ILE A C   1 
ATOM   790  O  O   . ILE A 1 140 ? 9.916   -0.335  3.010   1.00 11.31 ? 127 ILE A O   1 
ATOM   791  C  CB  . ILE A 1 140 ? 7.166   -2.022  3.686   1.00 14.14 ? 127 ILE A CB  1 
ATOM   792  C  CG1 . ILE A 1 140 ? 6.690   -0.575  3.532   1.00 16.58 ? 127 ILE A CG1 1 
ATOM   793  C  CG2 . ILE A 1 140 ? 7.361   -2.392  5.144   1.00 17.06 ? 127 ILE A CG2 1 
ATOM   794  C  CD1 . ILE A 1 140 ? 5.199   -0.396  3.758   1.00 10.44 ? 127 ILE A CD1 1 
ATOM   795  N  N   . TYR A 1 141 ? 10.190  -1.904  4.585   1.00 17.31 ? 128 TYR A N   1 
ATOM   796  C  CA  . TYR A 1 141 ? 11.243  -1.145  5.244   1.00 21.71 ? 128 TYR A CA  1 
ATOM   797  C  C   . TYR A 1 141 ? 12.427  -0.901  4.310   1.00 19.75 ? 128 TYR A C   1 
ATOM   798  O  O   . TYR A 1 141 ? 12.928  0.219   4.218   1.00 21.27 ? 128 TYR A O   1 
ATOM   799  C  CB  . TYR A 1 141 ? 11.699  -1.850  6.529   1.00 24.70 ? 128 TYR A CB  1 
ATOM   800  C  CG  . TYR A 1 141 ? 12.744  -1.071  7.289   1.00 28.02 ? 128 TYR A CG  1 
ATOM   801  C  CD1 . TYR A 1 141 ? 12.469  0.207   7.773   1.00 27.28 ? 128 TYR A CD1 1 
ATOM   802  C  CD2 . TYR A 1 141 ? 14.013  -1.602  7.507   1.00 30.48 ? 128 TYR A CD2 1 
ATOM   803  C  CE1 . TYR A 1 141 ? 13.433  0.935   8.459   1.00 32.51 ? 128 TYR A CE1 1 
ATOM   804  C  CE2 . TYR A 1 141 ? 14.985  -0.885  8.193   1.00 35.40 ? 128 TYR A CE2 1 
ATOM   805  C  CZ  . TYR A 1 141 ? 14.689  0.385   8.666   1.00 39.28 ? 128 TYR A CZ  1 
ATOM   806  O  OH  . TYR A 1 141 ? 15.646  1.107   9.348   1.00 40.89 ? 128 TYR A OH  1 
ATOM   807  N  N   . GLU A 1 142 ? 12.870  -1.941  3.611   1.00 20.89 ? 129 GLU A N   1 
ATOM   808  C  CA  . GLU A 1 142 ? 13.977  -1.798  2.663   1.00 21.43 ? 129 GLU A CA  1 
ATOM   809  C  C   . GLU A 1 142 ? 13.450  -1.598  1.252   1.00 20.41 ? 129 GLU A C   1 
ATOM   810  O  O   . GLU A 1 142 ? 14.227  -1.455  0.311   1.00 21.95 ? 129 GLU A O   1 
ATOM   811  C  CB  . GLU A 1 142 ? 14.849  -3.045  2.666   1.00 25.53 ? 129 GLU A CB  1 
ATOM   812  C  CG  . GLU A 1 142 ? 15.155  -3.574  4.032   1.00 30.17 ? 129 GLU A CG  1 
ATOM   813  C  CD  . GLU A 1 142 ? 16.551  -3.241  4.460   1.00 33.21 ? 129 GLU A CD  1 
ATOM   814  O  OE1 . GLU A 1 142 ? 16.844  -2.041  4.654   1.00 34.53 ? 129 GLU A OE1 1 
ATOM   815  O  OE2 . GLU A 1 142 ? 17.359  -4.185  4.597   1.00 37.83 ? 129 GLU A OE2 1 
ATOM   816  N  N   . GLY A 1 143 ? 12.129  -1.615  1.107   1.00 21.77 ? 130 GLY A N   1 
ATOM   817  C  CA  . GLY A 1 143 ? 11.523  -1.424  -0.180  0.00 23.40 ? 130 GLY A CA  1 
ATOM   818  C  C   . GLY A 1 143 ? 11.926  -2.507  -1.148  1.00 19.03 ? 130 GLY A C   1 
ATOM   819  O  O   . GLY A 1 143 ? 12.070  -2.262  -2.343  1.00 20.59 ? 130 GLY A O   1 
ATOM   820  N  N   . LYS A 1 144 ? 12.066  -3.730  -0.643  1.00 21.71 ? 131 LYS A N   1 
ATOM   821  C  CA  . LYS A 1 144 ? 12.438  -4.861  -1.483  1.00 16.30 ? 131 LYS A CA  1 
ATOM   822  C  C   . LYS A 1 144 ? 11.252  -5.482  -2.205  1.00 14.89 ? 131 LYS A C   1 
ATOM   823  O  O   . LYS A 1 144 ? 11.426  -6.247  -3.151  1.00 13.94 ? 131 LYS A O   1 
ATOM   824  C  CB  . LYS A 1 144 ? 13.167  -5.910  -0.656  1.00 17.61 ? 131 LYS A CB  1 
ATOM   825  C  CG  . LYS A 1 144 ? 14.520  -5.429  -0.206  1.00 21.71 ? 131 LYS A CG  1 
ATOM   826  C  CD  . LYS A 1 144 ? 15.299  -4.865  -1.381  1.00 21.31 ? 131 LYS A CD  1 
ATOM   827  C  CE  . LYS A 1 144 ? 16.611  -4.258  -0.928  1.00 25.80 ? 131 LYS A CE  1 
ATOM   828  N  NZ  . LYS A 1 144 ? 17.392  -3.698  -2.078  1.00 25.29 ? 131 LYS A NZ  1 
ATOM   829  N  N   . ASN A 1 145 ? 10.045  -5.169  -1.754  1.00 12.64 ? 132 ASN A N   1 
ATOM   830  C  CA  . ASN A 1 145 ? 8.861   -5.677  -2.425  1.00 13.92 ? 132 ASN A CA  1 
ATOM   831  C  C   . ASN A 1 145 ? 7.659   -4.778  -2.171  1.00 13.49 ? 132 ASN A C   1 
ATOM   832  O  O   . ASN A 1 145 ? 6.658   -5.199  -1.582  1.00 10.97 ? 132 ASN A O   1 
ATOM   833  C  CB  . ASN A 1 145 ? 8.531   -7.112  -2.126  0.00 13.70 ? 132 ASN A CB  1 
ATOM   834  C  CG  . ASN A 1 145 ? 7.775   -7.794  -3.252  1.00 13.38 ? 132 ASN A CG  1 
ATOM   835  O  OD1 . ASN A 1 145 ? 7.057   -7.125  -4.003  1.00 9.05  ? 132 ASN A OD1 1 
ATOM   836  N  ND2 . ASN A 1 145 ? 7.957   -9.107  -3.412  1.00 8.58  ? 132 ASN A ND2 1 
ATOM   837  N  N   . LEU A 1 146 ? 7.763   -3.537  -2.636  1.00 8.81  ? 133 LEU A N   1 
ATOM   838  C  CA  . LEU A 1 146 ? 6.701   -2.569  -2.450  1.00 9.51  ? 133 LEU A CA  1 
ATOM   839  C  C   . LEU A 1 146 ? 5.413   -2.991  -3.151  1.00 8.38  ? 133 LEU A C   1 
ATOM   840  O  O   . LEU A 1 146 ? 4.326   -2.720  -2.664  1.00 9.05  ? 133 LEU A O   1 
ATOM   841  C  CB  . LEU A 1 146 ? 7.156   -1.189  -2.937  1.00 8.76  ? 133 LEU A CB  1 
ATOM   842  C  CG  . LEU A 1 146 ? 8.312   -0.659  -2.086  1.00 7.51  ? 133 LEU A CG  1 
ATOM   843  C  CD1 . LEU A 1 146 ? 8.867   0.636   -2.665  1.00 8.96  ? 133 LEU A CD1 1 
ATOM   844  C  CD2 . LEU A 1 146 ? 7.827   -0.449  -0.668  1.00 10.48 ? 133 LEU A CD2 1 
ATOM   845  N  N   . PRO A 1 147 ? 5.517   -3.642  -4.315  1.00 9.05  ? 134 PRO A N   1 
ATOM   846  C  CA  . PRO A 1 147 ? 4.281   -4.070  -4.976  1.00 9.15  ? 134 PRO A CA  1 
ATOM   847  C  C   . PRO A 1 147 ? 3.468   -5.046  -4.110  1.00 7.45  ? 134 PRO A C   1 
ATOM   848  O  O   . PRO A 1 147 ? 2.238   -5.013  -4.129  1.00 10.98 ? 134 PRO A O   1 
ATOM   849  C  CB  . PRO A 1 147 ? 4.791   -4.694  -6.274  1.00 9.31  ? 134 PRO A CB  1 
ATOM   850  C  CG  . PRO A 1 147 ? 6.044   -3.888  -6.557  1.00 8.44  ? 134 PRO A CG  1 
ATOM   851  C  CD  . PRO A 1 147 ? 6.686   -3.834  -5.193  1.00 5.27  ? 134 PRO A CD  1 
ATOM   852  N  N   . LYS A 1 148 ? 4.159   -5.885  -3.345  1.00 8.31  ? 135 LYS A N   1 
ATOM   853  C  CA  . LYS A 1 148 ? 3.513   -6.831  -2.438  1.00 10.80 ? 135 LYS A CA  1 
ATOM   854  C  C   . LYS A 1 148 ? 2.694   -6.054  -1.406  1.00 10.40 ? 135 LYS A C   1 
ATOM   855  O  O   . LYS A 1 148 ? 1.589   -6.459  -1.031  1.00 8.22  ? 135 LYS A O   1 
ATOM   856  C  CB  . LYS A 1 148 ? 4.569   -7.688  -1.727  1.00 12.24 ? 135 LYS A CB  1 
ATOM   857  C  CG  . LYS A 1 148 ? 4.021   -8.889  -0.966  1.00 18.27 ? 135 LYS A CG  1 
ATOM   858  C  CD  . LYS A 1 148 ? 3.429   -9.915  -1.922  1.00 29.71 ? 135 LYS A CD  1 
ATOM   859  C  CE  . LYS A 1 148 ? 2.834   -11.119 -1.185  1.00 32.90 ? 135 LYS A CE  1 
ATOM   860  N  NZ  . LYS A 1 148 ? 1.540   -10.815 -0.505  1.00 33.81 ? 135 LYS A NZ  1 
ATOM   861  N  N   . VAL A 1 149 ? 3.251   -4.934  -0.944  1.00 11.75 ? 136 VAL A N   1 
ATOM   862  C  CA  . VAL A 1 149 ? 2.561   -4.060  0.003   1.00 11.37 ? 136 VAL A CA  1 
ATOM   863  C  C   . VAL A 1 149 ? 1.262   -3.567  -0.629  1.00 9.17  ? 136 VAL A C   1 
ATOM   864  O  O   . VAL A 1 149 ? 0.214   -3.574  0.010   1.00 12.63 ? 136 VAL A O   1 
ATOM   865  C  CB  . VAL A 1 149 ? 3.426   -2.834  0.369   1.00 13.43 ? 136 VAL A CB  1 
ATOM   866  C  CG1 . VAL A 1 149 ? 2.696   -1.958  1.386   1.00 10.00 ? 136 VAL A CG1 1 
ATOM   867  C  CG2 . VAL A 1 149 ? 4.768   -3.288  0.937   1.00 13.05 ? 136 VAL A CG2 1 
ATOM   868  N  N   . ILE A 1 150 ? 1.342   -3.154  -1.890  1.00 9.16  ? 137 ILE A N   1 
ATOM   869  C  CA  . ILE A 1 150 ? 0.169   -2.667  -2.615  1.00 10.61 ? 137 ILE A CA  1 
ATOM   870  C  C   . ILE A 1 150 ? -0.855  -3.786  -2.768  1.00 11.61 ? 137 ILE A C   1 
ATOM   871  O  O   . ILE A 1 150 ? -2.062  -3.570  -2.608  1.00 12.67 ? 137 ILE A O   1 
ATOM   872  C  CB  . ILE A 1 150 ? 0.559   -2.138  -4.014  1.00 11.34 ? 137 ILE A CB  1 
ATOM   873  C  CG1 . ILE A 1 150 ? 1.528   -0.952  -3.878  1.00 10.91 ? 137 ILE A CG1 1 
ATOM   874  C  CG2 . ILE A 1 150 ? -0.687  -1.736  -4.809  1.00 6.94  ? 137 ILE A CG2 1 
ATOM   875  C  CD1 . ILE A 1 150 ? 0.961   0.227   -3.109  1.00 7.16  ? 137 ILE A CD1 1 
ATOM   876  N  N   . TYR A 1 151 ? -0.362  -4.976  -3.090  1.00 11.83 ? 138 TYR A N   1 
ATOM   877  C  CA  . TYR A 1 151 ? -1.213  -6.152  -3.249  1.00 11.29 ? 138 TYR A CA  1 
ATOM   878  C  C   . TYR A 1 151 ? -1.887  -6.442  -1.912  1.00 8.69  ? 138 TYR A C   1 
ATOM   879  O  O   . TYR A 1 151 ? -3.057  -6.812  -1.858  1.00 8.71  ? 138 TYR A O   1 
ATOM   880  C  CB  . TYR A 1 151 ? -0.362  -7.353  -3.675  1.00 10.82 ? 138 TYR A CB  1 
ATOM   881  C  CG  . TYR A 1 151 ? -1.114  -8.668  -3.691  1.00 12.52 ? 138 TYR A CG  1 
ATOM   882  C  CD1 . TYR A 1 151 ? -2.059  -8.942  -4.678  1.00 11.58 ? 138 TYR A CD1 1 
ATOM   883  C  CD2 . TYR A 1 151 ? -0.875  -9.640  -2.713  1.00 12.26 ? 138 TYR A CD2 1 
ATOM   884  C  CE1 . TYR A 1 151 ? -2.753  -10.151 -4.696  1.00 12.10 ? 138 TYR A CE1 1 
ATOM   885  C  CE2 . TYR A 1 151 ? -1.564  -10.855 -2.719  1.00 15.60 ? 138 TYR A CE2 1 
ATOM   886  C  CZ  . TYR A 1 151 ? -2.502  -11.097 -3.718  1.00 16.62 ? 138 TYR A CZ  1 
ATOM   887  O  OH  . TYR A 1 151 ? -3.179  -12.294 -3.747  1.00 23.89 ? 138 TYR A OH  1 
ATOM   888  N  N   . CYS A 1 152 ? -1.131  -6.260  -0.836  1.00 7.44  ? 139 CYS A N   1 
ATOM   889  C  CA  . CYS A 1 152 ? -1.628  -6.492  0.512   1.00 8.70  ? 139 CYS A CA  1 
ATOM   890  C  C   . CYS A 1 152 ? -2.774  -5.528  0.809   1.00 10.54 ? 139 CYS A C   1 
ATOM   891  O  O   . CYS A 1 152 ? -3.802  -5.927  1.367   1.00 8.04  ? 139 CYS A O   1 
ATOM   892  C  CB  . CYS A 1 152 ? -0.492  -6.304  1.526   1.00 9.64  ? 139 CYS A CB  1 
ATOM   893  S  SG  . CYS A 1 152 ? -0.980  -6.348  3.277   1.00 14.77 ? 139 CYS A SG  1 
ATOM   894  N  N   . ILE A 1 153 ? -2.596  -4.267  0.423   1.00 5.03  ? 140 ILE A N   1 
ATOM   895  C  CA  . ILE A 1 153 ? -3.626  -3.268  0.648   1.00 10.61 ? 140 ILE A CA  1 
ATOM   896  C  C   . ILE A 1 153 ? -4.867  -3.630  -0.168  1.00 9.37  ? 140 ILE A C   1 
ATOM   897  O  O   . ILE A 1 153 ? -5.995  -3.479  0.310   1.00 7.52  ? 140 ILE A O   1 
ATOM   898  C  CB  . ILE A 1 153 ? -3.123  -1.835  0.297   1.00 10.91 ? 140 ILE A CB  1 
ATOM   899  C  CG1 . ILE A 1 153 ? -2.024  -1.421  1.278   1.00 13.58 ? 140 ILE A CG1 1 
ATOM   900  C  CG2 . ILE A 1 153 ? -4.267  -0.827  0.384   1.00 11.19 ? 140 ILE A CG2 1 
ATOM   901  C  CD1 . ILE A 1 153 ? -1.251  -0.187  0.850   1.00 16.15 ? 140 ILE A CD1 1 
ATOM   902  N  N   . HIS A 1 154 ? -4.662  -4.123  -1.388  1.00 8.87  ? 141 HIS A N   1 
ATOM   903  C  CA  . HIS A 1 154 ? -5.789  -4.557  -2.212  1.00 9.29  ? 141 HIS A CA  1 
ATOM   904  C  C   . HIS A 1 154 ? -6.518  -5.692  -1.502  1.00 9.33  ? 141 HIS A C   1 
ATOM   905  O  O   . HIS A 1 154 ? -7.739  -5.645  -1.328  1.00 8.34  ? 141 HIS A O   1 
ATOM   906  C  CB  . HIS A 1 154 ? -5.323  -5.027  -3.596  1.00 8.80  ? 141 HIS A CB  1 
ATOM   907  C  CG  . HIS A 1 154 ? -5.108  -3.908  -4.573  1.00 8.42  ? 141 HIS A CG  1 
ATOM   908  N  ND1 . HIS A 1 154 ? -5.765  -3.840  -5.780  1.00 9.39  ? 141 HIS A ND1 1 
ATOM   909  C  CD2 . HIS A 1 154 ? -4.326  -2.805  -4.507  1.00 6.56  ? 141 HIS A CD2 1 
ATOM   910  C  CE1 . HIS A 1 154 ? -5.398  -2.743  -6.421  1.00 5.76  ? 141 HIS A CE1 1 
ATOM   911  N  NE2 . HIS A 1 154 ? -4.527  -2.097  -5.669  1.00 9.86  ? 141 HIS A NE2 1 
ATOM   912  N  N   . ALA A 1 155 ? -5.758  -6.702  -1.084  1.00 9.17  ? 142 ALA A N   1 
ATOM   913  C  CA  . ALA A 1 155 ? -6.324  -7.859  -0.390  1.00 11.90 ? 142 ALA A CA  1 
ATOM   914  C  C   . ALA A 1 155 ? -7.108  -7.435  0.850   1.00 12.50 ? 142 ALA A C   1 
ATOM   915  O  O   . ALA A 1 155 ? -8.243  -7.860  1.053   1.00 11.51 ? 142 ALA A O   1 
ATOM   916  C  CB  . ALA A 1 155 ? -5.217  -8.832  -0.001  1.00 9.25  ? 142 ALA A CB  1 
ATOM   917  N  N   . LEU A 1 156 ? -6.492  -6.596  1.675   1.00 12.87 ? 143 LEU A N   1 
ATOM   918  C  CA  . LEU A 1 156 ? -7.149  -6.130  2.881   1.00 12.78 ? 143 LEU A CA  1 
ATOM   919  C  C   . LEU A 1 156 ? -8.459  -5.437  2.528   1.00 14.32 ? 143 LEU A C   1 
ATOM   920  O  O   . LEU A 1 156 ? -9.503  -5.752  3.096   1.00 14.60 ? 143 LEU A O   1 
ATOM   921  C  CB  . LEU A 1 156 ? -6.250  -5.164  3.650   1.00 9.22  ? 143 LEU A CB  1 
ATOM   922  C  CG  . LEU A 1 156 ? -6.906  -4.478  4.854   1.00 13.03 ? 143 LEU A CG  1 
ATOM   923  C  CD1 . LEU A 1 156 ? -7.351  -5.513  5.893   1.00 15.34 ? 143 LEU A CD1 1 
ATOM   924  C  CD2 . LEU A 1 156 ? -5.929  -3.492  5.482   1.00 13.49 ? 143 LEU A CD2 1 
ATOM   925  N  N   . SER A 1 157 ? -8.403  -4.504  1.584   1.00 12.52 ? 144 SER A N   1 
ATOM   926  C  CA  . SER A 1 157 ? -9.589  -3.751  1.198   1.00 16.08 ? 144 SER A CA  1 
ATOM   927  C  C   . SER A 1 157 ? -10.726 -4.650  0.714   1.00 14.28 ? 144 SER A C   1 
ATOM   928  O  O   . SER A 1 157 ? -11.895 -4.356  0.950   1.00 14.01 ? 144 SER A O   1 
ATOM   929  C  CB  . SER A 1 157 ? -9.245  -2.704  0.126   1.00 12.30 ? 144 SER A CB  1 
ATOM   930  O  OG  . SER A 1 157 ? -9.294  -3.245  -1.183  1.00 15.91 ? 144 SER A OG  1 
ATOM   931  N  N   . TYR A 1 158 ? -10.380 -5.751  0.063   1.00 16.60 ? 145 TYR A N   1 
ATOM   932  C  CA  . TYR A 1 158 ? -11.380 -6.668  -0.455  1.00 24.61 ? 145 TYR A CA  1 
ATOM   933  C  C   . TYR A 1 158 ? -12.103 -7.375  0.693   1.00 23.12 ? 145 TYR A C   1 
ATOM   934  O  O   . TYR A 1 158 ? -13.336 -7.399  0.750   1.00 18.80 ? 145 TYR A O   1 
ATOM   935  C  CB  . TYR A 1 158 ? -10.718 -7.692  -1.375  1.00 39.16 ? 145 TYR A CB  1 
ATOM   936  C  CG  . TYR A 1 158 ? -11.693 -8.634  -2.037  1.00 52.81 ? 145 TYR A CG  1 
ATOM   937  C  CD1 . TYR A 1 158 ? -12.588 -8.174  -3.001  1.00 58.68 ? 145 TYR A CD1 1 
ATOM   938  C  CD2 . TYR A 1 158 ? -11.728 -9.983  -1.690  1.00 58.55 ? 145 TYR A CD2 1 
ATOM   939  C  CE1 . TYR A 1 158 ? -13.495 -9.035  -3.605  1.00 65.84 ? 145 TYR A CE1 1 
ATOM   940  C  CE2 . TYR A 1 158 ? -12.632 -10.852 -2.284  1.00 65.70 ? 145 TYR A CE2 1 
ATOM   941  C  CZ  . TYR A 1 158 ? -13.513 -10.371 -3.241  1.00 70.18 ? 145 TYR A CZ  1 
ATOM   942  O  OH  . TYR A 1 158 ? -14.411 -11.230 -3.832  1.00 74.23 ? 145 TYR A OH  1 
ATOM   943  N  N   . PHE A 1 159 ? -11.316 -7.937  1.603   1.00 18.88 ? 146 PHE A N   1 
ATOM   944  C  CA  . PHE A 1 159 ? -11.826 -8.632  2.776   1.00 16.50 ? 146 PHE A CA  1 
ATOM   945  C  C   . PHE A 1 159 ? -12.693 -7.717  3.632   1.00 15.96 ? 146 PHE A C   1 
ATOM   946  O  O   . PHE A 1 159 ? -13.745 -8.127  4.124   1.00 15.85 ? 146 PHE A O   1 
ATOM   947  C  CB  . PHE A 1 159 ? -10.653 -9.161  3.617   1.00 14.58 ? 146 PHE A CB  1 
ATOM   948  C  CG  . PHE A 1 159 ? -11.060 -9.667  4.979   1.00 17.06 ? 146 PHE A CG  1 
ATOM   949  C  CD1 . PHE A 1 159 ? -11.731 -10.878 5.113   1.00 16.03 ? 146 PHE A CD1 1 
ATOM   950  C  CD2 . PHE A 1 159 ? -10.804 -8.916  6.117   1.00 14.31 ? 146 PHE A CD2 1 
ATOM   951  C  CE1 . PHE A 1 159 ? -12.143 -11.331 6.358   1.00 16.01 ? 146 PHE A CE1 1 
ATOM   952  C  CE2 . PHE A 1 159 ? -11.215 -9.363  7.371   1.00 15.65 ? 146 PHE A CE2 1 
ATOM   953  C  CZ  . PHE A 1 159 ? -11.884 -10.577 7.488   1.00 18.11 ? 146 PHE A CZ  1 
ATOM   954  N  N   . LEU A 1 160 ? -12.239 -6.480  3.813   1.00 19.87 ? 147 LEU A N   1 
ATOM   955  C  CA  . LEU A 1 160 ? -12.948 -5.516  4.649   1.00 17.53 ? 147 LEU A CA  1 
ATOM   956  C  C   . LEU A 1 160 ? -14.252 -5.011  4.039   1.00 22.52 ? 147 LEU A C   1 
ATOM   957  O  O   . LEU A 1 160 ? -15.247 -4.839  4.753   1.00 23.85 ? 147 LEU A O   1 
ATOM   958  C  CB  . LEU A 1 160 ? -12.036 -4.339  4.984   1.00 18.49 ? 147 LEU A CB  1 
ATOM   959  C  CG  . LEU A 1 160 ? -10.910 -4.641  5.983   1.00 23.87 ? 147 LEU A CG  1 
ATOM   960  C  CD1 . LEU A 1 160 ? -10.043 -3.392  6.197   1.00 19.33 ? 147 LEU A CD1 1 
ATOM   961  C  CD2 . LEU A 1 160 ? -11.503 -5.112  7.309   1.00 16.86 ? 147 LEU A CD2 1 
ATOM   962  N  N   . SER A 1 161 ? -14.263 -4.770  2.732   1.00 21.88 ? 148 SER A N   1 
ATOM   963  C  CA  . SER A 1 161 ? -15.482 -4.303  2.077   1.00 22.65 ? 148 SER A CA  1 
ATOM   964  C  C   . SER A 1 161 ? -16.436 -5.487  1.936   1.00 21.38 ? 148 SER A C   1 
ATOM   965  O  O   . SER A 1 161 ? -17.651 -5.330  2.002   1.00 23.32 ? 148 SER A O   1 
ATOM   966  C  CB  . SER A 1 161 ? -15.169 -3.682  0.703   1.00 18.42 ? 148 SER A CB  1 
ATOM   967  O  OG  . SER A 1 161 ? -14.576 -4.624  -0.175  1.00 20.60 ? 148 SER A OG  1 
ATOM   968  N  N   . MET A 1 162 ? -15.869 -6.674  1.747   1.00 28.16 ? 149 MET A N   1 
ATOM   969  C  CA  . MET A 1 162 ? -16.654 -7.900  1.656   1.00 32.54 ? 149 MET A CA  1 
ATOM   970  C  C   . MET A 1 162 ? -17.436 -8.094  2.956   1.00 32.36 ? 149 MET A C   1 
ATOM   971  O  O   . MET A 1 162 ? -18.586 -8.536  2.941   1.00 31.50 ? 149 MET A O   1 
ATOM   972  C  CB  . MET A 1 162 ? -15.731 -9.104  1.424   1.00 34.66 ? 149 MET A CB  1 
ATOM   973  C  CG  . MET A 1 162 ? -16.441 -10.449 1.484   1.00 44.20 ? 149 MET A CG  1 
ATOM   974  S  SD  . MET A 1 162 ? -15.323 -11.835 1.784   1.00 51.10 ? 149 MET A SD  1 
ATOM   975  C  CE  . MET A 1 162 ? -14.868 -11.529 3.490   1.00 48.53 ? 149 MET A CE  1 
ATOM   976  N  N   . GLN A 1 163 ? -16.798 -7.770  4.077   1.00 32.84 ? 150 GLN A N   1 
ATOM   977  C  CA  . GLN A 1 163 ? -17.425 -7.862  5.395   1.00 37.74 ? 150 GLN A CA  1 
ATOM   978  C  C   . GLN A 1 163 ? -18.100 -6.520  5.646   1.00 36.20 ? 150 GLN A C   1 
ATOM   979  O  O   . GLN A 1 163 ? -18.542 -6.226  6.757   1.00 38.79 ? 150 GLN A O   1 
ATOM   980  C  CB  . GLN A 1 163 ? -16.370 -8.105  6.479   1.00 36.57 ? 150 GLN A CB  1 
ATOM   981  C  CG  . GLN A 1 163 ? -15.573 -9.393  6.339   1.00 36.04 ? 150 GLN A CG  1 
ATOM   982  C  CD  . GLN A 1 163 ? -16.330 -10.613 6.830   1.00 39.28 ? 150 GLN A CD  1 
ATOM   983  O  OE1 . GLN A 1 163 ? -16.772 -10.661 7.979   1.00 38.99 ? 150 GLN A OE1 1 
ATOM   984  N  NE2 . GLN A 1 163 ? -16.478 -11.608 5.961   1.00 37.71 ? 150 GLN A NE2 1 
ATOM   985  N  N   . ASP A 1 164 ? -18.162 -5.719  4.584   1.00 38.35 ? 151 ASP A N   1 
ATOM   986  C  CA  . ASP A 1 164 ? -18.696 -4.359  4.610   1.00 42.77 ? 151 ASP A CA  1 
ATOM   987  C  C   . ASP A 1 164 ? -18.324 -3.580  5.864   1.00 40.60 ? 151 ASP A C   1 
ATOM   988  O  O   . ASP A 1 164 ? -19.177 -2.989  6.523   1.00 41.24 ? 151 ASP A O   1 
ATOM   989  C  CB  . ASP A 1 164 ? -20.216 -4.345  4.397   1.00 50.00 ? 151 ASP A CB  1 
ATOM   990  C  CG  . ASP A 1 164 ? -20.976 -4.962  5.544   1.00 55.91 ? 151 ASP A CG  1 
ATOM   991  O  OD1 . ASP A 1 164 ? -20.840 -6.186  5.754   1.00 59.81 ? 151 ASP A OD1 1 
ATOM   992  O  OD2 . ASP A 1 164 ? -21.717 -4.243  6.248   1.00 54.97 ? 151 ASP A OD2 1 
ATOM   993  N  N   . LEU A 1 165 ? -17.031 -3.587  6.177   1.00 35.65 ? 152 LEU A N   1 
ATOM   994  C  CA  . LEU A 1 165 ? -16.495 -2.834  7.302   1.00 34.45 ? 152 LEU A CA  1 
ATOM   995  C  C   . LEU A 1 165 ? -15.879 -1.567  6.734   1.00 29.67 ? 152 LEU A C   1 
ATOM   996  O  O   . LEU A 1 165 ? -15.377 -0.721  7.471   1.00 31.11 ? 152 LEU A O   1 
ATOM   997  C  CB  . LEU A 1 165 ? -15.414 -3.642  8.024   1.00 32.86 ? 152 LEU A CB  1 
ATOM   998  C  CG  . LEU A 1 165 ? -15.901 -4.814  8.878   1.00 30.85 ? 152 LEU A CG  1 
ATOM   999  C  CD1 . LEU A 1 165 ? -14.748 -5.739  9.227   1.00 29.40 ? 152 LEU A CD1 1 
ATOM   1000 C  CD2 . LEU A 1 165 ? -16.563 -4.272  10.131  1.00 29.55 ? 152 LEU A CD2 1 
ATOM   1001 N  N   . ALA A 1 166 ? -15.926 -1.452  5.410   1.00 27.26 ? 153 ALA A N   1 
ATOM   1002 C  CA  . ALA A 1 166 ? -15.343 -0.314  4.717   1.00 27.42 ? 153 ALA A CA  1 
ATOM   1003 C  C   . ALA A 1 166 ? -15.733 -0.295  3.245   1.00 22.10 ? 153 ALA A C   1 
ATOM   1004 O  O   . ALA A 1 166 ? -16.037 -1.335  2.664   1.00 20.97 ? 153 ALA A O   1 
ATOM   1005 C  CB  . ALA A 1 166 ? -13.825 -0.366  4.842   1.00 25.56 ? 153 ALA A CB  1 
ATOM   1006 N  N   . PRO A 1 167 ? -15.726 0.893   2.624   1.00 21.41 ? 154 PRO A N   1 
ATOM   1007 C  CA  . PRO A 1 167 ? -16.035 0.992   1.193   1.00 20.85 ? 154 PRO A CA  1 
ATOM   1008 C  C   . PRO A 1 167 ? -15.028 0.166   0.389   1.00 16.16 ? 154 PRO A C   1 
ATOM   1009 O  O   . PRO A 1 167 ? -13.902 -0.055  0.814   0.00 19.84 ? 154 PRO A O   1 
ATOM   1010 C  CB  . PRO A 1 167 ? -15.892 2.486   0.905   1.00 15.56 ? 154 PRO A CB  1 
ATOM   1011 C  CG  . PRO A 1 167 ? -16.242 3.112   2.207   1.00 18.64 ? 154 PRO A CG  1 
ATOM   1012 C  CD  . PRO A 1 167 ? -15.548 2.224   3.226   1.00 16.67 ? 154 PRO A CD  1 
ATOM   1013 N  N   . PRO A 1 168 ? -15.474 -0.361  -0.758  1.00 20.62 ? 155 PRO A N   1 
ATOM   1014 C  CA  . PRO A 1 168 ? -14.633 -1.194  -1.625  1.00 16.68 ? 155 PRO A CA  1 
ATOM   1015 C  C   . PRO A 1 168 ? -13.614 -0.438  -2.467  1.00 18.29 ? 155 PRO A C   1 
ATOM   1016 O  O   . PRO A 1 168 ? -13.787 0.736   -2.793  1.00 18.92 ? 155 PRO A O   1 
ATOM   1017 C  CB  . PRO A 1 168 ? -15.657 -1.907  -2.504  1.00 16.82 ? 155 PRO A CB  1 
ATOM   1018 C  CG  . PRO A 1 168 ? -16.749 -0.888  -2.640  1.00 15.41 ? 155 PRO A CG  1 
ATOM   1019 C  CD  . PRO A 1 168 ? -16.870 -0.319  -1.243  1.00 14.88 ? 155 PRO A CD  1 
ATOM   1020 N  N   . LEU A 1 169 ? -12.542 -1.138  -2.809  1.00 17.54 ? 156 LEU A N   1 
ATOM   1021 C  CA  . LEU A 1 169 ? -11.509 -0.615  -3.681  1.00 14.14 ? 156 LEU A CA  1 
ATOM   1022 C  C   . LEU A 1 169 ? -12.209 -0.383  -5.031  1.00 15.31 ? 156 LEU A C   1 
ATOM   1023 O  O   . LEU A 1 169 ? -13.089 -1.154  -5.412  1.00 16.56 ? 156 LEU A O   1 
ATOM   1024 C  CB  . LEU A 1 169 ? -10.405 -1.670  -3.793  1.00 16.48 ? 156 LEU A CB  1 
ATOM   1025 C  CG  . LEU A 1 169 ? -9.178  -1.565  -4.703  1.00 17.67 ? 156 LEU A CG  1 
ATOM   1026 C  CD1 . LEU A 1 169 ? -9.608  -1.280  -6.133  1.00 12.08 ? 156 LEU A CD1 1 
ATOM   1027 C  CD2 . LEU A 1 169 ? -8.222  -0.509  -4.174  1.00 14.28 ? 156 LEU A CD2 1 
ATOM   1028 N  N   . ILE A 1 170 ? -11.847 0.683   -5.739  1.00 14.95 ? 157 ILE A N   1 
ATOM   1029 C  CA  . ILE A 1 170 ? -12.491 0.983   -7.018  1.00 17.06 ? 157 ILE A CA  1 
ATOM   1030 C  C   . ILE A 1 170 ? -11.506 0.900   -8.185  1.00 15.05 ? 157 ILE A C   1 
ATOM   1031 O  O   . ILE A 1 170 ? -10.457 1.545   -8.168  1.00 11.81 ? 157 ILE A O   1 
ATOM   1032 C  CB  . ILE A 1 170 ? -13.117 2.397   -7.012  1.00 16.09 ? 157 ILE A CB  1 
ATOM   1033 C  CG1 . ILE A 1 170 ? -14.023 2.577   -5.793  1.00 15.10 ? 157 ILE A CG1 1 
ATOM   1034 C  CG2 . ILE A 1 170 ? -13.905 2.623   -8.315  1.00 15.45 ? 157 ILE A CG2 1 
ATOM   1035 C  CD1 . ILE A 1 170 ? -15.297 1.767   -5.840  1.00 20.00 ? 157 ILE A CD1 1 
ATOM   1036 N  N   . LYS A 1 171 ? -11.854 0.114   -9.197  1.00 19.32 ? 158 LYS A N   1 
ATOM   1037 C  CA  . LYS A 1 171 ? -11.012 -0.015  -10.384 1.00 20.59 ? 158 LYS A CA  1 
ATOM   1038 C  C   . LYS A 1 171 ? -10.806 1.341   -11.061 1.00 16.64 ? 158 LYS A C   1 
ATOM   1039 O  O   . LYS A 1 171 ? -11.760 2.072   -11.309 1.00 21.29 ? 158 LYS A O   1 
ATOM   1040 C  CB  . LYS A 1 171 ? -11.628 -1.011  -11.369 1.00 24.28 ? 158 LYS A CB  1 
ATOM   1041 C  CG  . LYS A 1 171 ? -11.771 -2.418  -10.799 1.00 37.52 ? 158 LYS A CG  1 
ATOM   1042 C  CD  . LYS A 1 171 ? -12.510 -3.363  -11.744 1.00 45.36 ? 158 LYS A CD  1 
ATOM   1043 C  CE  . LYS A 1 171 ? -13.999 -3.032  -11.819 1.00 49.04 ? 158 LYS A CE  1 
ATOM   1044 N  NZ  . LYS A 1 171 ? -14.694 -3.823  -12.873 1.00 56.60 ? 158 LYS A NZ  1 
ATOM   1045 N  N   . SER A 1 172 ? -9.553  1.669   -11.352 1.00 16.50 ? 159 SER A N   1 
ATOM   1046 C  CA  . SER A 1 172 ? -9.211  2.933   -11.987 1.00 14.42 ? 159 SER A CA  1 
ATOM   1047 C  C   . SER A 1 172 ? -10.088 3.292   -13.184 1.00 14.46 ? 159 SER A C   1 
ATOM   1048 O  O   . SER A 1 172 ? -10.587 2.420   -13.892 1.00 12.63 ? 159 SER A O   1 
ATOM   1049 C  CB  . SER A 1 172 ? -7.751  2.916   -12.441 1.00 9.22  ? 159 SER A CB  1 
ATOM   1050 O  OG  . SER A 1 172 ? -6.878  2.723   -11.350 1.00 12.22 ? 159 SER A OG  1 
ATOM   1051 N  N   . ASP A 1 173 ? -10.266 4.591   -13.395 1.00 14.54 ? 160 ASP A N   1 
ATOM   1052 C  CA  . ASP A 1 173 ? -11.006 5.084   -14.541 1.00 14.12 ? 160 ASP A CA  1 
ATOM   1053 C  C   . ASP A 1 173 ? -10.268 4.552   -15.762 1.00 11.08 ? 160 ASP A C   1 
ATOM   1054 O  O   . ASP A 1 173 ? -9.044  4.418   -15.731 1.00 10.72 ? 160 ASP A O   1 
ATOM   1055 C  CB  . ASP A 1 173 ? -10.989 6.614   -14.579 1.00 12.74 ? 160 ASP A CB  1 
ATOM   1056 C  CG  . ASP A 1 173 ? -11.762 7.241   -13.443 1.00 14.98 ? 160 ASP A CG  1 
ATOM   1057 O  OD1 . ASP A 1 173 ? -12.645 6.571   -12.870 1.00 18.18 ? 160 ASP A OD1 1 
ATOM   1058 O  OD2 . ASP A 1 173 ? -11.524 8.424   -13.116 1.00 17.75 ? 160 ASP A OD2 1 
ATOM   1059 N  N   . GLU A 1 174 ? -10.999 4.261   -16.836 1.00 11.48 ? 161 GLU A N   1 
ATOM   1060 C  CA  . GLU A 1 174 ? -10.364 3.737   -18.039 1.00 13.15 ? 161 GLU A CA  1 
ATOM   1061 C  C   . GLU A 1 174 ? -9.377  4.732   -18.654 1.00 12.74 ? 161 GLU A C   1 
ATOM   1062 O  O   . GLU A 1 174 ? -8.346  4.327   -19.197 1.00 11.74 ? 161 GLU A O   1 
ATOM   1063 C  CB  . GLU A 1 174 ? -11.421 3.301   -19.067 1.00 15.65 ? 161 GLU A CB  1 
ATOM   1064 C  CG  . GLU A 1 174 ? -12.468 4.352   -19.388 1.00 16.44 ? 161 GLU A CG  1 
ATOM   1065 C  CD  . GLU A 1 174 ? -13.615 3.812   -20.231 1.00 18.41 ? 161 GLU A CD  1 
ATOM   1066 O  OE1 . GLU A 1 174 ? -14.062 2.663   -19.987 1.00 20.15 ? 161 GLU A OE1 1 
ATOM   1067 O  OE2 . GLU A 1 174 ? -14.083 4.542   -21.129 1.00 15.51 ? 161 GLU A OE2 1 
ATOM   1068 N  N   . ASN A 1 175 ? -9.677  6.028   -18.542 1.00 11.81 ? 162 ASN A N   1 
ATOM   1069 C  CA  . ASN A 1 175 ? -8.823  7.081   -19.110 1.00 12.60 ? 162 ASN A CA  1 
ATOM   1070 C  C   . ASN A 1 175 ? -7.720  7.573   -18.170 1.00 8.64  ? 162 ASN A C   1 
ATOM   1071 O  O   . ASN A 1 175 ? -6.965  8.482   -18.508 0.00 12.24 ? 162 ASN A O   1 
ATOM   1072 C  CB  . ASN A 1 175 ? -9.672  8.273   -19.578 1.00 9.37  ? 162 ASN A CB  1 
ATOM   1073 C  CG  . ASN A 1 175 ? -10.381 8.008   -20.895 1.00 7.05  ? 162 ASN A CG  1 
ATOM   1074 O  OD1 . ASN A 1 175 ? -9.745  7.692   -21.897 1.00 9.17  ? 162 ASN A OD1 1 
ATOM   1075 N  ND2 . ASN A 1 175 ? -11.698 8.132   -20.896 1.00 6.91  ? 162 ASN A ND2 1 
ATOM   1076 N  N   . LEU A 1 176 ? -7.640  6.944   -17.002 1.00 13.72 ? 163 LEU A N   1 
ATOM   1077 C  CA  . LEU A 1 176 ? -6.609  7.269   -16.026 1.00 11.03 ? 163 LEU A CA  1 
ATOM   1078 C  C   . LEU A 1 176 ? -5.250  6.939   -16.634 1.00 14.61 ? 163 LEU A C   1 
ATOM   1079 O  O   . LEU A 1 176 ? -5.040  5.852   -17.105 0.00 15.99 ? 163 LEU A O   1 
ATOM   1080 C  CB  . LEU A 1 176 ? -6.796  6.468   -14.744 1.00 7.48  ? 163 LEU A CB  1 
ATOM   1081 C  CG  . LEU A 1 176 ? -5.716  6.762   -13.699 1.00 12.70 ? 163 LEU A CG  1 
ATOM   1082 C  CD1 . LEU A 1 176 ? -5.874  8.191   -13.189 1.00 4.78  ? 163 LEU A CD1 1 
ATOM   1083 C  CD2 . LEU A 1 176 ? -5.768  5.758   -12.548 1.00 7.42  ? 163 LEU A CD2 1 
ATOM   1084 N  N   . SER A 1 177 ? -4.357  7.926   -16.602 1.00 17.15 ? 164 SER A N   1 
ATOM   1085 C  CA  . SER A 1 177 ? -3.023  7.785   -17.164 1.00 18.48 ? 164 SER A CA  1 
ATOM   1086 C  C   . SER A 1 177 ? -2.009  8.484   -16.281 1.00 15.28 ? 164 SER A C   1 
ATOM   1087 O  O   . SER A 1 177 ? -2.359  9.077   -15.263 1.00 16.56 ? 164 SER A O   1 
ATOM   1088 C  CB  . SER A 1 177 ? -2.980  8.388   -18.567 1.00 17.79 ? 164 SER A CB  1 
ATOM   1089 O  OG  . SER A 1 177 ? -3.331  9.757   -18.529 1.00 17.43 ? 164 SER A OG  1 
ATOM   1090 N  N   . PHE A 1 178 ? -0.746  8.414   -16.677 1.00 17.39 ? 165 PHE A N   1 
ATOM   1091 C  CA  . PHE A 1 178 ? 0.330   9.032   -15.917 1.00 14.90 ? 165 PHE A CA  1 
ATOM   1092 C  C   . PHE A 1 178 ? 1.347   9.573   -16.906 1.00 16.12 ? 165 PHE A C   1 
ATOM   1093 O  O   . PHE A 1 178 ? 1.317   9.227   -18.083 1.00 12.91 ? 165 PHE A O   1 
ATOM   1094 C  CB  . PHE A 1 178 ? 0.975   8.027   -14.988 0.00 18.70 ? 165 PHE A CB  1 
ATOM   1095 C  CG  . PHE A 1 178 ? -0.004  7.207   -14.211 1.00 18.58 ? 165 PHE A CG  1 
ATOM   1096 C  CD1 . PHE A 1 178 ? -0.593  6.076   -14.777 1.00 18.70 ? 165 PHE A CD1 1 
ATOM   1097 C  CD2 . PHE A 1 178 ? -0.398  7.599   -12.940 1.00 14.55 ? 165 PHE A CD2 1 
ATOM   1098 C  CE1 . PHE A 1 178 ? -1.554  5.348   -14.083 1.00 18.78 ? 165 PHE A CE1 1 
ATOM   1099 C  CE2 . PHE A 1 178 ? -1.355  6.885   -12.240 1.00 16.87 ? 165 PHE A CE2 1 
ATOM   1100 C  CZ  . PHE A 1 178 ? -1.936  5.751   -12.808 1.00 21.83 ? 165 PHE A CZ  1 
ATOM   1101 N  N   . THR A 1 179 ? 2.241   10.433  -16.428 1.00 13.20 ? 166 THR A N   1 
ATOM   1102 C  CA  . THR A 1 179 ? 3.282   10.981  -17.279 1.00 14.18 ? 166 THR A CA  1 
ATOM   1103 C  C   . THR A 1 179 ? 4.245   9.855   -17.654 1.00 16.12 ? 166 THR A C   1 
ATOM   1104 O  O   . THR A 1 179 ? 4.403   8.888   -16.904 1.00 14.25 ? 166 THR A O   1 
ATOM   1105 C  CB  . THR A 1 179 ? 4.067   12.084  -16.556 1.00 12.22 ? 166 THR A CB  1 
ATOM   1106 O  OG1 . THR A 1 179 ? 4.834   11.501  -15.493 1.00 5.94  ? 166 THR A OG1 1 
ATOM   1107 C  CG2 . THR A 1 179 ? 3.113   13.104  -15.950 1.00 7.40  ? 166 THR A CG2 1 
ATOM   1108 N  N   . ASP A 1 180 ? 4.885   9.981   -18.813 1.00 17.53 ? 167 ASP A N   1 
ATOM   1109 C  CA  . ASP A 1 180 ? 5.846   8.984   -19.260 1.00 19.24 ? 167 ASP A CA  1 
ATOM   1110 C  C   . ASP A 1 180 ? 6.977   8.871   -18.238 1.00 16.68 ? 167 ASP A C   1 
ATOM   1111 O  O   . ASP A 1 180 ? 7.550   7.802   -18.040 1.00 13.50 ? 167 ASP A O   1 
ATOM   1112 C  CB  . ASP A 1 180 ? 6.403   9.358   -20.616 0.00 31.70 ? 167 ASP A CB  1 
ATOM   1113 C  CG  . ASP A 1 180 ? 5.322   9.698   -21.612 1.00 41.23 ? 167 ASP A CG  1 
ATOM   1114 O  OD1 . ASP A 1 180 ? 4.360   8.919   -21.797 1.00 42.31 ? 167 ASP A OD1 1 
ATOM   1115 O  OD2 . ASP A 1 180 ? 5.390   10.796  -22.207 1.00 47.36 ? 167 ASP A OD2 1 
ATOM   1116 N  N   . GLU A 1 181 ? 7.298   9.984   -17.591 1.00 16.69 ? 168 GLU A N   1 
ATOM   1117 C  CA  . GLU A 1 181 ? 8.350   9.988   -16.583 1.00 18.02 ? 168 GLU A CA  1 
ATOM   1118 C  C   . GLU A 1 181 ? 8.045   8.973   -15.489 1.00 16.87 ? 168 GLU A C   1 
ATOM   1119 O  O   . GLU A 1 181 ? 8.883   8.123   -15.180 1.00 17.77 ? 168 GLU A O   1 
ATOM   1120 C  CB  . GLU A 1 181 ? 8.510   11.382  -15.973 1.00 16.10 ? 168 GLU A CB  1 
ATOM   1121 C  CG  . GLU A 1 181 ? 9.170   12.408  -16.890 1.00 14.82 ? 168 GLU A CG  1 
ATOM   1122 C  CD  . GLU A 1 181 ? 8.302   12.817  -18.065 1.00 20.55 ? 168 GLU A CD  1 
ATOM   1123 O  OE1 . GLU A 1 181 ? 7.053   12.686  -17.973 1.00 12.69 ? 168 GLU A OE1 1 
ATOM   1124 O  OE2 . GLU A 1 181 ? 8.872   13.286  -19.082 1.00 17.71 ? 168 GLU A OE2 1 
ATOM   1125 N  N   . ASP A 1 182 ? 6.845   9.060   -14.910 1.00 17.56 ? 169 ASP A N   1 
ATOM   1126 C  CA  . ASP A 1 182 ? 6.441   8.145   -13.844 1.00 20.32 ? 169 ASP A CA  1 
ATOM   1127 C  C   . ASP A 1 182 ? 6.492   6.698   -14.323 1.00 16.35 ? 169 ASP A C   1 
ATOM   1128 O  O   . ASP A 1 182 ? 6.930   5.811   -13.594 1.00 17.17 ? 169 ASP A O   1 
ATOM   1129 C  CB  . ASP A 1 182 ? 5.040   8.447   -13.319 0.00 25.81 ? 169 ASP A CB  1 
ATOM   1130 C  CG  . ASP A 1 182 ? 4.925   9.828   -12.701 1.00 26.92 ? 169 ASP A CG  1 
ATOM   1131 O  OD1 . ASP A 1 182 ? 5.952   10.404  -12.287 1.00 28.96 ? 169 ASP A OD1 1 
ATOM   1132 O  OD2 . ASP A 1 182 ? 3.796   10.353  -12.589 1.00 31.11 ? 169 ASP A OD2 1 
ATOM   1133 N  N   . VAL A 1 183 ? 6.041   6.477   -15.556 1.00 17.98 ? 170 VAL A N   1 
ATOM   1134 C  CA  . VAL A 1 183 ? 6.017   5.146   -16.160 1.00 17.36 ? 170 VAL A CA  1 
ATOM   1135 C  C   . VAL A 1 183 ? 7.430   4.619   -16.368 1.00 17.55 ? 170 VAL A C   1 
ATOM   1136 O  O   . VAL A 1 183 ? 7.730   3.470   -16.032 1.00 16.35 ? 170 VAL A O   1 
ATOM   1137 C  CB  . VAL A 1 183 ? 5.286   5.178   -17.521 0.00 21.14 ? 170 VAL A CB  1 
ATOM   1138 C  CG1 . VAL A 1 183 ? 5.236   3.821   -18.094 1.00 23.09 ? 170 VAL A CG1 1 
ATOM   1139 C  CG2 . VAL A 1 183 ? 3.906   5.663   -17.327 1.00 19.40 ? 170 VAL A CG2 1 
ATOM   1140 N  N   . SER A 1 184 ? 8.300   5.464   -16.919 1.00 18.27 ? 171 SER A N   1 
ATOM   1141 C  CA  . SER A 1 184 ? 9.678   5.062   -17.170 1.00 18.97 ? 171 SER A CA  1 
ATOM   1142 C  C   . SER A 1 184 ? 10.372  4.725   -15.852 1.00 19.05 ? 171 SER A C   1 
ATOM   1143 O  O   . SER A 1 184 ? 11.159  3.779   -15.776 1.00 16.82 ? 171 SER A O   1 
ATOM   1144 C  CB  . SER A 1 184 ? 10.436  6.169   -17.916 1.00 18.17 ? 171 SER A CB  1 
ATOM   1145 O  OG  . SER A 1 184 ? 10.595  7.313   -17.096 1.00 31.86 ? 171 SER A OG  1 
ATOM   1146 N  N   . ILE A 1 185 ? 10.061  5.484   -14.804 1.00 18.31 ? 172 ILE A N   1 
ATOM   1147 C  CA  . ILE A 1 185 ? 10.639  5.217   -13.492 1.00 17.10 ? 172 ILE A CA  1 
ATOM   1148 C  C   . ILE A 1 185 ? 10.262  3.816   -13.017 1.00 19.11 ? 172 ILE A C   1 
ATOM   1149 O  O   . ILE A 1 185 ? 11.107  3.086   -12.486 1.00 14.98 ? 172 ILE A O   1 
ATOM   1150 C  CB  . ILE A 1 185 ? 10.186  6.267   -12.461 1.00 16.00 ? 172 ILE A CB  1 
ATOM   1151 C  CG1 . ILE A 1 185 ? 10.776  7.633   -12.828 1.00 14.25 ? 172 ILE A CG1 1 
ATOM   1152 C  CG2 . ILE A 1 185 ? 10.616  5.857   -11.058 1.00 16.15 ? 172 ILE A CG2 1 
ATOM   1153 C  CD1 . ILE A 1 185 ? 12.291  7.632   -12.990 1.00 15.47 ? 172 ILE A CD1 1 
ATOM   1154 N  N   . ILE A 1 186 ? 8.998   3.440   -13.219 1.00 14.98 ? 173 ILE A N   1 
ATOM   1155 C  CA  . ILE A 1 186 ? 8.537   2.101   -12.851 1.00 14.19 ? 173 ILE A CA  1 
ATOM   1156 C  C   . ILE A 1 186 ? 9.328   1.067   -13.650 1.00 12.68 ? 173 ILE A C   1 
ATOM   1157 O  O   . ILE A 1 186 ? 9.819   0.086   -13.091 1.00 14.74 ? 173 ILE A O   1 
ATOM   1158 C  CB  . ILE A 1 186 ? 7.010   1.911   -13.136 1.00 14.27 ? 173 ILE A CB  1 
ATOM   1159 C  CG1 . ILE A 1 186 ? 6.175   2.807   -12.216 1.00 12.20 ? 173 ILE A CG1 1 
ATOM   1160 C  CG2 . ILE A 1 186 ? 6.611   0.452   -12.959 1.00 12.79 ? 173 ILE A CG2 1 
ATOM   1161 C  CD1 . ILE A 1 186 ? 6.381   2.537   -10.737 1.00 11.69 ? 173 ILE A CD1 1 
ATOM   1162 N  N   . VAL A 1 187 ? 9.459   1.293   -14.956 1.00 15.22 ? 174 VAL A N   1 
ATOM   1163 C  CA  . VAL A 1 187 ? 10.204  0.368   -15.812 1.00 17.38 ? 174 VAL A CA  1 
ATOM   1164 C  C   . VAL A 1 187 ? 11.631  0.177   -15.297 1.00 16.34 ? 174 VAL A C   1 
ATOM   1165 O  O   . VAL A 1 187 ? 12.124  -0.947  -15.232 1.00 15.88 ? 174 VAL A O   1 
ATOM   1166 C  CB  . VAL A 1 187 ? 10.247  0.860   -17.290 1.00 18.82 ? 174 VAL A CB  1 
ATOM   1167 C  CG1 . VAL A 1 187 ? 11.077  -0.105  -18.146 1.00 17.75 ? 174 VAL A CG1 1 
ATOM   1168 C  CG2 . VAL A 1 187 ? 8.838   0.957   -17.847 1.00 15.06 ? 174 VAL A CG2 1 
ATOM   1169 N  N   . ARG A 1 188 ? 12.280  1.275   -14.923 1.00 19.02 ? 175 ARG A N   1 
ATOM   1170 C  CA  . ARG A 1 188 ? 13.635  1.219   -14.395 1.00 17.07 ? 175 ARG A CA  1 
ATOM   1171 C  C   . ARG A 1 188 ? 13.693  0.415   -13.105 1.00 20.70 ? 175 ARG A C   1 
ATOM   1172 O  O   . ARG A 1 188 ? 14.660  -0.307  -12.850 1.00 17.44 ? 175 ARG A O   1 
ATOM   1173 C  CB  . ARG A 1 188 ? 14.166  2.623   -14.125 1.00 23.22 ? 175 ARG A CB  1 
ATOM   1174 C  CG  . ARG A 1 188 ? 15.556  2.643   -13.506 1.00 25.63 ? 175 ARG A CG  1 
ATOM   1175 C  CD  . ARG A 1 188 ? 15.953  4.033   -13.064 1.00 35.31 ? 175 ARG A CD  1 
ATOM   1176 N  NE  . ARG A 1 188 ? 17.103  4.024   -12.166 1.00 38.86 ? 175 ARG A NE  1 
ATOM   1177 C  CZ  . ARG A 1 188 ? 18.339  3.688   -12.526 1.00 40.42 ? 175 ARG A CZ  1 
ATOM   1178 N  NH1 . ARG A 1 188 ? 18.598  3.329   -13.774 1.00 44.54 ? 175 ARG A NH1 1 
ATOM   1179 N  NH2 . ARG A 1 188 ? 19.319  3.713   -11.633 1.00 44.42 ? 175 ARG A NH2 1 
ATOM   1180 N  N   . ARG A 1 189 ? 12.663  0.551   -12.279 1.00 20.00 ? 176 ARG A N   1 
ATOM   1181 C  CA  . ARG A 1 189 ? 12.631  -0.175  -11.022 1.00 21.02 ? 176 ARG A CA  1 
ATOM   1182 C  C   . ARG A 1 189 ? 12.522  -1.673  -11.292 1.00 20.04 ? 176 ARG A C   1 
ATOM   1183 O  O   . ARG A 1 189 ? 13.174  -2.478  -10.630 1.00 19.21 ? 176 ARG A O   1 
ATOM   1184 C  CB  . ARG A 1 189 ? 11.459  0.285   -10.157 1.00 21.50 ? 176 ARG A CB  1 
ATOM   1185 C  CG  . ARG A 1 189 ? 11.799  0.288   -8.682  1.00 27.50 ? 176 ARG A CG  1 
ATOM   1186 C  CD  . ARG A 1 189 ? 10.585  0.088   -7.796  1.00 29.40 ? 176 ARG A CD  1 
ATOM   1187 N  NE  . ARG A 1 189 ? 9.630   1.192   -7.855  1.00 18.37 ? 176 ARG A NE  1 
ATOM   1188 C  CZ  . ARG A 1 189 ? 8.385   1.090   -7.413  1.00 16.37 ? 176 ARG A CZ  1 
ATOM   1189 N  NH1 . ARG A 1 189 ? 7.972   -0.062  -6.896  1.00 12.74 ? 176 ARG A NH1 1 
ATOM   1190 N  NH2 . ARG A 1 189 ? 7.558   2.125   -7.478  1.00 11.64 ? 176 ARG A NH2 1 
ATOM   1191 N  N   . LEU A 1 190 ? 11.699  -2.035  -12.272 1.00 16.82 ? 177 LEU A N   1 
ATOM   1192 C  CA  . LEU A 1 190 ? 11.520  -3.431  -12.655 1.00 19.94 ? 177 LEU A CA  1 
ATOM   1193 C  C   . LEU A 1 190 ? 12.821  -3.998  -13.223 1.00 18.88 ? 177 LEU A C   1 
ATOM   1194 O  O   . LEU A 1 190 ? 13.158  -5.148  -12.983 1.00 19.96 ? 177 LEU A O   1 
ATOM   1195 C  CB  . LEU A 1 190 ? 10.392  -3.569  -13.695 1.00 19.26 ? 177 LEU A CB  1 
ATOM   1196 C  CG  . LEU A 1 190 ? 8.951   -3.324  -13.221 1.00 19.22 ? 177 LEU A CG  1 
ATOM   1197 C  CD1 . LEU A 1 190 ? 8.010   -3.159  -14.417 1.00 17.25 ? 177 LEU A CD1 1 
ATOM   1198 C  CD2 . LEU A 1 190 ? 8.504   -4.479  -12.340 1.00 17.10 ? 177 LEU A CD2 1 
ATOM   1199 N  N   . ARG A 1 191 ? 13.556  -3.181  -13.969 1.00 20.38 ? 178 ARG A N   1 
ATOM   1200 C  CA  . ARG A 1 191 ? 14.818  -3.621  -14.542 1.00 23.73 ? 178 ARG A CA  1 
ATOM   1201 C  C   . ARG A 1 191 ? 15.909  -3.783  -13.488 1.00 23.50 ? 178 ARG A C   1 
ATOM   1202 O  O   . ARG A 1 191 ? 16.899  -4.465  -13.725 1.00 25.49 ? 178 ARG A O   1 
ATOM   1203 C  CB  . ARG A 1 191 ? 15.293  -2.635  -15.614 1.00 21.98 ? 178 ARG A CB  1 
ATOM   1204 C  CG  . ARG A 1 191 ? 14.464  -2.650  -16.877 1.00 24.11 ? 178 ARG A CG  1 
ATOM   1205 C  CD  . ARG A 1 191 ? 15.151  -1.904  -18.003 1.00 29.96 ? 178 ARG A CD  1 
ATOM   1206 N  NE  . ARG A 1 191 ? 14.318  -1.837  -19.196 1.00 34.98 ? 178 ARG A NE  1 
ATOM   1207 C  CZ  . ARG A 1 191 ? 14.679  -1.241  -20.329 1.00 34.09 ? 178 ARG A CZ  1 
ATOM   1208 N  NH1 . ARG A 1 191 ? 15.870  -0.658  -20.425 1.00 34.36 ? 178 ARG A NH1 1 
ATOM   1209 N  NH2 . ARG A 1 191 ? 13.844  -1.221  -21.362 1.00 27.38 ? 178 ARG A NH2 1 
ATOM   1210 N  N   . GLN A 1 192 ? 15.736  -3.149  -12.333 1.00 23.83 ? 179 GLN A N   1 
ATOM   1211 C  CA  . GLN A 1 192 ? 16.723  -3.235  -11.262 1.00 29.71 ? 179 GLN A CA  1 
ATOM   1212 C  C   . GLN A 1 192 ? 16.418  -4.344  -10.258 1.00 25.61 ? 179 GLN A C   1 
ATOM   1213 O  O   . GLN A 1 192 ? 17.233  -4.628  -9.385  1.00 29.65 ? 179 GLN A O   1 
ATOM   1214 C  CB  . GLN A 1 192 ? 16.802  -1.917  -10.491 1.00 34.41 ? 179 GLN A CB  1 
ATOM   1215 C  CG  . GLN A 1 192 ? 17.194  -0.694  -11.297 1.00 46.55 ? 179 GLN A CG  1 
ATOM   1216 C  CD  . GLN A 1 192 ? 17.144  0.575   -10.452 1.00 58.64 ? 179 GLN A CD  1 
ATOM   1217 O  OE1 . GLN A 1 192 ? 16.106  0.907   -9.869  1.00 60.72 ? 179 GLN A OE1 1 
ATOM   1218 N  NE2 . GLN A 1 192 ? 18.266  1.281   -10.376 1.00 58.29 ? 179 GLN A NE2 1 
ATOM   1219 N  N   . SER A 1 193 ? 15.248  -4.966  -10.372 1.00 24.15 ? 180 SER A N   1 
ATOM   1220 C  CA  . SER A 1 193 ? 14.864  -6.009  -9.429  1.00 21.77 ? 180 SER A CA  1 
ATOM   1221 C  C   . SER A 1 193 ? 14.504  -7.321  -10.057 0.00 24.40 ? 180 SER A C   1 
ATOM   1222 O  O   . SER A 1 193 ? 14.353  -7.434  -11.273 0.00 24.17 ? 180 SER A O   1 
ATOM   1223 C  CB  . SER A 1 193 ? 13.697  -5.525  -8.554  1.00 22.53 ? 180 SER A CB  1 
ATOM   1224 O  OG  . SER A 1 193 ? 12.510  -5.340  -9.323  1.00 19.14 ? 180 SER A OG  1 
ATOM   1225 N  N   . ASN A 1 194 ? 14.386  -8.321  -9.221  1.00 20.29 ? 181 ASN A N   1 
ATOM   1226 C  CA  . ASN A 1 194 ? 13.988  -9.663  -9.617  1.00 21.89 ? 181 ASN A CA  1 
ATOM   1227 C  C   . ASN A 1 194 ? 12.535  -9.881  -9.196  1.00 17.72 ? 181 ASN A C   1 
ATOM   1228 O  O   . ASN A 1 194 ? 11.972  -10.956 -9.407  1.00 18.45 ? 181 ASN A O   1 
ATOM   1229 C  CB  . ASN A 1 194 ? 14.884  -10.720 -8.949  1.00 21.19 ? 181 ASN A CB  1 
ATOM   1230 C  CG  . ASN A 1 194 ? 16.372  -10.457 -9.167  1.00 22.75 ? 181 ASN A CG  1 
ATOM   1231 O  OD1 . ASN A 1 194 ? 16.836  -10.339 -10.302 1.00 17.85 ? 181 ASN A OD1 1 
ATOM   1232 N  ND2 . ASN A 1 194 ? 17.124  -10.374 -8.073  1.00 21.59 ? 181 ASN A ND2 1 
ATOM   1233 N  N   . VAL A 1 195 ? 11.936  -8.856  -8.598  1.00 14.81 ? 182 VAL A N   1 
ATOM   1234 C  CA  . VAL A 1 195 ? 10.549  -8.936  -8.136  1.00 14.21 ? 182 VAL A CA  1 
ATOM   1235 C  C   . VAL A 1 195 ? 9.575   -9.209  -9.275  1.00 16.55 ? 182 VAL A C   1 
ATOM   1236 O  O   . VAL A 1 195 ? 9.701   -8.659  -10.369 1.00 15.07 ? 182 VAL A O   1 
ATOM   1237 C  CB  . VAL A 1 195 ? 10.108  -7.633  -7.412  1.00 17.29 ? 182 VAL A CB  1 
ATOM   1238 C  CG1 . VAL A 1 195 ? 8.603   -7.652  -7.151  1.00 14.15 ? 182 VAL A CG1 1 
ATOM   1239 C  CG2 . VAL A 1 195 ? 10.865  -7.474  -6.094  1.00 17.40 ? 182 VAL A CG2 1 
ATOM   1240 N  N   . ILE A 1 196 ? 8.606   -10.077 -9.001  1.00 16.71 ? 183 ILE A N   1 
ATOM   1241 C  CA  . ILE A 1 196 ? 7.543   -10.405 -9.947  1.00 14.20 ? 183 ILE A CA  1 
ATOM   1242 C  C   . ILE A 1 196 ? 6.273   -9.773  -9.372  1.00 14.25 ? 183 ILE A C   1 
ATOM   1243 O  O   . ILE A 1 196 ? 5.913   -10.023 -8.219  1.00 11.40 ? 183 ILE A O   1 
ATOM   1244 C  CB  . ILE A 1 196 ? 7.340   -11.938 -10.045 1.00 11.90 ? 183 ILE A CB  1 
ATOM   1245 C  CG1 . ILE A 1 196 ? 8.627   -12.611 -10.530 1.00 13.77 ? 183 ILE A CG1 1 
ATOM   1246 C  CG2 . ILE A 1 196 ? 6.172   -12.263 -10.976 1.00 10.62 ? 183 ILE A CG2 1 
ATOM   1247 C  CD1 . ILE A 1 196 ? 9.051   -12.181 -11.924 1.00 13.58 ? 183 ILE A CD1 1 
ATOM   1248 N  N   . LEU A 1 197 ? 5.602   -8.954  -10.173 1.00 12.84 ? 184 LEU A N   1 
ATOM   1249 C  CA  . LEU A 1 197 ? 4.398   -8.270  -9.724  1.00 12.36 ? 184 LEU A CA  1 
ATOM   1250 C  C   . LEU A 1 197 ? 3.330   -9.272  -9.276  1.00 12.92 ? 184 LEU A C   1 
ATOM   1251 O  O   . LEU A 1 197 ? 3.178   -10.335 -9.876  1.00 11.44 ? 184 LEU A O   1 
ATOM   1252 C  CB  . LEU A 1 197 ? 3.874   -7.356  -10.843 1.00 9.63  ? 184 LEU A CB  1 
ATOM   1253 C  CG  . LEU A 1 197 ? 4.341   -5.887  -10.846 1.00 15.89 ? 184 LEU A CG  1 
ATOM   1254 C  CD1 . LEU A 1 197 ? 5.784   -5.743  -10.382 1.00 12.93 ? 184 LEU A CD1 1 
ATOM   1255 C  CD2 . LEU A 1 197 ? 4.164   -5.287  -12.235 1.00 12.98 ? 184 LEU A CD2 1 
ATOM   1256 N  N   . PRO A 1 198 ? 2.596   -8.948  -8.198  1.00 13.51 ? 185 PRO A N   1 
ATOM   1257 C  CA  . PRO A 1 198 ? 1.554   -9.837  -7.670  1.00 12.22 ? 185 PRO A CA  1 
ATOM   1258 C  C   . PRO A 1 198 ? 0.320   -9.986  -8.558  1.00 14.19 ? 185 PRO A C   1 
ATOM   1259 O  O   . PRO A 1 198 ? 0.132   -9.243  -9.521  1.00 10.06 ? 185 PRO A O   1 
ATOM   1260 C  CB  . PRO A 1 198 ? 1.221   -9.217  -6.316  1.00 13.14 ? 185 PRO A CB  1 
ATOM   1261 C  CG  . PRO A 1 198 ? 1.533   -7.771  -6.500  1.00 16.63 ? 185 PRO A CG  1 
ATOM   1262 C  CD  . PRO A 1 198 ? 2.787   -7.776  -7.323  1.00 14.24 ? 185 PRO A CD  1 
ATOM   1263 N  N   . ASN A 1 199 ? -0.528  -10.950 -8.210  1.00 13.11 ? 186 ASN A N   1 
ATOM   1264 C  CA  . ASN A 1 199 ? -1.729  -11.215 -8.977  1.00 13.46 ? 186 ASN A CA  1 
ATOM   1265 C  C   . ASN A 1 199 ? -2.952  -10.453 -8.466  1.00 14.37 ? 186 ASN A C   1 
ATOM   1266 O  O   . ASN A 1 199 ? -3.752  -10.990 -7.692  1.00 15.11 ? 186 ASN A O   1 
ATOM   1267 C  CB  . ASN A 1 199 ? -2.019  -12.714 -8.984  1.00 10.76 ? 186 ASN A CB  1 
ATOM   1268 C  CG  . ASN A 1 199 ? -3.092  -13.091 -9.975  1.00 9.08  ? 186 ASN A CG  1 
ATOM   1269 O  OD1 . ASN A 1 199 ? -3.774  -12.231 -10.531 1.00 12.17 ? 186 ASN A OD1 1 
ATOM   1270 N  ND2 . ASN A 1 199 ? -3.257  -14.382 -10.196 1.00 11.25 ? 186 ASN A ND2 1 
ATOM   1271 N  N   . PHE A 1 200 ? -3.094  -9.204  -8.903  1.00 13.86 ? 187 PHE A N   1 
ATOM   1272 C  CA  . PHE A 1 200 ? -4.238  -8.383  -8.516  1.00 14.92 ? 187 PHE A CA  1 
ATOM   1273 C  C   . PHE A 1 200 ? -5.545  -8.931  -9.069  1.00 16.99 ? 187 PHE A C   1 
ATOM   1274 O  O   . PHE A 1 200 ? -6.552  -8.973  -8.361  1.00 15.26 ? 187 PHE A O   1 
ATOM   1275 C  CB  . PHE A 1 200 ? -4.050  -6.942  -8.994  1.00 13.42 ? 187 PHE A CB  1 
ATOM   1276 C  CG  . PHE A 1 200 ? -2.861  -6.262  -8.388  1.00 14.94 ? 187 PHE A CG  1 
ATOM   1277 C  CD1 . PHE A 1 200 ? -1.609  -6.371  -8.975  1.00 11.36 ? 187 PHE A CD1 1 
ATOM   1278 C  CD2 . PHE A 1 200 ? -2.985  -5.549  -7.200  1.00 12.64 ? 187 PHE A CD2 1 
ATOM   1279 C  CE1 . PHE A 1 200 ? -0.498  -5.780  -8.393  1.00 12.13 ? 187 PHE A CE1 1 
ATOM   1280 C  CE2 . PHE A 1 200 ? -1.880  -4.954  -6.612  1.00 13.67 ? 187 PHE A CE2 1 
ATOM   1281 C  CZ  . PHE A 1 200 ? -0.632  -5.071  -7.213  1.00 13.85 ? 187 PHE A CZ  1 
ATOM   1282 N  N   . LYS A 1 201 ? -5.522  -9.355  -10.329 1.00 18.07 ? 188 LYS A N   1 
ATOM   1283 C  CA  . LYS A 1 201 ? -6.721  -9.857  -10.994 1.00 22.06 ? 188 LYS A CA  1 
ATOM   1284 C  C   . LYS A 1 201 ? -7.414  -10.969 -10.229 1.00 21.18 ? 188 LYS A C   1 
ATOM   1285 O  O   . LYS A 1 201 ? -8.640  -11.030 -10.196 1.00 23.39 ? 188 LYS A O   1 
ATOM   1286 C  CB  . LYS A 1 201 ? -6.390  -10.356 -12.403 1.00 26.67 ? 188 LYS A CB  1 
ATOM   1287 C  CG  . LYS A 1 201 ? -6.182  -9.257  -13.425 1.00 32.49 ? 188 LYS A CG  1 
ATOM   1288 C  CD  . LYS A 1 201 ? -6.309  -9.796  -14.841 1.00 41.38 ? 188 LYS A CD  1 
ATOM   1289 C  CE  . LYS A 1 201 ? -7.736  -10.264 -15.123 1.00 47.71 ? 188 LYS A CE  1 
ATOM   1290 N  NZ  . LYS A 1 201 ? -7.913  -10.771 -16.512 1.00 49.31 ? 188 LYS A NZ  1 
ATOM   1291 N  N   . ALA A 1 202 ? -6.628  -11.850 -9.622  1.00 26.52 ? 189 ALA A N   1 
ATOM   1292 C  CA  . ALA A 1 202 ? -7.176  -12.982 -8.883  1.00 25.99 ? 189 ALA A CA  1 
ATOM   1293 C  C   . ALA A 1 202 ? -7.913  -12.540 -7.623  1.00 26.43 ? 189 ALA A C   1 
ATOM   1294 O  O   . ALA A 1 202 ? -8.620  -13.333 -7.008  1.00 28.75 ? 189 ALA A O   1 
ATOM   1295 C  CB  . ALA A 1 202 ? -6.066  -13.969 -8.533  1.00 24.84 ? 189 ALA A CB  1 
ATOM   1296 N  N   . LEU A 1 203 ? -7.739  -11.281 -7.230  1.00 27.03 ? 190 LEU A N   1 
ATOM   1297 C  CA  . LEU A 1 203 ? -8.427  -10.761 -6.047  1.00 28.14 ? 190 LEU A CA  1 
ATOM   1298 C  C   . LEU A 1 203 ? -9.879  -10.453 -6.387  1.00 27.31 ? 190 LEU A C   1 
ATOM   1299 O  O   . LEU A 1 203 ? -10.792 -11.118 -5.902  1.00 29.62 ? 190 LEU A O   1 
ATOM   1300 C  CB  . LEU A 1 203 ? -7.747  -9.488  -5.531  1.00 24.83 ? 190 LEU A CB  1 
ATOM   1301 C  CG  . LEU A 1 203 ? -6.349  -9.632  -4.920  1.00 20.50 ? 190 LEU A CG  1 
ATOM   1302 C  CD1 . LEU A 1 203 ? -5.824  -8.271  -4.513  1.00 18.10 ? 190 LEU A CD1 1 
ATOM   1303 C  CD2 . LEU A 1 203 ? -6.389  -10.570 -3.728  1.00 18.85 ? 190 LEU A CD2 1 
HETATM 1304 HG HG  . HG  B 2 .   ? -2.790  -7.832  3.516   0.64 7.47  ? 191 HG  A HG  1 
HETATM 1305 HG HG  . HG  C 2 .   ? -11.622 3.209   2.055   0.53 9.51  ? 192 HG  A HG  1 
HETATM 1306 HG HG  . HG  D 2 .   ? -3.716  0.951   -16.277 0.45 4.10  ? 193 HG  A HG  1 
HETATM 1307 HG HG  . HG  E 2 .   ? 11.810  8.424   8.516   0.30 35.70 ? 194 HG  A HG  1 
HETATM 1308 O  O   . HOH F 3 .   ? 3.975   2.770   16.055  1.00 12.55 ? 195 HOH A O   1 
HETATM 1309 O  O   . HOH F 3 .   ? 12.714  -7.490  -13.181 1.00 6.30  ? 196 HOH A O   1 
HETATM 1310 O  O   . HOH F 3 .   ? 9.991   -2.759  -4.092  1.00 2.00  ? 197 HOH A O   1 
HETATM 1311 O  O   . HOH F 3 .   ? -9.337  -10.507 0.602   1.00 41.83 ? 198 HOH A O   1 
HETATM 1312 O  O   . HOH F 3 .   ? 4.465   -11.775 -6.672  1.00 13.43 ? 199 HOH A O   1 
HETATM 1313 O  O   . HOH F 3 .   ? 7.157   5.651   -4.793  1.00 12.24 ? 200 HOH A O   1 
HETATM 1314 O  O   . HOH F 3 .   ? -17.286 -14.400 6.038   1.00 13.91 ? 201 HOH A O   1 
HETATM 1315 O  O   . HOH F 3 .   ? -6.705  -1.656  -12.561 1.00 24.78 ? 202 HOH A O   1 
HETATM 1316 O  O   . HOH F 3 .   ? 2.845   3.731   6.090   1.00 7.05  ? 203 HOH A O   1 
HETATM 1317 O  O   . HOH F 3 .   ? -2.410  14.325  4.911   1.00 8.09  ? 204 HOH A O   1 
HETATM 1318 O  O   . HOH F 3 .   ? 8.173   -9.179  8.937   1.00 15.76 ? 205 HOH A O   1 
HETATM 1319 O  O   . HOH F 3 .   ? -12.796 4.463   13.785  1.00 31.85 ? 206 HOH A O   1 
HETATM 1320 O  O   . HOH F 3 .   ? -7.023  7.145   11.464  1.00 14.06 ? 207 HOH A O   1 
HETATM 1321 O  O   . HOH F 3 .   ? 13.692  -4.913  -22.447 1.00 33.43 ? 208 HOH A O   1 
HETATM 1322 O  O   . HOH F 3 .   ? 13.467  2.982   10.923  1.00 22.00 ? 209 HOH A O   1 
HETATM 1323 O  O   . HOH F 3 .   ? -9.219  6.382   -11.353 1.00 13.07 ? 210 HOH A O   1 
HETATM 1324 O  O   . HOH F 3 .   ? 14.217  -0.941  13.775  1.00 27.96 ? 211 HOH A O   1 
HETATM 1325 O  O   . HOH F 3 .   ? -7.686  4.811   -9.979  1.00 14.72 ? 212 HOH A O   1 
HETATM 1326 O  O   . HOH F 3 .   ? -5.395  11.165  -18.810 1.00 17.02 ? 213 HOH A O   1 
HETATM 1327 O  O   . HOH F 3 .   ? 4.502   4.741   -5.995  1.00 9.60  ? 214 HOH A O   1 
HETATM 1328 O  O   . HOH F 3 .   ? 5.465   -8.284  -5.710  1.00 31.53 ? 215 HOH A O   1 
HETATM 1329 O  O   . HOH F 3 .   ? -1.023  10.847  -9.155  1.00 10.70 ? 216 HOH A O   1 
HETATM 1330 O  O   . HOH F 3 .   ? -3.403  9.959   -9.783  1.00 19.30 ? 217 HOH A O   1 
HETATM 1331 O  O   . HOH F 3 .   ? 2.012   10.228  -10.016 1.00 11.26 ? 218 HOH A O   1 
HETATM 1332 O  O   . HOH F 3 .   ? -2.278  10.441  -12.774 1.00 23.93 ? 219 HOH A O   1 
HETATM 1333 O  O   . HOH F 3 .   ? 10.676  5.249   17.646  1.00 27.80 ? 220 HOH A O   1 
HETATM 1334 O  O   . HOH F 3 .   ? -2.803  -8.965  -11.736 1.00 10.75 ? 221 HOH A O   1 
HETATM 1335 O  O   . HOH F 3 .   ? -9.822  2.631   -5.153  1.00 14.09 ? 222 HOH A O   1 
HETATM 1336 O  O   . HOH F 3 .   ? 6.701   6.433   -11.239 1.00 22.24 ? 223 HOH A O   1 
HETATM 1337 O  O   . HOH F 3 .   ? 4.514   9.439   4.373   1.00 36.32 ? 224 HOH A O   1 
HETATM 1338 O  O   . HOH F 3 .   ? 13.891  -6.636  -4.454  1.00 18.79 ? 225 HOH A O   1 
HETATM 1339 O  O   . HOH F 3 .   ? 8.138   6.771   3.889   1.00 16.49 ? 226 HOH A O   1 
HETATM 1340 O  O   . HOH F 3 .   ? -10.445 8.850   -10.799 1.00 19.18 ? 227 HOH A O   1 
HETATM 1341 O  O   . HOH F 3 .   ? -5.000  -1.794  -17.963 1.00 28.65 ? 228 HOH A O   1 
HETATM 1342 O  O   . HOH F 3 .   ? -0.965  -18.183 3.625   1.00 17.66 ? 229 HOH A O   1 
HETATM 1343 O  O   . HOH F 3 .   ? 0.949   9.074   1.214   1.00 14.76 ? 230 HOH A O   1 
HETATM 1344 O  O   . HOH F 3 .   ? 1.919   -12.695 -9.939  1.00 15.23 ? 231 HOH A O   1 
HETATM 1345 O  O   . HOH F 3 .   ? -5.592  11.630  -9.552  1.00 38.50 ? 232 HOH A O   1 
HETATM 1346 O  O   . HOH F 3 .   ? -6.722  11.111  -5.842  1.00 20.65 ? 233 HOH A O   1 
HETATM 1347 O  O   . HOH F 3 .   ? -8.600  10.760  -3.604  1.00 40.21 ? 234 HOH A O   1 
HETATM 1348 O  O   . HOH F 3 .   ? 0.461   -12.662 -6.119  1.00 11.82 ? 235 HOH A O   1 
HETATM 1349 O  O   . HOH F 3 .   ? -4.845  -8.698  3.846   1.00 2.02  ? 236 HOH A O   1 
HETATM 1350 O  O   . HOH F 3 .   ? 10.783  -10.106 2.916   1.00 7.25  ? 237 HOH A O   1 
HETATM 1351 O  O   . HOH F 3 .   ? 12.800  0.803   11.861  1.00 18.63 ? 238 HOH A O   1 
HETATM 1352 O  O   . HOH F 3 .   ? -9.532  3.990   -7.564  1.00 7.51  ? 239 HOH A O   1 
HETATM 1353 O  O   . HOH F 3 .   ? 3.566   6.396   5.529   1.00 10.13 ? 240 HOH A O   1 
HETATM 1354 O  O   . HOH F 3 .   ? -12.123 -3.832  -2.316  1.00 23.86 ? 241 HOH A O   1 
HETATM 1355 O  O   . HOH F 3 .   ? 11.310  -6.585  -11.265 1.00 21.07 ? 242 HOH A O   1 
HETATM 1356 O  O   . HOH F 3 .   ? 10.638  -3.798  -7.390  1.00 23.65 ? 243 HOH A O   1 
HETATM 1357 O  O   . HOH F 3 .   ? -5.095  1.355   -18.796 1.00 27.97 ? 244 HOH A O   1 
HETATM 1358 O  O   . HOH F 3 .   ? -14.394 -1.693  -9.140  1.00 29.98 ? 245 HOH A O   1 
HETATM 1359 O  O   . HOH F 3 .   ? -2.926  -0.391  -18.363 1.00 15.80 ? 246 HOH A O   1 
HETATM 1360 O  O   . HOH F 3 .   ? -4.209  -12.984 -6.011  1.00 21.30 ? 247 HOH A O   1 
HETATM 1361 O  O   . HOH F 3 .   ? 2.283   9.561   -2.575  1.00 12.27 ? 248 HOH A O   1 
HETATM 1362 O  O   . HOH F 3 .   ? 9.144   -11.561 -6.789  1.00 16.71 ? 249 HOH A O   1 
HETATM 1363 O  O   . HOH F 3 .   ? -2.574  -5.777  -12.862 1.00 14.43 ? 250 HOH A O   1 
HETATM 1364 O  O   . HOH F 3 .   ? -14.343 4.791   6.266   1.00 27.89 ? 251 HOH A O   1 
HETATM 1365 O  O   . HOH F 3 .   ? 13.873  -4.159  15.161  1.00 39.67 ? 252 HOH A O   1 
HETATM 1366 O  O   . HOH F 3 .   ? -9.657  4.900   -22.100 1.00 27.47 ? 253 HOH A O   1 
HETATM 1367 O  O   . HOH F 3 .   ? -6.621  4.023   -21.694 1.00 21.91 ? 254 HOH A O   1 
HETATM 1368 O  O   . HOH F 3 .   ? -15.789 6.074   -19.761 1.00 35.18 ? 255 HOH A O   1 
HETATM 1369 O  O   . HOH F 3 .   ? 13.177  -12.882 -10.924 1.00 16.38 ? 256 HOH A O   1 
HETATM 1370 O  O   . HOH F 3 .   ? 0.293   -4.948  -11.957 1.00 10.47 ? 257 HOH A O   1 
HETATM 1371 O  O   . HOH F 3 .   ? -1.688  -3.475  15.580  1.00 29.65 ? 258 HOH A O   1 
HETATM 1372 O  O   . HOH F 3 .   ? 17.906  -6.814  4.429   1.00 21.88 ? 259 HOH A O   1 
HETATM 1373 O  O   . HOH F 3 .   ? 13.385  8.647   10.602  1.00 29.92 ? 260 HOH A O   1 
HETATM 1374 O  O   . HOH F 3 .   ? -12.900 4.539   -11.346 1.00 23.61 ? 261 HOH A O   1 
HETATM 1375 O  O   . HOH F 3 .   ? -16.044 3.934   -23.440 1.00 39.29 ? 262 HOH A O   1 
HETATM 1376 O  O   . HOH F 3 .   ? -13.488 5.294   3.551   1.00 35.05 ? 263 HOH A O   1 
HETATM 1377 O  O   . HOH F 3 .   ? 14.875  -8.205  -6.296  1.00 18.02 ? 264 HOH A O   1 
HETATM 1378 O  O   . HOH F 3 .   ? -15.043 -0.140  -11.383 1.00 48.13 ? 265 HOH A O   1 
HETATM 1379 O  O   . HOH F 3 .   ? -4.441  -4.998  -15.892 1.00 38.96 ? 266 HOH A O   1 
HETATM 1380 O  O   . HOH F 3 .   ? 2.957   -13.725 -7.277  1.00 67.08 ? 267 HOH A O   1 
HETATM 1381 O  O   . HOH F 3 .   ? 3.440   -9.207  17.303  1.00 44.03 ? 268 HOH A O   1 
HETATM 1382 O  O   . HOH F 3 .   ? -20.231 -6.765  9.339   1.00 34.53 ? 269 HOH A O   1 
HETATM 1383 O  O   . HOH F 3 .   ? -4.576  10.856  -7.263  1.00 37.27 ? 270 HOH A O   1 
HETATM 1384 O  O   . HOH F 3 .   ? 5.850   -10.442 8.906   1.00 33.55 ? 271 HOH A O   1 
HETATM 1385 O  O   . HOH F 3 .   ? 3.923   -11.015 7.221   1.00 41.11 ? 272 HOH A O   1 
HETATM 1386 O  O   . HOH F 3 .   ? -1.783  -9.874  16.072  1.00 26.70 ? 273 HOH A O   1 
HETATM 1387 O  O   . HOH F 3 .   ? 15.340  -4.896  7.157   1.00 54.27 ? 274 HOH A O   1 
HETATM 1388 O  O   . HOH F 3 .   ? 2.786   -9.641  13.846  1.00 59.91 ? 275 HOH A O   1 
HETATM 1389 O  O   . HOH F 3 .   ? -10.191 8.651   -3.122  1.00 30.54 ? 276 HOH A O   1 
HETATM 1390 O  O   . HOH F 3 .   ? 19.280  -2.808  -14.848 1.00 33.91 ? 277 HOH A O   1 
HETATM 1391 O  O   . HOH F 3 .   ? -5.732  -6.125  -11.700 1.00 39.52 ? 278 HOH A O   1 
HETATM 1392 O  O   . HOH F 3 .   ? 13.588  -4.407  12.246  1.00 39.02 ? 279 HOH A O   1 
HETATM 1393 O  O   . HOH F 3 .   ? 3.340   -7.945  -14.602 1.00 36.08 ? 280 HOH A O   1 
HETATM 1394 O  O   . HOH F 3 .   ? 12.733  -0.310  -24.229 1.00 24.57 ? 281 HOH A O   1 
HETATM 1395 O  O   . HOH F 3 .   ? 10.006  9.731   7.191   1.00 26.42 ? 282 HOH A O   1 
HETATM 1396 O  O   . HOH F 3 .   ? -15.992 4.269   -10.993 1.00 30.93 ? 283 HOH A O   1 
HETATM 1397 O  O   . HOH F 3 .   ? 6.431   14.372  -19.650 1.00 32.83 ? 284 HOH A O   1 
HETATM 1398 O  O   . HOH F 3 .   ? -3.174  -14.722 9.700   1.00 38.72 ? 285 HOH A O   1 
HETATM 1399 O  O   . HOH F 3 .   ? 21.430  2.878   -14.070 1.00 43.60 ? 286 HOH A O   1 
HETATM 1400 O  O   . HOH F 3 .   ? -7.639  -5.293  -6.725  1.00 24.57 ? 287 HOH A O   1 
HETATM 1401 O  O   . HOH F 3 .   ? 9.223   15.439  17.009  1.00 47.45 ? 288 HOH A O   1 
HETATM 1402 O  O   . HOH F 3 .   ? 15.929  4.744   2.550   1.00 73.08 ? 289 HOH A O   1 
HETATM 1403 O  O   . HOH F 3 .   ? 11.508  19.848  13.088  1.00 51.34 ? 290 HOH A O   1 
HETATM 1404 O  O   . HOH F 3 .   ? 3.988   -12.769 4.137   1.00 33.68 ? 291 HOH A O   1 
HETATM 1405 O  O   . HOH F 3 .   ? 1.631   -4.996  -14.571 1.00 44.75 ? 292 HOH A O   1 
HETATM 1406 O  O   . HOH F 3 .   ? 15.674  1.867   5.303   1.00 43.53 ? 293 HOH A O   1 
HETATM 1407 O  O   . HOH F 3 .   ? 9.128   -3.559  -9.303  1.00 31.15 ? 294 HOH A O   1 
HETATM 1408 O  O   . HOH F 3 .   ? 19.554  -3.739  -8.672  1.00 31.19 ? 295 HOH A O   1 
HETATM 1409 O  O   . HOH F 3 .   ? -1.178  -14.281 -3.567  1.00 54.23 ? 296 HOH A O   1 
HETATM 1410 O  O   . HOH F 3 .   ? 15.795  17.173  17.981  1.00 48.09 ? 297 HOH A O   1 
HETATM 1411 O  O   . HOH F 3 .   ? -4.044  -4.386  16.313  1.00 20.89 ? 298 HOH A O   1 
HETATM 1412 O  O   . HOH F 3 .   ? -11.805 -10.194 -10.139 1.00 72.74 ? 299 HOH A O   1 
HETATM 1413 O  O   . HOH F 3 .   ? 15.123  -11.193 -12.184 1.00 38.37 ? 300 HOH A O   1 
HETATM 1414 O  O   . HOH F 3 .   ? 4.195   11.494  -0.907  1.00 48.74 ? 301 HOH A O   1 
HETATM 1415 O  O   . HOH F 3 .   ? 7.144   -11.421 -5.439  1.00 48.49 ? 302 HOH A O   1 
HETATM 1416 O  O   . HOH F 3 .   ? -20.198 -8.238  -0.991  1.00 45.62 ? 303 HOH A O   1 
HETATM 1417 O  O   . HOH F 3 .   ? 12.249  -5.108  -17.287 1.00 44.65 ? 304 HOH A O   1 
HETATM 1418 O  O   . HOH F 3 .   ? 20.068  -10.186 -8.520  1.00 39.03 ? 305 HOH A O   1 
HETATM 1419 O  O   . HOH F 3 .   ? 7.519   -4.626  -29.434 1.00 55.09 ? 306 HOH A O   1 
HETATM 1420 O  O   . HOH F 3 .   ? 18.537  -0.731  6.744   1.00 41.38 ? 307 HOH A O   1 
HETATM 1421 O  O   . HOH F 3 .   ? -9.828  -4.728  21.312  1.00 31.50 ? 308 HOH A O   1 
HETATM 1422 O  O   . HOH F 3 .   ? -3.503  12.310  -3.847  1.00 35.23 ? 309 HOH A O   1 
HETATM 1423 O  O   . HOH F 3 .   ? 0.786   1.749   20.490  1.00 40.36 ? 310 HOH A O   1 
HETATM 1424 O  O   . HOH F 3 .   ? 16.445  -4.060  -20.518 1.00 52.44 ? 311 HOH A O   1 
HETATM 1425 O  O   . HOH F 3 .   ? -1.599  -18.406 6.231   1.00 45.20 ? 312 HOH A O   1 
HETATM 1426 O  O   . HOH F 3 .   ? 3.666   -17.375 8.579   1.00 48.51 ? 313 HOH A O   1 
HETATM 1427 O  O   . HOH F 3 .   ? 18.599  1.830   6.108   1.00 50.35 ? 314 HOH A O   1 
HETATM 1428 O  O   . HOH F 3 .   ? -20.924 -11.627 -2.066  1.00 49.08 ? 315 HOH A O   1 
HETATM 1429 O  O   . HOH F 3 .   ? 15.031  -7.701  -13.927 1.00 42.64 ? 316 HOH A O   1 
HETATM 1430 O  O   . HOH F 3 .   ? -0.520  13.816  2.085   1.00 49.31 ? 317 HOH A O   1 
HETATM 1431 O  O   . HOH F 3 .   ? -9.319  7.301   10.122  1.00 38.47 ? 318 HOH A O   1 
HETATM 1432 O  O   . HOH F 3 .   ? 9.246   -1.865  -23.210 1.00 51.06 ? 319 HOH A O   1 
HETATM 1433 O  O   . HOH F 3 .   ? -18.571 -10.253 -0.666  1.00 50.84 ? 320 HOH A O   1 
HETATM 1434 O  O   . HOH F 3 .   ? 9.867   -6.575  -16.825 1.00 39.89 ? 321 HOH A O   1 
HETATM 1435 O  O   . HOH F 3 .   ? 12.441  0.615   -2.980  1.00 47.75 ? 322 HOH A O   1 
HETATM 1436 O  O   . HOH F 3 .   ? -16.083 -1.439  -6.667  1.00 43.76 ? 323 HOH A O   1 
HETATM 1437 O  O   . HOH F 3 .   ? -6.194  -14.505 -4.959  1.00 48.40 ? 324 HOH A O   1 
HETATM 1438 O  O   . HOH F 3 .   ? -5.070  -14.021 -12.540 1.00 45.95 ? 325 HOH A O   1 
HETATM 1439 O  O   . HOH F 3 .   ? -9.239  -13.474 13.504  1.00 41.52 ? 326 HOH A O   1 
HETATM 1440 O  O   . HOH F 3 .   ? -10.829 1.548   25.451  1.00 52.22 ? 327 HOH A O   1 
HETATM 1441 O  O   . HOH F 3 .   ? 16.371  -1.101  -3.716  1.00 46.56 ? 328 HOH A O   1 
HETATM 1442 O  O   . HOH F 3 .   ? 17.866  -7.853  -10.707 1.00 43.86 ? 329 HOH A O   1 
HETATM 1443 O  O   . HOH F 3 .   ? 17.460  4.272   7.395   1.00 49.77 ? 330 HOH A O   1 
HETATM 1444 O  O   . HOH F 3 .   ? 19.583  -1.930  3.585   1.00 50.84 ? 331 HOH A O   1 
HETATM 1445 O  O   . HOH F 3 .   ? 0.828   -10.851 14.752  1.00 50.14 ? 332 HOH A O   1 
HETATM 1446 O  O   . HOH F 3 .   ? 3.743   14.070  -0.409  1.00 50.39 ? 333 HOH A O   1 
HETATM 1447 O  O   . HOH F 3 .   ? 7.174   -3.159  16.957  1.00 45.54 ? 334 HOH A O   1 
HETATM 1448 O  O   . HOH F 3 .   ? -20.638 -3.614  9.139   1.00 53.27 ? 335 HOH A O   1 
HETATM 1449 O  O   . HOH F 3 .   ? -11.903 10.061  -1.539  1.00 46.97 ? 336 HOH A O   1 
HETATM 1450 O  O   . HOH F 3 .   ? -7.044  13.592  -10.555 1.00 49.93 ? 337 HOH A O   1 
HETATM 1451 O  O   . HOH F 3 .   ? 12.379  -6.849  13.825  1.00 50.47 ? 338 HOH A O   1 
HETATM 1452 O  O   . HOH F 3 .   ? 3.132   -13.541 6.501   0.10 26.23 ? 339 HOH A O   1 
# 
